data_1S0D
#
_entry.id   1S0D
#
_cell.length_a   77.540
_cell.length_b   123.030
_cell.length_c   95.920
_cell.angle_alpha   90.00
_cell.angle_beta   113.45
_cell.angle_gamma   90.00
#
_symmetry.space_group_name_H-M   'P 1 21 1'
#
loop_
_entity.id
_entity.type
_entity.pdbx_description
1 polymer 'Botulinum neurotoxin type B'
2 non-polymer 'ZINC ION'
3 non-polymer 'CALCIUM ION'
4 water water
#
_entity_poly.entity_id   1
_entity_poly.type   'polypeptide(L)'
_entity_poly.pdbx_seq_one_letter_code
;PVTINNFNYNDPIDNNNIIMMEPPFARGTGRYYKAFKITDRIWIIPERYTFGYKPEDFNKSSGIFNRDVCEYYDPDYLNT
NDKKNIFLQTMIKLFNRIKSKPLGEKLLEMIINGIPYLGDRRVPLEEFNTNIASVTVNKLISNPGEVERKKGIFANLIIF
GPGPVLNENETIDIGIQNHFASREGFGGIMQMKFCPEYVSVFNNVQENKGASIFNRRGYFSDPALILMHELIHVLHGLYG
IKVDDLPIVPNEKKFFMQSTDAIQAEELYTFGGQDPSIITPSTDKSIYDKVLQNFRGIVDRLNKVLVCISDPNININIYK
NKFKDKYKFVEDSEGKYSIDVESFDKLYKSLMFGFTETNIAENYKIKTRASYFSDSLPPVKIKNLLDNEIYTIEEGFNIS
DKDMEKEYRGQNKAINKQAYEEISKEHLAVYKIQMCKSVKAPGICIDVDNEDLFFIADKNSFSDDLSKNERIEYNTQSNY
IENDFPINELILDTDLISKIELPSENTESLTDFNVDVPVYEKQPAIKKIFTDENTIFQYLYSQTFPLDIRDISLTSSFDD
ALLFSNKVYSFFSMDYIKTANKVVEAGLFAGWVKQIVNDFVIEANKSNTMDKIADISLIVPYIGLALNVGNETAKGNFEN
AFEIAGASILLEFIPELLIPVVGAFLLESYIDNKNKIIKTIDNALTKRNEKWSDMYGLIVAQWLSTVNTQFYTIKEGMYK
ALNYQAQALEEIIKYRYNIYSEKEKSNINIDFNDINSKLNEGINQAIDNINNFINGCSVSYLMKKMIPLAVEKLLDFDNT
LKKNLLNYIDENKLYLIGSAEYEKSKVNKYLKTIMPFDLSIYTNDTILIEMFNKYNSEILNNIILNLRYKDNNLIDLSGY
GAKVEVYDGVELNDKNQFKLTSSANSKIRVTQNQNIIFNSVFLDFSVSFWIRIPKYKNDGIQNYIHNEYTIINCMKNNSG
WKISIRGNRIIWTLIDINGKTKSVFFEYNIREDISEYINRWFFVTITNNLNNAKIYINGKLESNTDIKDIREVIANGEII
FKLDGDIDRTQFIWMKYFSIFNTELSQSNIEERYKIQSYSEYLKDFWGNPLMYNKEYYMFNAGNKNSYIKLKKDSPVGEI
LTRSKYNQNSKYINYRDLYIGEKFIIRRKSNSQSINDDIVRKEDYIYLDFFNLNQEWRVYTYKYFKKEEEKLFLAPISDS
DEFYNTIQIKEYDEQPTYSCQLLFKKDEESTDEIGLIGIHRFYESGIVFEEYKDYFCISKWYLKEVKRKPYNLKLGCNWQ
FIPKDEGWTE
;
_entity_poly.pdbx_strand_id   A
#
loop_
_chem_comp.id
_chem_comp.type
_chem_comp.name
_chem_comp.formula
CA non-polymer 'CALCIUM ION' 'Ca 2'
ZN non-polymer 'ZINC ION' 'Zn 2'
#
# COMPACT_ATOMS: atom_id res chain seq x y z
N PRO A 1 -8.05 -43.69 -11.67
CA PRO A 1 -7.74 -42.90 -12.88
C PRO A 1 -9.05 -42.49 -13.54
N VAL A 2 -9.06 -41.37 -14.24
CA VAL A 2 -10.28 -40.92 -14.90
C VAL A 2 -10.25 -41.21 -16.41
N THR A 3 -11.33 -41.79 -16.91
CA THR A 3 -11.41 -42.12 -18.33
C THR A 3 -12.23 -41.12 -19.16
N ILE A 4 -11.57 -40.50 -20.13
CA ILE A 4 -12.23 -39.53 -21.00
C ILE A 4 -12.72 -40.22 -22.27
N ASN A 5 -14.04 -40.32 -22.46
CA ASN A 5 -14.58 -40.99 -23.63
C ASN A 5 -14.32 -40.22 -24.91
N ASN A 6 -14.43 -40.92 -26.04
CA ASN A 6 -14.20 -40.33 -27.36
C ASN A 6 -15.37 -40.61 -28.29
N PHE A 7 -15.69 -39.63 -29.13
CA PHE A 7 -16.78 -39.77 -30.07
C PHE A 7 -16.87 -38.57 -31.00
N ASN A 8 -17.63 -38.73 -32.08
CA ASN A 8 -17.85 -37.66 -33.04
C ASN A 8 -19.30 -37.29 -32.93
N TYR A 9 -19.60 -36.03 -33.22
CA TYR A 9 -20.96 -35.54 -33.12
C TYR A 9 -21.94 -36.40 -33.92
N ASN A 10 -21.46 -37.04 -34.99
CA ASN A 10 -22.35 -37.85 -35.81
C ASN A 10 -22.49 -39.29 -35.42
N ASP A 11 -21.71 -39.74 -34.43
CA ASP A 11 -21.84 -41.11 -33.99
C ASP A 11 -23.33 -41.28 -33.67
N PRO A 12 -23.86 -42.50 -33.84
CA PRO A 12 -25.27 -42.73 -33.55
C PRO A 12 -25.65 -42.88 -32.09
N ILE A 13 -26.89 -42.53 -31.79
CA ILE A 13 -27.44 -42.64 -30.45
C ILE A 13 -27.47 -44.11 -30.08
N ASP A 14 -27.15 -44.42 -28.83
CA ASP A 14 -27.17 -45.80 -28.36
C ASP A 14 -27.88 -45.90 -27.02
N ASN A 15 -28.46 -44.78 -26.60
CA ASN A 15 -29.17 -44.69 -25.33
C ASN A 15 -28.31 -45.03 -24.10
N ASN A 16 -27.00 -45.02 -24.26
CA ASN A 16 -26.12 -45.34 -23.14
C ASN A 16 -25.06 -44.26 -22.94
N ASN A 17 -24.14 -44.12 -23.88
CA ASN A 17 -23.11 -43.10 -23.76
C ASN A 17 -23.37 -41.95 -24.74
N ILE A 18 -24.40 -42.12 -25.55
CA ILE A 18 -24.80 -41.10 -26.50
C ILE A 18 -26.30 -41.23 -26.51
N ILE A 19 -26.96 -40.18 -26.02
CA ILE A 19 -28.41 -40.19 -25.88
C ILE A 19 -29.09 -38.91 -26.34
N MET A 20 -30.42 -38.92 -26.26
CA MET A 20 -31.25 -37.77 -26.58
C MET A 20 -31.78 -37.38 -25.19
N MET A 21 -31.15 -36.39 -24.58
CA MET A 21 -31.54 -35.97 -23.24
C MET A 21 -32.63 -34.91 -23.19
N GLU A 22 -33.37 -34.90 -22.09
CA GLU A 22 -34.42 -33.90 -21.84
C GLU A 22 -33.79 -33.10 -20.69
N PRO A 23 -33.18 -31.95 -21.01
CA PRO A 23 -32.55 -31.09 -20.01
C PRO A 23 -33.52 -30.66 -18.92
N PRO A 24 -33.04 -30.54 -17.67
CA PRO A 24 -33.82 -30.16 -16.49
C PRO A 24 -34.73 -28.93 -16.67
N PHE A 25 -34.22 -27.86 -17.29
CA PHE A 25 -35.02 -26.66 -17.47
C PHE A 25 -36.06 -26.69 -18.58
N ALA A 26 -36.13 -27.80 -19.29
CA ALA A 26 -37.13 -27.95 -20.34
C ALA A 26 -38.47 -28.32 -19.70
N ARG A 27 -38.46 -28.50 -18.38
CA ARG A 27 -39.67 -28.85 -17.62
C ARG A 27 -40.40 -30.08 -18.15
N GLY A 28 -39.70 -30.96 -18.85
CA GLY A 28 -40.34 -32.15 -19.37
C GLY A 28 -41.16 -31.94 -20.64
N THR A 29 -40.95 -30.82 -21.31
CA THR A 29 -41.67 -30.52 -22.55
C THR A 29 -40.57 -30.16 -23.56
N GLY A 30 -40.95 -29.52 -24.66
CA GLY A 30 -39.96 -29.15 -25.66
C GLY A 30 -39.21 -30.32 -26.25
N ARG A 31 -38.15 -30.05 -27.02
CA ARG A 31 -37.38 -31.11 -27.65
C ARG A 31 -36.22 -31.62 -26.81
N TYR A 32 -35.59 -32.68 -27.30
CA TYR A 32 -34.46 -33.31 -26.66
C TYR A 32 -33.14 -32.85 -27.29
N TYR A 33 -32.02 -33.16 -26.65
CA TYR A 33 -30.70 -32.76 -27.16
C TYR A 33 -29.73 -33.94 -27.24
N LYS A 34 -29.04 -34.08 -28.36
CA LYS A 34 -28.09 -35.18 -28.48
C LYS A 34 -27.02 -34.88 -27.44
N ALA A 35 -26.90 -35.76 -26.45
CA ALA A 35 -25.92 -35.58 -25.36
C ALA A 35 -24.85 -36.65 -25.38
N PHE A 36 -23.62 -36.24 -25.08
CA PHE A 36 -22.49 -37.17 -25.08
C PHE A 36 -21.86 -37.32 -23.70
N LYS A 37 -21.69 -38.57 -23.27
CA LYS A 37 -21.10 -38.86 -21.97
C LYS A 37 -19.58 -38.82 -22.06
N ILE A 38 -18.99 -37.71 -21.62
CA ILE A 38 -17.55 -37.56 -21.71
C ILE A 38 -16.83 -38.36 -20.61
N THR A 39 -17.52 -38.61 -19.50
CA THR A 39 -17.02 -39.43 -18.40
C THR A 39 -18.26 -39.80 -17.64
N ASP A 40 -18.12 -40.63 -16.61
CA ASP A 40 -19.27 -41.00 -15.82
C ASP A 40 -19.90 -39.78 -15.17
N ARG A 41 -21.22 -39.76 -15.18
CA ARG A 41 -22.00 -38.69 -14.58
C ARG A 41 -21.80 -37.31 -15.21
N ILE A 42 -21.01 -37.23 -16.27
CA ILE A 42 -20.78 -35.95 -16.92
C ILE A 42 -21.16 -35.96 -18.40
N TRP A 43 -22.08 -35.08 -18.76
CA TRP A 43 -22.57 -34.97 -20.12
C TRP A 43 -22.26 -33.67 -20.85
N ILE A 44 -22.00 -33.78 -22.15
CA ILE A 44 -21.70 -32.61 -22.95
C ILE A 44 -22.79 -32.46 -24.00
N ILE A 45 -23.39 -31.28 -24.06
CA ILE A 45 -24.41 -31.00 -25.05
C ILE A 45 -23.92 -29.81 -25.87
N PRO A 46 -23.29 -30.08 -27.02
CA PRO A 46 -22.75 -29.06 -27.91
C PRO A 46 -23.76 -28.13 -28.58
N GLU A 47 -24.58 -27.48 -27.78
CA GLU A 47 -25.55 -26.56 -28.32
C GLU A 47 -25.67 -25.33 -27.44
N ARG A 48 -26.18 -24.25 -28.01
CA ARG A 48 -26.31 -23.01 -27.26
C ARG A 48 -27.25 -23.19 -26.09
N TYR A 49 -26.97 -22.47 -25.01
CA TYR A 49 -27.78 -22.49 -23.81
C TYR A 49 -28.86 -21.45 -24.02
N THR A 50 -30.11 -21.89 -24.16
CA THR A 50 -31.20 -20.97 -24.42
C THR A 50 -32.16 -20.72 -23.27
N PHE A 51 -32.20 -21.64 -22.32
CA PHE A 51 -33.11 -21.54 -21.19
C PHE A 51 -33.10 -20.20 -20.47
N GLY A 52 -34.21 -19.47 -20.61
CA GLY A 52 -34.33 -18.18 -19.94
C GLY A 52 -33.90 -16.98 -20.77
N TYR A 53 -33.56 -17.21 -22.04
CA TYR A 53 -33.12 -16.13 -22.91
C TYR A 53 -34.02 -16.01 -24.13
N LYS A 54 -34.26 -14.80 -24.59
CA LYS A 54 -35.07 -14.60 -25.78
C LYS A 54 -34.14 -14.90 -26.94
N PRO A 55 -34.70 -15.41 -28.06
CA PRO A 55 -33.87 -15.71 -29.22
C PRO A 55 -33.13 -14.49 -29.78
N GLU A 56 -33.78 -13.33 -29.78
CA GLU A 56 -33.13 -12.13 -30.30
C GLU A 56 -32.01 -11.67 -29.37
N ASP A 57 -32.10 -12.04 -28.10
CA ASP A 57 -31.07 -11.66 -27.14
C ASP A 57 -29.70 -12.13 -27.60
N PHE A 58 -29.67 -13.15 -28.46
CA PHE A 58 -28.42 -13.67 -28.96
C PHE A 58 -27.68 -12.74 -29.90
N ASN A 59 -28.33 -11.64 -30.29
CA ASN A 59 -27.69 -10.65 -31.15
C ASN A 59 -27.22 -9.48 -30.28
N LYS A 60 -26.15 -8.81 -30.70
CA LYS A 60 -25.69 -7.67 -29.93
C LYS A 60 -26.75 -6.59 -30.07
N SER A 61 -27.13 -5.96 -28.96
CA SER A 61 -28.12 -4.91 -28.99
C SER A 61 -27.61 -3.71 -28.21
N SER A 62 -28.50 -2.78 -27.91
CA SER A 62 -28.16 -1.58 -27.17
C SER A 62 -28.10 -1.89 -25.69
N GLY A 63 -28.38 -3.14 -25.35
CA GLY A 63 -28.37 -3.55 -23.96
C GLY A 63 -27.24 -4.49 -23.60
N ILE A 64 -27.17 -4.86 -22.33
CA ILE A 64 -26.16 -5.79 -21.85
C ILE A 64 -26.76 -6.63 -20.74
N PHE A 65 -26.26 -7.86 -20.59
CA PHE A 65 -26.76 -8.73 -19.54
C PHE A 65 -26.01 -8.43 -18.24
N ASN A 66 -24.69 -8.31 -18.32
CA ASN A 66 -23.88 -8.04 -17.12
C ASN A 66 -23.11 -6.72 -17.24
N ARG A 67 -23.20 -5.90 -16.20
CA ARG A 67 -22.55 -4.60 -16.18
C ARG A 67 -21.02 -4.59 -16.14
N ASP A 68 -20.40 -5.71 -15.82
CA ASP A 68 -18.94 -5.74 -15.73
C ASP A 68 -18.24 -6.66 -16.68
N VAL A 69 -18.84 -6.87 -17.85
CA VAL A 69 -18.25 -7.75 -18.83
C VAL A 69 -18.27 -7.15 -20.24
N CYS A 70 -17.13 -7.16 -20.92
CA CYS A 70 -17.08 -6.69 -22.30
C CYS A 70 -17.73 -7.88 -23.01
N GLU A 71 -19.05 -7.87 -23.10
CA GLU A 71 -19.80 -8.97 -23.71
C GLU A 71 -19.70 -9.09 -25.23
N TYR A 72 -19.37 -10.29 -25.69
CA TYR A 72 -19.25 -10.56 -27.12
C TYR A 72 -20.41 -11.43 -27.60
N TYR A 73 -21.06 -10.99 -28.68
CA TYR A 73 -22.21 -11.72 -29.23
C TYR A 73 -21.97 -12.34 -30.60
N ASP A 74 -22.58 -13.50 -30.81
CA ASP A 74 -22.49 -14.24 -32.07
C ASP A 74 -23.52 -15.36 -32.09
N PRO A 75 -24.69 -15.09 -32.66
CA PRO A 75 -25.77 -16.09 -32.74
C PRO A 75 -25.46 -17.29 -33.62
N ASP A 76 -24.38 -17.21 -34.41
CA ASP A 76 -24.03 -18.29 -35.32
C ASP A 76 -23.11 -19.34 -34.70
N TYR A 77 -22.61 -19.06 -33.50
CA TYR A 77 -21.74 -20.00 -32.84
C TYR A 77 -22.51 -21.31 -32.64
N LEU A 78 -21.91 -22.41 -33.08
CA LEU A 78 -22.52 -23.73 -32.96
C LEU A 78 -23.78 -23.93 -33.79
N ASN A 79 -23.89 -23.22 -34.92
CA ASN A 79 -25.10 -23.38 -35.73
C ASN A 79 -25.01 -24.48 -36.79
N THR A 80 -24.00 -25.34 -36.67
CA THR A 80 -23.84 -26.45 -37.60
C THR A 80 -23.24 -27.65 -36.90
N ASN A 81 -23.38 -28.81 -37.54
CA ASN A 81 -22.87 -30.07 -37.04
C ASN A 81 -21.35 -30.06 -36.90
N ASP A 82 -20.66 -29.59 -37.93
CA ASP A 82 -19.22 -29.55 -37.87
C ASP A 82 -18.78 -28.69 -36.70
N LYS A 83 -19.53 -27.62 -36.43
CA LYS A 83 -19.19 -26.74 -35.32
C LYS A 83 -19.45 -27.47 -34.01
N LYS A 84 -20.57 -28.20 -33.98
CA LYS A 84 -20.91 -28.94 -32.78
C LYS A 84 -19.82 -29.98 -32.52
N ASN A 85 -19.34 -30.62 -33.58
CA ASN A 85 -18.30 -31.64 -33.43
C ASN A 85 -16.99 -31.02 -32.97
N ILE A 86 -16.65 -29.85 -33.51
CA ILE A 86 -15.43 -29.17 -33.10
C ILE A 86 -15.53 -28.91 -31.59
N PHE A 87 -16.69 -28.42 -31.17
CA PHE A 87 -16.93 -28.14 -29.76
C PHE A 87 -16.66 -29.41 -28.94
N LEU A 88 -17.16 -30.56 -29.39
CA LEU A 88 -16.94 -31.84 -28.69
C LEU A 88 -15.47 -32.17 -28.58
N GLN A 89 -14.76 -32.18 -29.71
CA GLN A 89 -13.35 -32.50 -29.73
C GLN A 89 -12.55 -31.56 -28.83
N THR A 90 -12.99 -30.30 -28.78
CA THR A 90 -12.28 -29.32 -27.96
C THR A 90 -12.49 -29.62 -26.47
N MET A 91 -13.72 -29.97 -26.10
CA MET A 91 -13.99 -30.31 -24.72
C MET A 91 -13.16 -31.53 -24.31
N ILE A 92 -13.10 -32.52 -25.20
CA ILE A 92 -12.33 -33.73 -24.93
C ILE A 92 -10.85 -33.39 -24.66
N LYS A 93 -10.30 -32.46 -25.43
CA LYS A 93 -8.91 -32.08 -25.21
C LYS A 93 -8.74 -31.37 -23.86
N LEU A 94 -9.67 -30.49 -23.51
CA LEU A 94 -9.59 -29.78 -22.23
C LEU A 94 -9.66 -30.73 -21.04
N PHE A 95 -10.60 -31.66 -21.09
CA PHE A 95 -10.70 -32.62 -20.01
C PHE A 95 -9.40 -33.40 -19.96
N ASN A 96 -8.82 -33.70 -21.13
CA ASN A 96 -7.56 -34.40 -21.14
C ASN A 96 -6.46 -33.54 -20.52
N ARG A 97 -6.45 -32.24 -20.84
CA ARG A 97 -5.43 -31.37 -20.26
C ARG A 97 -5.58 -31.35 -18.75
N ILE A 98 -6.83 -31.39 -18.30
CA ILE A 98 -7.15 -31.36 -16.88
C ILE A 98 -6.63 -32.55 -16.09
N LYS A 99 -6.92 -33.76 -16.57
CA LYS A 99 -6.46 -34.94 -15.82
C LYS A 99 -4.98 -35.20 -16.07
N SER A 100 -4.36 -34.40 -16.93
CA SER A 100 -2.95 -34.55 -17.24
C SER A 100 -2.09 -34.41 -15.99
N LYS A 101 -2.66 -33.81 -14.94
CA LYS A 101 -1.96 -33.66 -13.67
C LYS A 101 -2.78 -34.22 -12.53
N PRO A 102 -2.11 -34.76 -11.49
CA PRO A 102 -2.80 -35.32 -10.33
C PRO A 102 -3.89 -34.41 -9.79
N LEU A 103 -3.53 -33.15 -9.52
CA LEU A 103 -4.48 -32.18 -8.98
C LEU A 103 -5.77 -32.10 -9.77
N GLY A 104 -5.65 -32.02 -11.10
CA GLY A 104 -6.82 -31.93 -11.94
C GLY A 104 -7.61 -33.23 -12.00
N GLU A 105 -6.88 -34.34 -12.09
CA GLU A 105 -7.53 -35.63 -12.13
C GLU A 105 -8.39 -35.82 -10.87
N LYS A 106 -7.86 -35.40 -9.72
CA LYS A 106 -8.61 -35.55 -8.47
C LYS A 106 -9.86 -34.71 -8.49
N LEU A 107 -9.75 -33.48 -9.00
CA LEU A 107 -10.92 -32.60 -9.07
C LEU A 107 -11.99 -33.35 -9.86
N LEU A 108 -11.59 -33.93 -10.99
CA LEU A 108 -12.52 -34.69 -11.81
C LEU A 108 -13.05 -35.88 -11.01
N GLU A 109 -12.18 -36.63 -10.35
CA GLU A 109 -12.62 -37.80 -9.56
C GLU A 109 -13.58 -37.41 -8.45
N MET A 110 -13.27 -36.34 -7.73
CA MET A 110 -14.15 -35.87 -6.67
C MET A 110 -15.52 -35.57 -7.26
N ILE A 111 -15.53 -34.90 -8.41
CA ILE A 111 -16.78 -34.52 -9.06
C ILE A 111 -17.61 -35.70 -9.55
N ILE A 112 -16.95 -36.68 -10.18
CA ILE A 112 -17.65 -37.86 -10.67
C ILE A 112 -18.30 -38.63 -9.53
N ASN A 113 -17.58 -38.77 -8.41
CA ASN A 113 -18.11 -39.51 -7.28
C ASN A 113 -19.03 -38.72 -6.35
N GLY A 114 -19.09 -37.42 -6.54
CA GLY A 114 -19.94 -36.59 -5.70
C GLY A 114 -21.39 -36.60 -6.13
N ILE A 115 -21.95 -37.79 -6.29
CA ILE A 115 -23.33 -37.95 -6.71
C ILE A 115 -24.31 -37.29 -5.74
N PRO A 116 -25.31 -36.59 -6.28
CA PRO A 116 -26.30 -35.90 -5.44
C PRO A 116 -27.07 -36.88 -4.54
N TYR A 117 -27.42 -36.45 -3.34
CA TYR A 117 -28.19 -37.31 -2.46
C TYR A 117 -29.50 -37.55 -3.20
N LEU A 118 -30.14 -38.68 -2.93
CA LEU A 118 -31.41 -38.97 -3.59
C LEU A 118 -32.57 -38.32 -2.84
N GLY A 119 -32.77 -37.03 -3.10
CA GLY A 119 -33.84 -36.30 -2.46
C GLY A 119 -33.41 -34.89 -2.08
N ASP A 120 -34.29 -34.17 -1.39
CA ASP A 120 -33.97 -32.82 -0.96
C ASP A 120 -34.68 -32.48 0.35
N ARG A 121 -34.82 -31.19 0.66
CA ARG A 121 -35.45 -30.81 1.92
C ARG A 121 -36.87 -31.33 2.12
N ARG A 122 -37.65 -31.39 1.05
CA ARG A 122 -39.03 -31.85 1.11
C ARG A 122 -39.18 -33.35 1.37
N VAL A 123 -38.17 -34.13 1.03
CA VAL A 123 -38.23 -35.58 1.20
C VAL A 123 -38.14 -36.06 2.65
N PRO A 124 -38.98 -37.04 3.01
CA PRO A 124 -38.99 -37.59 4.38
C PRO A 124 -37.65 -38.22 4.72
N LEU A 125 -37.20 -38.07 5.96
CA LEU A 125 -35.91 -38.61 6.37
C LEU A 125 -35.77 -40.11 6.14
N GLU A 126 -36.87 -40.85 6.23
CA GLU A 126 -36.79 -42.30 6.05
C GLU A 126 -36.76 -42.72 4.59
N GLU A 127 -36.79 -41.77 3.65
CA GLU A 127 -36.80 -42.12 2.24
C GLU A 127 -35.75 -41.51 1.32
N PHE A 128 -35.53 -42.19 0.20
CA PHE A 128 -34.64 -41.78 -0.88
C PHE A 128 -35.67 -41.48 -1.97
N ASN A 129 -35.64 -40.28 -2.53
CA ASN A 129 -36.61 -39.97 -3.58
C ASN A 129 -35.87 -39.50 -4.83
N THR A 130 -35.90 -40.31 -5.88
CA THR A 130 -35.22 -39.99 -7.11
C THR A 130 -36.08 -39.20 -8.07
N ASN A 131 -37.37 -39.10 -7.77
CA ASN A 131 -38.29 -38.40 -8.66
C ASN A 131 -38.38 -36.90 -8.53
N ILE A 132 -37.22 -36.25 -8.51
CA ILE A 132 -37.14 -34.79 -8.44
C ILE A 132 -36.13 -34.33 -9.51
N ALA A 133 -36.35 -33.14 -10.06
CA ALA A 133 -35.50 -32.60 -11.14
C ALA A 133 -34.03 -32.33 -10.80
N SER A 134 -33.64 -32.52 -9.56
CA SER A 134 -32.25 -32.29 -9.17
C SER A 134 -31.50 -33.62 -9.07
N VAL A 135 -32.22 -34.71 -9.31
CA VAL A 135 -31.63 -36.03 -9.21
C VAL A 135 -31.68 -36.80 -10.51
N THR A 136 -32.83 -36.81 -11.15
CA THR A 136 -32.99 -37.54 -12.38
C THR A 136 -33.29 -36.63 -13.57
N VAL A 137 -32.73 -37.00 -14.71
CA VAL A 137 -32.91 -36.32 -15.98
C VAL A 137 -33.27 -37.46 -16.95
N ASN A 138 -34.17 -37.22 -17.89
CA ASN A 138 -34.57 -38.29 -18.80
C ASN A 138 -33.87 -38.33 -20.15
N LYS A 139 -33.89 -39.52 -20.75
CA LYS A 139 -33.32 -39.74 -22.07
C LYS A 139 -34.42 -40.44 -22.85
N LEU A 140 -34.59 -40.04 -24.11
CA LEU A 140 -35.62 -40.64 -24.96
C LEU A 140 -35.10 -41.88 -25.69
N ILE A 141 -35.67 -43.03 -25.36
CA ILE A 141 -35.26 -44.29 -26.00
C ILE A 141 -35.97 -44.45 -27.33
N SER A 142 -37.21 -43.97 -27.37
CA SER A 142 -38.05 -44.04 -28.55
C SER A 142 -37.36 -43.76 -29.89
N ASN A 143 -38.04 -44.13 -30.98
CA ASN A 143 -37.55 -43.92 -32.34
C ASN A 143 -37.92 -42.50 -32.73
N PRO A 144 -37.08 -41.84 -33.55
CA PRO A 144 -37.40 -40.47 -33.97
C PRO A 144 -38.74 -40.47 -34.71
N GLY A 145 -39.80 -40.18 -33.96
CA GLY A 145 -41.13 -40.17 -34.54
C GLY A 145 -42.15 -40.09 -33.41
N GLU A 146 -41.67 -40.36 -32.20
CA GLU A 146 -42.51 -40.32 -31.01
C GLU A 146 -41.65 -40.30 -29.75
N VAL A 147 -42.21 -39.76 -28.67
CA VAL A 147 -41.51 -39.70 -27.39
C VAL A 147 -42.09 -40.86 -26.60
N GLU A 148 -42.47 -41.91 -27.32
CA GLU A 148 -43.07 -43.10 -26.74
C GLU A 148 -42.32 -43.65 -25.52
N ARG A 149 -41.02 -43.90 -25.65
CA ARG A 149 -40.28 -44.46 -24.53
C ARG A 149 -39.16 -43.61 -23.93
N LYS A 150 -39.33 -43.19 -22.68
CA LYS A 150 -38.33 -42.39 -21.99
C LYS A 150 -37.81 -43.15 -20.77
N LYS A 151 -36.51 -43.04 -20.54
CA LYS A 151 -35.83 -43.71 -19.43
C LYS A 151 -35.10 -42.68 -18.56
N GLY A 152 -35.09 -42.91 -17.25
CA GLY A 152 -34.42 -41.98 -16.37
C GLY A 152 -33.00 -42.37 -16.00
N ILE A 153 -32.15 -41.37 -15.79
CA ILE A 153 -30.77 -41.63 -15.39
C ILE A 153 -30.31 -40.61 -14.37
N PHE A 154 -29.29 -40.98 -13.60
CA PHE A 154 -28.71 -40.09 -12.61
C PHE A 154 -27.57 -39.38 -13.35
N ALA A 155 -27.31 -38.13 -12.98
CA ALA A 155 -26.25 -37.35 -13.60
C ALA A 155 -25.72 -36.33 -12.61
N ASN A 156 -24.44 -35.98 -12.76
CA ASN A 156 -23.80 -35.00 -11.89
C ASN A 156 -23.59 -33.66 -12.58
N LEU A 157 -23.16 -33.70 -13.84
CA LEU A 157 -22.90 -32.49 -14.59
C LEU A 157 -23.28 -32.51 -16.06
N ILE A 158 -23.95 -31.45 -16.50
CA ILE A 158 -24.35 -31.30 -17.89
C ILE A 158 -23.75 -29.97 -18.39
N ILE A 159 -22.93 -30.05 -19.43
CA ILE A 159 -22.27 -28.88 -19.98
C ILE A 159 -22.80 -28.47 -21.35
N PHE A 160 -23.29 -27.24 -21.45
CA PHE A 160 -23.82 -26.74 -22.73
C PHE A 160 -22.82 -25.76 -23.31
N GLY A 161 -23.15 -25.27 -24.50
CA GLY A 161 -22.33 -24.26 -25.14
C GLY A 161 -22.77 -22.95 -24.51
N PRO A 162 -22.21 -21.81 -24.90
CA PRO A 162 -22.58 -20.51 -24.32
C PRO A 162 -24.00 -20.00 -24.58
N GLY A 163 -24.44 -19.11 -23.69
CA GLY A 163 -25.72 -18.47 -23.85
C GLY A 163 -25.47 -17.30 -24.80
N PRO A 164 -26.33 -16.27 -24.80
CA PRO A 164 -26.12 -15.12 -25.70
C PRO A 164 -24.71 -14.53 -25.70
N VAL A 165 -24.12 -14.36 -24.52
CA VAL A 165 -22.76 -13.80 -24.42
C VAL A 165 -21.73 -14.93 -24.39
N LEU A 166 -21.01 -15.10 -25.49
CA LEU A 166 -20.01 -16.16 -25.57
C LEU A 166 -19.04 -16.24 -24.40
N ASN A 167 -18.44 -15.12 -24.01
CA ASN A 167 -17.45 -15.12 -22.94
C ASN A 167 -17.98 -15.07 -21.50
N GLU A 168 -19.27 -15.33 -21.31
CA GLU A 168 -19.83 -15.31 -19.96
C GLU A 168 -20.12 -16.72 -19.46
N ASN A 169 -19.07 -17.48 -19.18
CA ASN A 169 -19.20 -18.84 -18.69
C ASN A 169 -19.87 -18.82 -17.32
N GLU A 170 -20.67 -19.83 -17.02
CA GLU A 170 -21.35 -19.87 -15.74
C GLU A 170 -21.86 -21.23 -15.32
N THR A 171 -21.83 -21.48 -14.02
CA THR A 171 -22.30 -22.74 -13.48
C THR A 171 -23.62 -22.46 -12.77
N ILE A 172 -24.63 -23.24 -13.11
CA ILE A 172 -25.96 -23.06 -12.56
C ILE A 172 -26.43 -24.29 -11.80
N ASP A 173 -27.12 -24.08 -10.69
CA ASP A 173 -27.66 -25.20 -9.93
C ASP A 173 -29.18 -25.15 -10.00
N ILE A 174 -29.82 -26.25 -9.61
CA ILE A 174 -31.27 -26.38 -9.69
C ILE A 174 -32.08 -25.98 -8.47
N GLY A 175 -33.00 -25.05 -8.66
CA GLY A 175 -33.85 -24.60 -7.58
C GLY A 175 -35.24 -25.19 -7.77
N ILE A 176 -35.83 -25.67 -6.67
CA ILE A 176 -37.17 -26.25 -6.72
C ILE A 176 -37.95 -25.72 -5.51
N GLN A 177 -39.09 -25.11 -5.79
CA GLN A 177 -39.90 -24.54 -4.73
C GLN A 177 -39.07 -23.60 -3.90
N ASN A 178 -38.35 -22.72 -4.59
CA ASN A 178 -37.52 -21.69 -3.99
C ASN A 178 -36.34 -22.10 -3.12
N HIS A 179 -36.00 -23.38 -3.14
CA HIS A 179 -34.86 -23.85 -2.36
C HIS A 179 -33.85 -24.53 -3.28
N PHE A 180 -32.58 -24.53 -2.87
CA PHE A 180 -31.53 -25.15 -3.68
C PHE A 180 -30.84 -26.28 -2.94
N ALA A 181 -31.05 -27.50 -3.44
CA ALA A 181 -30.48 -28.69 -2.86
C ALA A 181 -28.95 -28.62 -2.83
N SER A 182 -28.38 -28.00 -3.86
CA SER A 182 -26.92 -27.86 -3.93
C SER A 182 -26.42 -26.86 -2.90
N ARG A 183 -27.35 -26.21 -2.19
CA ARG A 183 -26.98 -25.23 -1.18
C ARG A 183 -27.37 -25.71 0.21
N GLU A 184 -27.95 -26.89 0.31
CA GLU A 184 -28.38 -27.38 1.61
C GLU A 184 -27.85 -28.75 2.01
N GLY A 185 -26.71 -29.14 1.46
CA GLY A 185 -26.10 -30.42 1.80
C GLY A 185 -26.39 -31.64 0.92
N PHE A 186 -27.49 -31.62 0.18
CA PHE A 186 -27.82 -32.76 -0.65
C PHE A 186 -26.97 -32.82 -1.91
N GLY A 187 -26.89 -31.69 -2.59
CA GLY A 187 -26.16 -31.63 -3.84
C GLY A 187 -27.23 -31.84 -4.88
N GLY A 188 -26.94 -31.56 -6.13
CA GLY A 188 -27.94 -31.75 -7.18
C GLY A 188 -27.28 -31.62 -8.52
N ILE A 189 -27.97 -32.06 -9.57
CA ILE A 189 -27.44 -31.98 -10.92
C ILE A 189 -27.00 -30.56 -11.25
N MET A 190 -25.75 -30.41 -11.68
CA MET A 190 -25.19 -29.11 -12.02
C MET A 190 -25.12 -28.90 -13.55
N GLN A 191 -25.31 -27.65 -13.95
CA GLN A 191 -25.25 -27.30 -15.36
C GLN A 191 -24.23 -26.20 -15.60
N MET A 192 -23.73 -26.12 -16.83
CA MET A 192 -22.73 -25.09 -17.14
C MET A 192 -22.85 -24.59 -18.57
N LYS A 193 -22.70 -23.28 -18.75
CA LYS A 193 -22.71 -22.69 -20.08
C LYS A 193 -21.22 -22.38 -20.28
N PHE A 194 -20.63 -22.99 -21.30
CA PHE A 194 -19.19 -22.84 -21.53
C PHE A 194 -18.79 -22.58 -22.97
N CYS A 195 -17.77 -21.74 -23.16
CA CYS A 195 -17.24 -21.41 -24.48
C CYS A 195 -15.72 -21.45 -24.40
N PRO A 196 -15.08 -22.40 -25.07
CA PRO A 196 -13.62 -22.52 -25.02
C PRO A 196 -12.75 -21.56 -25.83
N GLU A 197 -13.19 -21.12 -27.01
CA GLU A 197 -12.36 -20.24 -27.84
C GLU A 197 -12.33 -18.76 -27.48
N TYR A 198 -13.41 -18.23 -26.92
CA TYR A 198 -13.41 -16.82 -26.58
C TYR A 198 -13.06 -16.65 -25.12
N VAL A 199 -11.77 -16.54 -24.87
CA VAL A 199 -11.25 -16.41 -23.53
C VAL A 199 -10.97 -14.98 -23.09
N SER A 200 -11.07 -14.80 -21.77
CA SER A 200 -10.84 -13.52 -21.12
C SER A 200 -9.40 -13.05 -21.21
N VAL A 201 -9.24 -11.74 -21.16
CA VAL A 201 -7.93 -11.11 -21.20
C VAL A 201 -7.75 -10.34 -19.92
N PHE A 202 -6.53 -10.38 -19.39
CA PHE A 202 -6.21 -9.67 -18.16
C PHE A 202 -4.76 -9.22 -18.23
N ASN A 203 -4.36 -8.33 -17.32
CA ASN A 203 -2.98 -7.85 -17.30
C ASN A 203 -2.66 -7.30 -15.92
N ASN A 204 -1.44 -7.56 -15.44
CA ASN A 204 -1.01 -7.08 -14.13
C ASN A 204 -0.36 -5.69 -14.22
N VAL A 205 -1.02 -4.69 -13.65
CA VAL A 205 -0.53 -3.30 -13.67
C VAL A 205 0.84 -3.12 -12.99
N GLN A 206 1.04 -3.80 -11.86
CA GLN A 206 2.29 -3.70 -11.13
C GLN A 206 3.43 -4.38 -11.88
N GLU A 207 3.08 -5.17 -12.90
CA GLU A 207 4.07 -5.88 -13.70
C GLU A 207 4.06 -5.36 -15.14
N ASN A 208 5.11 -5.69 -15.89
CA ASN A 208 5.21 -5.26 -17.29
C ASN A 208 4.90 -6.42 -18.23
N LYS A 209 3.77 -6.33 -18.92
CA LYS A 209 3.36 -7.38 -19.88
C LYS A 209 3.96 -7.03 -21.25
N GLY A 210 5.22 -7.40 -21.42
CA GLY A 210 5.98 -7.13 -22.65
C GLY A 210 6.60 -5.74 -22.50
N ALA A 211 6.14 -5.02 -21.48
CA ALA A 211 6.63 -3.68 -21.20
C ALA A 211 6.69 -2.83 -22.46
N SER A 212 5.55 -2.73 -23.16
CA SER A 212 5.46 -1.95 -24.40
C SER A 212 4.07 -1.35 -24.58
N ILE A 213 3.99 -0.03 -24.45
CA ILE A 213 2.73 0.70 -24.58
C ILE A 213 2.21 0.76 -26.01
N PHE A 214 3.13 0.80 -26.97
CA PHE A 214 2.75 0.88 -28.37
C PHE A 214 2.33 -0.48 -28.91
N ASN A 215 2.48 -1.50 -28.08
CA ASN A 215 2.11 -2.87 -28.44
C ASN A 215 0.91 -3.31 -27.60
N ARG A 216 0.38 -4.50 -27.92
CA ARG A 216 -0.75 -5.07 -27.20
C ARG A 216 -0.26 -5.52 -25.83
N ARG A 217 -0.89 -5.05 -24.77
CA ARG A 217 -0.45 -5.49 -23.45
C ARG A 217 -1.48 -6.44 -22.89
N GLY A 218 -1.02 -7.44 -22.13
CA GLY A 218 -1.95 -8.37 -21.54
C GLY A 218 -1.65 -9.84 -21.78
N TYR A 219 -2.45 -10.68 -21.13
CA TYR A 219 -2.33 -12.11 -21.21
C TYR A 219 -3.71 -12.72 -21.45
N PHE A 220 -3.78 -13.80 -22.22
CA PHE A 220 -5.06 -14.44 -22.45
C PHE A 220 -5.11 -15.73 -21.62
N SER A 221 -6.32 -16.16 -21.28
CA SER A 221 -6.50 -17.35 -20.44
C SER A 221 -6.42 -18.72 -21.10
N ASP A 222 -5.94 -19.68 -20.30
CA ASP A 222 -5.86 -21.06 -20.73
C ASP A 222 -7.30 -21.53 -20.48
N PRO A 223 -8.04 -21.83 -21.54
CA PRO A 223 -9.42 -22.28 -21.39
C PRO A 223 -9.61 -23.43 -20.40
N ALA A 224 -8.55 -24.20 -20.18
CA ALA A 224 -8.63 -25.32 -19.26
C ALA A 224 -8.75 -24.84 -17.81
N LEU A 225 -8.09 -23.73 -17.49
CA LEU A 225 -8.17 -23.17 -16.14
C LEU A 225 -9.56 -22.58 -16.00
N ILE A 226 -10.02 -21.91 -17.05
CA ILE A 226 -11.35 -21.31 -17.04
C ILE A 226 -12.36 -22.41 -16.71
N LEU A 227 -12.26 -23.53 -17.39
CA LEU A 227 -13.15 -24.65 -17.16
C LEU A 227 -12.96 -25.19 -15.75
N MET A 228 -11.72 -25.31 -15.30
CA MET A 228 -11.51 -25.82 -13.95
C MET A 228 -12.12 -24.88 -12.92
N HIS A 229 -12.16 -23.59 -13.25
CA HIS A 229 -12.76 -22.60 -12.36
C HIS A 229 -14.26 -22.93 -12.24
N GLU A 230 -14.91 -23.18 -13.37
CA GLU A 230 -16.33 -23.52 -13.33
C GLU A 230 -16.55 -24.87 -12.64
N LEU A 231 -15.62 -25.80 -12.84
CA LEU A 231 -15.74 -27.12 -12.24
C LEU A 231 -15.61 -27.07 -10.73
N ILE A 232 -15.02 -25.99 -10.22
CA ILE A 232 -14.88 -25.84 -8.77
C ILE A 232 -16.27 -25.52 -8.21
N HIS A 233 -17.01 -24.68 -8.93
CA HIS A 233 -18.36 -24.33 -8.53
C HIS A 233 -19.19 -25.61 -8.55
N VAL A 234 -18.99 -26.41 -9.58
CA VAL A 234 -19.70 -27.68 -9.75
C VAL A 234 -19.43 -28.59 -8.55
N LEU A 235 -18.16 -28.69 -8.18
CA LEU A 235 -17.79 -29.52 -7.03
C LEU A 235 -18.54 -29.04 -5.79
N HIS A 236 -18.57 -27.73 -5.55
CA HIS A 236 -19.28 -27.17 -4.40
C HIS A 236 -20.77 -27.50 -4.49
N GLY A 237 -21.32 -27.33 -5.68
CA GLY A 237 -22.73 -27.61 -5.87
C GLY A 237 -23.08 -29.06 -5.61
N LEU A 238 -22.24 -29.98 -6.10
CA LEU A 238 -22.50 -31.40 -5.92
C LEU A 238 -22.47 -31.83 -4.45
N TYR A 239 -21.55 -31.27 -3.68
CA TYR A 239 -21.46 -31.61 -2.28
C TYR A 239 -22.44 -30.84 -1.40
N GLY A 240 -23.27 -30.02 -2.03
CA GLY A 240 -24.28 -29.24 -1.31
C GLY A 240 -23.73 -28.18 -0.36
N ILE A 241 -22.55 -27.66 -0.64
CA ILE A 241 -21.95 -26.66 0.22
C ILE A 241 -21.89 -25.27 -0.43
N LYS A 242 -22.59 -25.10 -1.53
CA LYS A 242 -22.61 -23.83 -2.23
C LYS A 242 -23.59 -22.89 -1.54
N VAL A 243 -23.51 -22.84 -0.21
CA VAL A 243 -24.44 -22.02 0.58
C VAL A 243 -24.28 -20.51 0.41
N ASP A 244 -25.36 -19.80 0.74
CA ASP A 244 -25.37 -18.35 0.67
C ASP A 244 -25.14 -17.82 2.06
N ASP A 245 -24.61 -16.60 2.13
CA ASP A 245 -24.35 -15.96 3.41
C ASP A 245 -24.22 -14.46 3.13
N LEU A 246 -23.79 -13.70 4.13
CA LEU A 246 -23.64 -12.25 3.95
C LEU A 246 -22.75 -12.00 2.76
N PRO A 247 -23.26 -11.26 1.75
CA PRO A 247 -22.46 -11.00 0.56
C PRO A 247 -21.71 -9.66 0.55
N ILE A 248 -20.68 -9.60 -0.28
CA ILE A 248 -19.92 -8.37 -0.47
C ILE A 248 -20.79 -7.60 -1.46
N VAL A 249 -21.26 -6.43 -1.05
CA VAL A 249 -22.12 -5.62 -1.91
C VAL A 249 -21.54 -4.24 -2.08
N PRO A 250 -21.42 -3.78 -3.33
CA PRO A 250 -20.87 -2.45 -3.62
C PRO A 250 -21.74 -1.29 -3.22
N ASN A 251 -21.10 -0.25 -2.69
CA ASN A 251 -21.80 0.97 -2.31
C ASN A 251 -22.06 1.60 -3.66
N GLU A 252 -23.21 2.22 -3.84
CA GLU A 252 -23.52 2.85 -5.12
C GLU A 252 -24.20 4.19 -4.91
N LYS A 253 -23.96 4.79 -3.75
CA LYS A 253 -24.57 6.06 -3.42
C LYS A 253 -23.88 7.22 -4.14
N LYS A 254 -22.67 6.98 -4.65
CA LYS A 254 -21.93 8.02 -5.36
C LYS A 254 -21.76 7.63 -6.83
N PHE A 255 -21.72 8.64 -7.69
CA PHE A 255 -21.58 8.42 -9.13
C PHE A 255 -20.26 7.76 -9.50
N PHE A 256 -19.21 8.04 -8.73
CA PHE A 256 -17.91 7.46 -9.04
C PHE A 256 -17.77 6.02 -8.58
N MET A 257 -18.78 5.50 -7.89
CA MET A 257 -18.71 4.12 -7.42
C MET A 257 -19.11 3.11 -8.48
N GLN A 258 -18.45 1.96 -8.48
CA GLN A 258 -18.74 0.93 -9.47
C GLN A 258 -19.97 0.14 -9.05
N SER A 259 -20.83 -0.15 -10.03
CA SER A 259 -22.05 -0.92 -9.79
C SER A 259 -21.84 -2.34 -10.30
N THR A 260 -22.07 -3.32 -9.45
CA THR A 260 -21.90 -4.71 -9.82
C THR A 260 -22.78 -5.58 -8.94
N ASP A 261 -23.01 -6.82 -9.36
CA ASP A 261 -23.85 -7.73 -8.60
C ASP A 261 -23.21 -8.11 -7.28
N ALA A 262 -24.03 -8.48 -6.31
CA ALA A 262 -23.54 -8.88 -4.99
C ALA A 262 -22.61 -10.08 -5.20
N ILE A 263 -21.56 -10.18 -4.39
CA ILE A 263 -20.62 -11.28 -4.54
C ILE A 263 -20.60 -12.20 -3.34
N GLN A 264 -21.01 -13.44 -3.55
CA GLN A 264 -21.04 -14.44 -2.49
C GLN A 264 -19.66 -14.97 -2.14
N ALA A 265 -19.47 -15.27 -0.86
CA ALA A 265 -18.20 -15.79 -0.35
C ALA A 265 -17.68 -17.00 -1.12
N GLU A 266 -18.60 -17.82 -1.62
CA GLU A 266 -18.25 -19.02 -2.37
C GLU A 266 -17.50 -18.63 -3.63
N GLU A 267 -17.93 -17.54 -4.25
CA GLU A 267 -17.30 -17.03 -5.46
C GLU A 267 -15.83 -16.71 -5.13
N LEU A 268 -15.59 -15.96 -4.05
CA LEU A 268 -14.22 -15.59 -3.69
C LEU A 268 -13.38 -16.79 -3.26
N TYR A 269 -14.02 -17.78 -2.64
CA TYR A 269 -13.27 -18.97 -2.21
C TYR A 269 -12.79 -19.70 -3.45
N THR A 270 -13.68 -19.79 -4.45
CA THR A 270 -13.35 -20.46 -5.71
C THR A 270 -12.09 -19.86 -6.33
N PHE A 271 -12.04 -18.53 -6.40
CA PHE A 271 -10.87 -17.88 -6.98
C PHE A 271 -9.65 -18.10 -6.10
N GLY A 272 -9.82 -17.88 -4.80
CA GLY A 272 -8.71 -18.08 -3.88
C GLY A 272 -7.77 -16.89 -3.88
N GLY A 273 -6.50 -17.14 -3.61
CA GLY A 273 -5.53 -16.07 -3.56
C GLY A 273 -5.91 -15.11 -2.45
N GLN A 274 -5.87 -13.82 -2.73
CA GLN A 274 -6.19 -12.80 -1.74
C GLN A 274 -7.68 -12.67 -1.47
N ASP A 275 -8.51 -12.93 -2.48
CA ASP A 275 -9.96 -12.80 -2.36
C ASP A 275 -10.60 -13.36 -1.10
N PRO A 276 -10.19 -14.56 -0.64
CA PRO A 276 -10.81 -15.10 0.58
C PRO A 276 -10.68 -14.13 1.77
N SER A 277 -9.65 -13.29 1.76
CA SER A 277 -9.42 -12.33 2.84
C SER A 277 -10.47 -11.23 2.91
N ILE A 278 -11.24 -11.08 1.84
CA ILE A 278 -12.30 -10.07 1.84
C ILE A 278 -13.52 -10.63 2.57
N ILE A 279 -13.49 -11.94 2.85
CA ILE A 279 -14.56 -12.58 3.58
C ILE A 279 -14.03 -12.63 5.00
N THR A 280 -14.64 -11.85 5.89
CA THR A 280 -14.18 -11.80 7.26
C THR A 280 -14.20 -13.15 7.94
N PRO A 281 -13.33 -13.32 8.95
CA PRO A 281 -13.29 -14.59 9.66
C PRO A 281 -14.70 -14.84 10.24
N SER A 282 -15.39 -13.75 10.56
CA SER A 282 -16.74 -13.87 11.11
C SER A 282 -17.60 -14.67 10.14
N THR A 283 -17.72 -14.16 8.91
CA THR A 283 -18.52 -14.84 7.92
C THR A 283 -17.92 -16.19 7.56
N ASP A 284 -16.59 -16.29 7.58
CA ASP A 284 -15.95 -17.57 7.28
C ASP A 284 -16.58 -18.64 8.17
N LYS A 285 -16.66 -18.34 9.47
CA LYS A 285 -17.22 -19.28 10.42
C LYS A 285 -18.72 -19.48 10.25
N SER A 286 -19.44 -18.41 9.91
CA SER A 286 -20.86 -18.53 9.70
C SER A 286 -21.11 -19.61 8.64
N ILE A 287 -20.41 -19.47 7.51
CA ILE A 287 -20.53 -20.43 6.42
C ILE A 287 -20.12 -21.84 6.87
N TYR A 288 -19.02 -21.94 7.61
CA TYR A 288 -18.54 -23.23 8.10
C TYR A 288 -19.65 -23.91 8.89
N ASP A 289 -20.32 -23.13 9.75
CA ASP A 289 -21.40 -23.64 10.58
C ASP A 289 -22.61 -24.07 9.78
N LYS A 290 -23.00 -23.28 8.77
CA LYS A 290 -24.14 -23.65 7.94
C LYS A 290 -23.90 -24.98 7.24
N VAL A 291 -22.70 -25.16 6.70
CA VAL A 291 -22.35 -26.39 6.01
C VAL A 291 -22.40 -27.55 6.98
N LEU A 292 -21.80 -27.36 8.15
CA LEU A 292 -21.78 -28.40 9.16
C LEU A 292 -23.21 -28.82 9.52
N GLN A 293 -24.06 -27.82 9.66
CA GLN A 293 -25.45 -28.08 10.00
C GLN A 293 -26.09 -28.89 8.89
N ASN A 294 -25.80 -28.55 7.64
CA ASN A 294 -26.36 -29.30 6.52
C ASN A 294 -25.91 -30.76 6.59
N PHE A 295 -24.65 -30.98 6.93
CA PHE A 295 -24.13 -32.33 7.01
C PHE A 295 -24.78 -33.10 8.14
N ARG A 296 -25.10 -32.41 9.23
CA ARG A 296 -25.75 -33.08 10.36
C ARG A 296 -27.09 -33.61 9.87
N GLY A 297 -27.76 -32.83 9.03
CA GLY A 297 -29.02 -33.27 8.50
C GLY A 297 -28.90 -34.49 7.61
N ILE A 298 -27.83 -34.57 6.80
CA ILE A 298 -27.65 -35.70 5.92
C ILE A 298 -27.30 -36.97 6.70
N VAL A 299 -26.36 -36.85 7.62
CA VAL A 299 -25.96 -38.00 8.42
C VAL A 299 -27.18 -38.57 9.17
N ASP A 300 -28.07 -37.68 9.59
CA ASP A 300 -29.25 -38.12 10.31
C ASP A 300 -30.15 -38.91 9.36
N ARG A 301 -30.25 -38.45 8.12
CA ARG A 301 -31.07 -39.12 7.11
C ARG A 301 -30.53 -40.52 6.86
N LEU A 302 -29.21 -40.64 6.76
CA LEU A 302 -28.61 -41.94 6.53
C LEU A 302 -28.97 -42.93 7.63
N ASN A 303 -29.12 -42.44 8.86
CA ASN A 303 -29.48 -43.30 9.98
C ASN A 303 -30.98 -43.56 10.02
N LYS A 304 -31.74 -42.90 9.14
CA LYS A 304 -33.19 -43.07 9.11
C LYS A 304 -33.72 -43.63 7.80
N VAL A 305 -32.98 -43.45 6.72
CA VAL A 305 -33.42 -43.93 5.42
C VAL A 305 -33.77 -45.42 5.45
N LEU A 306 -34.94 -45.75 4.91
CA LEU A 306 -35.42 -47.13 4.91
C LEU A 306 -35.81 -47.62 3.52
N VAL A 307 -36.48 -46.76 2.77
CA VAL A 307 -36.95 -47.16 1.46
C VAL A 307 -36.80 -46.08 0.42
N CYS A 308 -36.93 -46.50 -0.84
CA CYS A 308 -36.89 -45.60 -1.97
C CYS A 308 -38.11 -46.03 -2.76
N ILE A 309 -39.14 -45.19 -2.76
CA ILE A 309 -40.38 -45.49 -3.47
C ILE A 309 -40.28 -45.23 -4.96
N SER A 310 -39.61 -44.13 -5.29
CA SER A 310 -39.43 -43.69 -6.66
C SER A 310 -38.85 -44.76 -7.57
N ASP A 311 -37.82 -45.45 -7.09
CA ASP A 311 -37.18 -46.50 -7.86
C ASP A 311 -37.08 -47.75 -7.01
N PRO A 312 -38.02 -48.67 -7.18
CA PRO A 312 -38.03 -49.92 -6.42
C PRO A 312 -36.74 -50.71 -6.62
N ASN A 313 -35.98 -50.35 -7.64
CA ASN A 313 -34.76 -51.08 -7.89
C ASN A 313 -33.51 -50.56 -7.20
N ILE A 314 -33.61 -49.41 -6.53
CA ILE A 314 -32.49 -48.81 -5.81
C ILE A 314 -32.05 -49.65 -4.60
N ASN A 315 -30.76 -49.96 -4.49
CA ASN A 315 -30.22 -50.72 -3.37
C ASN A 315 -29.84 -49.78 -2.24
N ILE A 316 -30.63 -49.79 -1.17
CA ILE A 316 -30.39 -48.91 -0.03
C ILE A 316 -28.98 -49.00 0.56
N ASN A 317 -28.45 -50.20 0.72
CA ASN A 317 -27.12 -50.35 1.28
C ASN A 317 -26.07 -49.70 0.38
N ILE A 318 -26.13 -50.02 -0.90
CA ILE A 318 -25.17 -49.48 -1.86
C ILE A 318 -25.09 -47.96 -1.76
N TYR A 319 -26.24 -47.33 -1.61
CA TYR A 319 -26.26 -45.89 -1.51
C TYR A 319 -25.83 -45.38 -0.15
N LYS A 320 -26.26 -46.06 0.92
CA LYS A 320 -25.84 -45.65 2.24
C LYS A 320 -24.32 -45.70 2.30
N ASN A 321 -23.75 -46.73 1.67
CA ASN A 321 -22.30 -46.87 1.64
C ASN A 321 -21.67 -45.71 0.84
N LYS A 322 -22.20 -45.44 -0.34
CA LYS A 322 -21.65 -44.38 -1.17
C LYS A 322 -21.71 -43.03 -0.45
N PHE A 323 -22.88 -42.66 0.04
CA PHE A 323 -23.03 -41.38 0.74
C PHE A 323 -22.14 -41.29 1.97
N LYS A 324 -21.94 -42.40 2.67
CA LYS A 324 -21.08 -42.36 3.84
C LYS A 324 -19.69 -41.94 3.40
N ASP A 325 -19.22 -42.51 2.31
CA ASP A 325 -17.88 -42.17 1.81
C ASP A 325 -17.82 -40.76 1.24
N LYS A 326 -18.89 -40.36 0.56
CA LYS A 326 -18.97 -39.03 -0.03
C LYS A 326 -18.73 -37.94 1.02
N TYR A 327 -19.49 -38.01 2.11
CA TYR A 327 -19.39 -37.01 3.16
C TYR A 327 -18.36 -37.31 4.25
N LYS A 328 -17.63 -38.40 4.10
CA LYS A 328 -16.61 -38.78 5.08
C LYS A 328 -17.16 -39.02 6.49
N PHE A 329 -18.40 -39.48 6.58
CA PHE A 329 -19.01 -39.80 7.86
C PHE A 329 -18.34 -41.08 8.36
N VAL A 330 -18.41 -41.33 9.68
CA VAL A 330 -17.83 -42.55 10.23
C VAL A 330 -18.97 -43.46 10.67
N GLU A 331 -18.79 -44.76 10.46
CA GLU A 331 -19.79 -45.73 10.85
C GLU A 331 -19.27 -46.67 11.92
N ASP A 332 -20.04 -46.85 13.00
CA ASP A 332 -19.61 -47.76 14.04
C ASP A 332 -19.84 -49.20 13.56
N SER A 333 -19.27 -50.16 14.28
CA SER A 333 -19.40 -51.58 13.94
C SER A 333 -20.87 -52.01 13.95
N GLU A 334 -21.72 -51.15 14.51
CA GLU A 334 -23.14 -51.40 14.60
C GLU A 334 -23.88 -50.78 13.41
N GLY A 335 -23.18 -49.94 12.65
CA GLY A 335 -23.78 -49.32 11.49
C GLY A 335 -24.26 -47.90 11.69
N LYS A 336 -24.09 -47.37 12.90
CA LYS A 336 -24.53 -46.00 13.18
C LYS A 336 -23.57 -44.95 12.61
N TYR A 337 -24.10 -44.04 11.79
CA TYR A 337 -23.29 -42.99 11.18
C TYR A 337 -23.24 -41.70 12.01
N SER A 338 -22.07 -41.09 12.07
CA SER A 338 -21.91 -39.85 12.81
C SER A 338 -20.79 -39.02 12.20
N ILE A 339 -20.86 -37.71 12.43
CA ILE A 339 -19.84 -36.82 11.91
C ILE A 339 -18.56 -36.85 12.73
N ASP A 340 -17.44 -37.10 12.06
CA ASP A 340 -16.10 -37.11 12.66
C ASP A 340 -15.56 -35.72 12.37
N VAL A 341 -15.23 -34.95 13.41
CA VAL A 341 -14.74 -33.60 13.21
C VAL A 341 -13.46 -33.47 12.37
N GLU A 342 -12.49 -34.34 12.57
CA GLU A 342 -11.27 -34.25 11.79
C GLU A 342 -11.61 -34.40 10.32
N SER A 343 -12.18 -35.55 9.96
CA SER A 343 -12.53 -35.81 8.56
C SER A 343 -13.33 -34.68 7.94
N PHE A 344 -14.36 -34.20 8.64
CA PHE A 344 -15.18 -33.10 8.11
C PHE A 344 -14.30 -31.88 7.82
N ASP A 345 -13.65 -31.40 8.88
CA ASP A 345 -12.78 -30.25 8.79
C ASP A 345 -11.86 -30.31 7.58
N LYS A 346 -11.14 -31.41 7.45
CA LYS A 346 -10.22 -31.59 6.34
C LYS A 346 -10.95 -31.60 5.01
N LEU A 347 -12.12 -32.23 4.96
CA LEU A 347 -12.89 -32.27 3.72
C LEU A 347 -13.38 -30.88 3.35
N TYR A 348 -13.82 -30.12 4.35
CA TYR A 348 -14.32 -28.77 4.12
C TYR A 348 -13.23 -27.86 3.58
N LYS A 349 -12.06 -27.90 4.21
CA LYS A 349 -10.96 -27.06 3.79
C LYS A 349 -10.48 -27.44 2.38
N SER A 350 -10.50 -28.74 2.10
CA SER A 350 -10.09 -29.24 0.79
C SER A 350 -10.94 -28.67 -0.34
N LEU A 351 -12.24 -28.56 -0.10
CA LEU A 351 -13.15 -28.07 -1.12
C LEU A 351 -13.26 -26.56 -1.23
N MET A 352 -13.03 -25.85 -0.13
CA MET A 352 -13.14 -24.40 -0.16
C MET A 352 -11.82 -23.70 -0.37
N PHE A 353 -10.73 -24.28 0.14
CA PHE A 353 -9.43 -23.64 0.05
C PHE A 353 -8.35 -24.40 -0.72
N GLY A 354 -8.58 -25.70 -0.96
CA GLY A 354 -7.61 -26.50 -1.69
C GLY A 354 -7.83 -26.32 -3.19
N PHE A 355 -9.05 -26.64 -3.63
CA PHE A 355 -9.39 -26.49 -5.02
C PHE A 355 -9.81 -25.06 -5.32
N THR A 356 -8.86 -24.23 -5.69
CA THR A 356 -9.13 -22.83 -6.02
C THR A 356 -8.45 -22.58 -7.35
N GLU A 357 -8.94 -21.59 -8.08
CA GLU A 357 -8.36 -21.23 -9.36
C GLU A 357 -6.88 -20.89 -9.15
N THR A 358 -6.61 -20.13 -8.11
CA THR A 358 -5.25 -19.72 -7.79
C THR A 358 -4.30 -20.90 -7.58
N ASN A 359 -4.70 -21.84 -6.73
CA ASN A 359 -3.86 -23.00 -6.45
C ASN A 359 -3.66 -23.84 -7.68
N ILE A 360 -4.72 -24.01 -8.46
CA ILE A 360 -4.65 -24.80 -9.68
C ILE A 360 -3.77 -24.12 -10.74
N ALA A 361 -3.95 -22.81 -10.93
CA ALA A 361 -3.15 -22.11 -11.92
C ALA A 361 -1.68 -22.27 -11.58
N GLU A 362 -1.40 -22.19 -10.28
CA GLU A 362 -0.05 -22.33 -9.79
C GLU A 362 0.49 -23.74 -10.09
N ASN A 363 -0.32 -24.77 -9.84
CA ASN A 363 0.12 -26.15 -10.07
C ASN A 363 0.32 -26.48 -11.54
N TYR A 364 -0.52 -25.92 -12.40
CA TYR A 364 -0.40 -26.18 -13.83
C TYR A 364 0.46 -25.15 -14.54
N LYS A 365 1.12 -24.28 -13.77
CA LYS A 365 1.96 -23.24 -14.36
C LYS A 365 1.20 -22.46 -15.42
N ILE A 366 0.01 -22.02 -15.07
CA ILE A 366 -0.82 -21.25 -15.97
C ILE A 366 -0.95 -19.89 -15.31
N LYS A 367 -0.91 -18.83 -16.11
CA LYS A 367 -1.04 -17.49 -15.57
C LYS A 367 -2.50 -17.04 -15.60
N THR A 368 -2.91 -16.31 -14.57
CA THR A 368 -4.28 -15.81 -14.50
C THR A 368 -4.30 -14.46 -13.81
N ARG A 369 -5.47 -13.82 -13.80
CA ARG A 369 -5.66 -12.50 -13.20
C ARG A 369 -5.27 -12.51 -11.72
N ALA A 370 -4.98 -11.33 -11.19
CA ALA A 370 -4.58 -11.21 -9.80
C ALA A 370 -5.70 -11.40 -8.79
N SER A 371 -6.90 -10.99 -9.16
CA SER A 371 -8.02 -11.11 -8.24
C SER A 371 -9.35 -10.97 -8.94
N TYR A 372 -10.36 -11.58 -8.33
CA TYR A 372 -11.71 -11.50 -8.85
C TYR A 372 -11.99 -10.04 -9.15
N PHE A 373 -11.47 -9.15 -8.30
CA PHE A 373 -11.66 -7.71 -8.49
C PHE A 373 -10.56 -7.14 -9.37
N SER A 374 -10.53 -7.57 -10.61
CA SER A 374 -9.52 -7.04 -11.53
C SER A 374 -10.30 -6.61 -12.75
N ASP A 375 -9.97 -5.43 -13.26
CA ASP A 375 -10.66 -4.91 -14.42
C ASP A 375 -10.72 -5.91 -15.56
N SER A 376 -11.92 -6.13 -16.07
CA SER A 376 -12.13 -7.06 -17.16
C SER A 376 -11.77 -6.34 -18.46
N LEU A 377 -11.33 -7.08 -19.47
CA LEU A 377 -10.93 -6.48 -20.74
C LEU A 377 -11.66 -7.18 -21.87
N PRO A 378 -11.47 -6.70 -23.12
CA PRO A 378 -12.16 -7.37 -24.22
C PRO A 378 -11.53 -8.73 -24.46
N PRO A 379 -12.36 -9.77 -24.62
CA PRO A 379 -11.86 -11.12 -24.87
C PRO A 379 -11.29 -11.25 -26.27
N VAL A 380 -10.49 -12.30 -26.47
CA VAL A 380 -9.89 -12.56 -27.76
C VAL A 380 -10.33 -13.96 -28.18
N LYS A 381 -10.22 -14.24 -29.46
CA LYS A 381 -10.58 -15.56 -29.97
C LYS A 381 -9.36 -16.39 -30.27
N ILE A 382 -9.26 -17.56 -29.63
CA ILE A 382 -8.13 -18.45 -29.87
C ILE A 382 -8.39 -19.03 -31.26
N LYS A 383 -7.36 -19.09 -32.08
CA LYS A 383 -7.52 -19.58 -33.45
C LYS A 383 -7.84 -21.05 -33.56
N ASN A 384 -7.05 -21.91 -32.92
CA ASN A 384 -7.31 -23.33 -33.01
C ASN A 384 -6.68 -24.14 -31.89
N LEU A 385 -7.48 -24.40 -30.86
CA LEU A 385 -7.02 -25.17 -29.71
C LEU A 385 -6.68 -26.60 -30.10
N LEU A 386 -7.17 -27.03 -31.27
CA LEU A 386 -6.91 -28.39 -31.74
C LEU A 386 -5.57 -28.53 -32.47
N ASP A 387 -4.80 -27.45 -32.52
CA ASP A 387 -3.49 -27.47 -33.17
C ASP A 387 -2.37 -27.56 -32.13
N ASN A 388 -1.75 -28.73 -32.00
CA ASN A 388 -0.68 -28.90 -31.02
C ASN A 388 0.51 -27.98 -31.23
N GLU A 389 0.49 -27.24 -32.33
CA GLU A 389 1.56 -26.33 -32.61
C GLU A 389 1.31 -25.07 -31.75
N ILE A 390 0.06 -24.93 -31.29
CA ILE A 390 -0.34 -23.77 -30.49
C ILE A 390 -0.79 -24.11 -29.08
N TYR A 391 -1.49 -25.22 -28.93
CA TYR A 391 -2.02 -25.61 -27.64
C TYR A 391 -1.85 -27.11 -27.40
N THR A 392 -1.25 -27.47 -26.27
CA THR A 392 -1.06 -28.89 -25.97
C THR A 392 -1.71 -29.26 -24.64
N ILE A 393 -2.02 -30.54 -24.52
CA ILE A 393 -2.64 -31.09 -23.33
C ILE A 393 -1.70 -30.95 -22.14
N GLU A 394 -0.41 -31.12 -22.39
CA GLU A 394 0.60 -31.05 -21.34
C GLU A 394 0.95 -29.66 -20.85
N GLU A 395 1.11 -28.71 -21.76
CA GLU A 395 1.52 -27.36 -21.40
C GLU A 395 0.59 -26.21 -21.79
N GLY A 396 -0.53 -26.51 -22.41
CA GLY A 396 -1.42 -25.43 -22.82
C GLY A 396 -0.72 -24.60 -23.89
N PHE A 397 -0.70 -23.29 -23.72
CA PHE A 397 -0.04 -22.38 -24.65
C PHE A 397 1.45 -22.24 -24.38
N ASN A 398 1.83 -22.43 -23.11
CA ASN A 398 3.22 -22.27 -22.71
C ASN A 398 4.08 -23.47 -23.03
N ILE A 399 4.18 -23.72 -24.32
CA ILE A 399 4.95 -24.84 -24.82
C ILE A 399 6.45 -24.55 -24.81
N SER A 400 7.17 -25.37 -24.06
CA SER A 400 8.61 -25.24 -23.94
C SER A 400 9.35 -25.42 -25.27
N ASP A 401 9.01 -26.47 -26.02
CA ASP A 401 9.66 -26.72 -27.31
C ASP A 401 9.56 -25.53 -28.26
N LYS A 402 8.63 -24.62 -27.98
CA LYS A 402 8.46 -23.42 -28.81
C LYS A 402 8.97 -22.20 -28.07
N ASP A 403 9.56 -22.43 -26.91
CA ASP A 403 10.11 -21.36 -26.09
C ASP A 403 9.04 -20.36 -25.62
N MET A 404 7.84 -20.87 -25.36
CA MET A 404 6.70 -20.07 -24.90
C MET A 404 6.40 -20.49 -23.47
N GLU A 405 7.35 -21.19 -22.87
CA GLU A 405 7.19 -21.69 -21.52
C GLU A 405 7.55 -20.67 -20.44
N LYS A 406 8.68 -20.00 -20.60
CA LYS A 406 9.12 -19.02 -19.61
C LYS A 406 8.23 -17.80 -19.52
N GLU A 407 8.06 -17.29 -18.31
CA GLU A 407 7.26 -16.10 -18.05
C GLU A 407 5.89 -16.13 -18.71
N TYR A 408 5.34 -17.34 -18.88
CA TYR A 408 4.05 -17.54 -19.50
C TYR A 408 3.96 -16.80 -20.83
N ARG A 409 5.06 -16.79 -21.59
CA ARG A 409 5.07 -16.12 -22.89
C ARG A 409 3.98 -16.66 -23.81
N GLY A 410 3.62 -17.93 -23.65
CA GLY A 410 2.59 -18.50 -24.48
C GLY A 410 1.23 -17.83 -24.35
N GLN A 411 1.00 -17.16 -23.23
CA GLN A 411 -0.25 -16.47 -22.96
C GLN A 411 -0.10 -14.97 -23.14
N ASN A 412 1.08 -14.53 -23.56
CA ASN A 412 1.33 -13.10 -23.71
C ASN A 412 0.84 -12.54 -25.06
N LYS A 413 -0.13 -11.65 -25.00
CA LYS A 413 -0.70 -11.08 -26.21
C LYS A 413 0.29 -10.42 -27.16
N ALA A 414 1.39 -9.91 -26.62
CA ALA A 414 2.37 -9.27 -27.47
C ALA A 414 3.35 -10.27 -28.04
N ILE A 415 3.48 -11.42 -27.39
CA ILE A 415 4.41 -12.45 -27.83
C ILE A 415 3.82 -13.61 -28.65
N ASN A 416 2.65 -14.09 -28.28
CA ASN A 416 2.06 -15.23 -28.99
C ASN A 416 0.86 -14.85 -29.87
N LYS A 417 1.05 -13.86 -30.74
CA LYS A 417 0.00 -13.40 -31.64
C LYS A 417 -0.52 -14.45 -32.62
N GLN A 418 0.31 -15.43 -32.98
CA GLN A 418 -0.16 -16.45 -33.91
C GLN A 418 -1.25 -17.29 -33.26
N ALA A 419 -1.33 -17.22 -31.93
CA ALA A 419 -2.32 -18.00 -31.19
C ALA A 419 -3.75 -17.48 -31.22
N TYR A 420 -3.93 -16.17 -31.39
CA TYR A 420 -5.28 -15.62 -31.33
C TYR A 420 -5.57 -14.49 -32.29
N GLU A 421 -6.84 -14.09 -32.29
CA GLU A 421 -7.35 -13.00 -33.10
C GLU A 421 -8.10 -12.02 -32.22
N GLU A 422 -8.09 -10.75 -32.60
CA GLU A 422 -8.80 -9.70 -31.88
C GLU A 422 -10.26 -9.80 -32.27
N ILE A 423 -11.13 -9.30 -31.41
CA ILE A 423 -12.55 -9.34 -31.68
C ILE A 423 -13.13 -8.05 -32.23
N SER A 424 -14.09 -8.18 -33.14
CA SER A 424 -14.76 -7.03 -33.74
C SER A 424 -15.52 -6.28 -32.67
N LYS A 425 -15.04 -5.10 -32.31
CA LYS A 425 -15.69 -4.29 -31.28
C LYS A 425 -17.17 -4.12 -31.61
N GLU A 426 -17.46 -4.06 -32.91
CA GLU A 426 -18.83 -3.90 -33.37
C GLU A 426 -19.74 -4.91 -32.68
N HIS A 427 -19.16 -6.00 -32.20
CA HIS A 427 -19.94 -7.05 -31.56
C HIS A 427 -19.82 -7.10 -30.04
N LEU A 428 -19.00 -6.21 -29.49
CA LEU A 428 -18.82 -6.14 -28.06
C LEU A 428 -19.82 -5.18 -27.44
N ALA A 429 -20.33 -5.54 -26.27
CA ALA A 429 -21.29 -4.71 -25.54
C ALA A 429 -20.63 -4.38 -24.22
N VAL A 430 -20.57 -3.10 -23.90
CA VAL A 430 -19.92 -2.66 -22.68
C VAL A 430 -20.77 -1.68 -21.90
N TYR A 431 -21.05 -2.00 -20.64
CA TYR A 431 -21.86 -1.13 -19.83
C TYR A 431 -21.08 0.15 -19.52
N LYS A 432 -21.65 1.29 -19.87
CA LYS A 432 -20.97 2.56 -19.63
C LYS A 432 -21.80 3.55 -18.81
N ILE A 433 -21.08 4.44 -18.12
CA ILE A 433 -21.71 5.47 -17.32
C ILE A 433 -21.43 6.76 -18.09
N GLN A 434 -22.48 7.48 -18.46
CA GLN A 434 -22.32 8.71 -19.22
C GLN A 434 -22.42 9.91 -18.30
N MET A 435 -21.28 10.54 -18.02
CA MET A 435 -21.25 11.68 -17.13
C MET A 435 -21.46 12.99 -17.87
N CYS A 436 -22.63 13.59 -17.67
CA CYS A 436 -22.98 14.84 -18.32
C CYS A 436 -22.91 16.00 -17.34
N LYS A 437 -22.57 17.17 -17.87
CA LYS A 437 -22.51 18.37 -17.07
C LYS A 437 -23.81 19.14 -17.27
N SER A 438 -24.36 19.70 -16.21
CA SER A 438 -25.61 20.44 -16.31
C SER A 438 -25.39 21.76 -17.05
N VAL A 439 -25.69 21.76 -18.35
CA VAL A 439 -25.52 22.94 -19.17
C VAL A 439 -26.55 22.96 -20.30
N GLY A 443 -23.75 21.61 -22.54
CA GLY A 443 -23.43 20.45 -21.72
C GLY A 443 -22.67 19.40 -22.50
N ILE A 444 -21.47 19.07 -22.03
CA ILE A 444 -20.65 18.06 -22.69
C ILE A 444 -20.74 16.75 -21.89
N CYS A 445 -20.67 15.62 -22.58
CA CYS A 445 -20.76 14.32 -21.91
C CYS A 445 -19.55 13.44 -22.16
N ILE A 446 -19.22 12.63 -21.16
CA ILE A 446 -18.10 11.72 -21.26
C ILE A 446 -18.59 10.32 -20.90
N ASP A 447 -18.19 9.33 -21.69
CA ASP A 447 -18.58 7.95 -21.39
C ASP A 447 -17.47 7.30 -20.59
N VAL A 448 -17.83 6.55 -19.56
CA VAL A 448 -16.84 5.87 -18.76
C VAL A 448 -17.27 4.43 -18.55
N ASP A 449 -16.34 3.50 -18.78
CA ASP A 449 -16.67 2.11 -18.59
C ASP A 449 -16.86 1.85 -17.10
N ASN A 450 -17.96 1.22 -16.76
CA ASN A 450 -18.28 0.90 -15.38
C ASN A 450 -17.09 0.25 -14.69
N GLU A 451 -16.20 -0.32 -15.49
CA GLU A 451 -15.01 -0.99 -14.99
C GLU A 451 -14.00 0.00 -14.40
N ASP A 452 -13.85 1.15 -15.05
CA ASP A 452 -12.91 2.17 -14.61
C ASP A 452 -13.31 2.90 -13.33
N LEU A 453 -14.55 2.72 -12.86
CA LEU A 453 -14.97 3.40 -11.63
C LEU A 453 -14.34 2.75 -10.41
N PHE A 454 -14.60 3.34 -9.24
CA PHE A 454 -14.07 2.83 -7.98
C PHE A 454 -15.01 1.80 -7.37
N PHE A 455 -14.50 0.60 -7.13
CA PHE A 455 -15.32 -0.42 -6.48
C PHE A 455 -15.11 -0.23 -4.99
N ILE A 456 -16.18 0.09 -4.28
CA ILE A 456 -16.09 0.29 -2.84
C ILE A 456 -17.20 -0.48 -2.12
N ALA A 457 -16.80 -1.44 -1.31
CA ALA A 457 -17.76 -2.26 -0.57
C ALA A 457 -18.59 -1.40 0.36
N ASP A 458 -19.90 -1.63 0.34
CA ASP A 458 -20.79 -0.90 1.23
C ASP A 458 -20.59 -1.49 2.63
N LYS A 459 -20.91 -0.71 3.65
CA LYS A 459 -20.75 -1.16 5.02
C LYS A 459 -21.53 -2.45 5.28
N ASN A 460 -22.67 -2.61 4.60
CA ASN A 460 -23.51 -3.80 4.78
C ASN A 460 -22.83 -5.10 4.45
N SER A 461 -21.74 -5.01 3.70
CA SER A 461 -21.01 -6.20 3.28
C SER A 461 -20.42 -6.98 4.45
N PHE A 462 -20.18 -6.31 5.56
CA PHE A 462 -19.53 -6.97 6.68
C PHE A 462 -20.34 -7.37 7.88
N SER A 463 -19.96 -8.51 8.43
CA SER A 463 -20.61 -9.13 9.58
C SER A 463 -20.45 -8.33 10.86
N ASP A 464 -21.52 -8.36 11.65
CA ASP A 464 -21.56 -7.67 12.92
C ASP A 464 -21.46 -8.68 14.07
N ASP A 465 -21.27 -9.95 13.76
CA ASP A 465 -21.21 -10.99 14.80
C ASP A 465 -20.35 -10.68 16.03
N LEU A 466 -19.31 -9.90 15.86
CA LEU A 466 -18.44 -9.55 16.98
C LEU A 466 -19.18 -8.83 18.12
N SER A 467 -20.30 -8.20 17.80
CA SER A 467 -21.06 -7.47 18.82
C SER A 467 -21.97 -8.34 19.69
N LYS A 468 -21.92 -9.66 19.51
CA LYS A 468 -22.78 -10.54 20.29
C LYS A 468 -22.07 -11.14 21.48
N ASN A 469 -22.84 -11.50 22.50
CA ASN A 469 -22.30 -12.08 23.74
C ASN A 469 -21.73 -13.48 23.56
N GLU A 470 -20.89 -13.90 24.49
CA GLU A 470 -20.26 -15.22 24.45
C GLU A 470 -20.38 -15.90 25.80
N ARG A 471 -20.57 -17.22 25.78
CA ARG A 471 -20.69 -18.01 27.01
C ARG A 471 -19.43 -18.81 27.25
N ILE A 472 -18.65 -18.37 28.23
CA ILE A 472 -17.39 -19.06 28.53
C ILE A 472 -17.59 -20.17 29.54
N GLU A 473 -17.42 -21.41 29.08
CA GLU A 473 -17.57 -22.57 29.94
C GLU A 473 -16.30 -23.40 29.92
N TYR A 474 -16.09 -24.17 30.99
CA TYR A 474 -14.91 -25.03 31.14
C TYR A 474 -14.59 -25.81 29.87
N ASN A 475 -15.61 -25.99 29.03
CA ASN A 475 -15.44 -26.75 27.79
C ASN A 475 -15.36 -25.86 26.54
N THR A 476 -15.86 -24.64 26.63
CA THR A 476 -15.83 -23.71 25.49
C THR A 476 -14.43 -23.69 24.90
N GLN A 477 -14.35 -23.51 23.59
CA GLN A 477 -13.05 -23.46 22.91
C GLN A 477 -12.99 -22.46 21.76
N SER A 478 -11.77 -22.19 21.30
CA SER A 478 -11.52 -21.25 20.22
C SER A 478 -12.10 -21.69 18.89
N ASN A 479 -12.25 -20.73 17.99
CA ASN A 479 -12.80 -21.01 16.67
C ASN A 479 -12.00 -20.27 15.60
N TYR A 480 -11.28 -21.04 14.79
CA TYR A 480 -10.49 -20.47 13.72
C TYR A 480 -10.59 -21.29 12.45
N ILE A 481 -10.75 -20.59 11.32
CA ILE A 481 -10.82 -21.24 10.02
C ILE A 481 -9.73 -20.67 9.13
N GLU A 482 -8.67 -21.46 8.94
CA GLU A 482 -7.57 -21.04 8.10
C GLU A 482 -7.98 -21.12 6.64
N ASN A 483 -8.06 -19.96 5.99
CA ASN A 483 -8.42 -19.86 4.58
C ASN A 483 -7.25 -20.36 3.73
N ASP A 484 -6.82 -21.59 3.99
CA ASP A 484 -5.70 -22.16 3.25
C ASP A 484 -5.74 -23.67 3.35
N PHE A 485 -4.93 -24.34 2.52
CA PHE A 485 -4.86 -25.78 2.53
C PHE A 485 -3.61 -26.26 1.80
N PRO A 486 -2.82 -27.13 2.43
CA PRO A 486 -1.60 -27.65 1.82
C PRO A 486 -1.89 -28.47 0.57
N ILE A 487 -1.72 -27.82 -0.58
CA ILE A 487 -2.00 -28.45 -1.85
C ILE A 487 -1.24 -29.75 -2.05
N ASN A 488 -0.01 -29.82 -1.53
CA ASN A 488 0.80 -31.03 -1.68
C ASN A 488 0.14 -32.23 -1.01
N GLU A 489 -0.33 -32.05 0.22
CA GLU A 489 -0.98 -33.14 0.92
C GLU A 489 -2.30 -33.45 0.23
N LEU A 490 -2.95 -32.42 -0.30
CA LEU A 490 -4.20 -32.60 -0.99
C LEU A 490 -3.95 -33.52 -2.18
N ILE A 491 -2.86 -33.25 -2.89
CA ILE A 491 -2.48 -34.03 -4.05
C ILE A 491 -1.99 -35.42 -3.68
N LEU A 492 -1.36 -35.55 -2.52
CA LEU A 492 -0.86 -36.85 -2.09
C LEU A 492 -1.79 -37.59 -1.15
N ASP A 493 -2.92 -36.97 -0.83
CA ASP A 493 -3.88 -37.58 0.08
C ASP A 493 -4.31 -38.95 -0.44
N THR A 494 -3.96 -39.99 0.32
CA THR A 494 -4.26 -41.36 -0.06
C THR A 494 -5.74 -41.71 -0.04
N ASP A 495 -6.45 -41.27 0.98
CA ASP A 495 -7.88 -41.59 1.06
C ASP A 495 -8.84 -40.47 0.70
N LEU A 496 -8.34 -39.49 -0.05
CA LEU A 496 -9.18 -38.37 -0.48
C LEU A 496 -10.18 -38.86 -1.53
N ILE A 497 -9.69 -39.60 -2.52
CA ILE A 497 -10.52 -40.11 -3.60
C ILE A 497 -11.22 -41.42 -3.26
N SER A 498 -12.54 -41.42 -3.35
CA SER A 498 -13.37 -42.58 -3.05
C SER A 498 -12.93 -43.86 -3.74
N LYS A 499 -13.07 -44.97 -3.03
CA LYS A 499 -12.73 -46.26 -3.58
C LYS A 499 -13.99 -47.11 -3.52
N ILE A 500 -15.12 -46.42 -3.32
CA ILE A 500 -16.43 -47.05 -3.25
C ILE A 500 -17.13 -47.04 -4.61
N GLU A 501 -17.74 -48.16 -4.93
CA GLU A 501 -18.44 -48.37 -6.19
C GLU A 501 -19.42 -47.27 -6.54
N LEU A 502 -19.35 -46.78 -7.77
CA LEU A 502 -20.28 -45.76 -8.25
C LEU A 502 -21.49 -46.56 -8.72
N PRO A 503 -22.70 -46.24 -8.22
CA PRO A 503 -23.91 -46.97 -8.62
C PRO A 503 -24.26 -46.79 -10.09
N SER A 504 -25.24 -47.56 -10.57
CA SER A 504 -25.64 -47.46 -11.96
C SER A 504 -26.44 -46.17 -12.13
N GLU A 505 -26.31 -45.54 -13.29
CA GLU A 505 -27.00 -44.29 -13.57
C GLU A 505 -28.44 -44.50 -14.02
N ASN A 506 -28.80 -45.73 -14.39
CA ASN A 506 -30.14 -46.00 -14.83
C ASN A 506 -31.11 -46.15 -13.66
N THR A 507 -32.24 -45.46 -13.75
CA THR A 507 -33.27 -45.47 -12.73
C THR A 507 -34.62 -45.24 -13.40
N GLU A 508 -35.68 -45.08 -12.61
CA GLU A 508 -36.99 -44.84 -13.20
C GLU A 508 -37.07 -43.45 -13.78
N SER A 509 -37.89 -43.30 -14.82
CA SER A 509 -38.08 -42.01 -15.47
C SER A 509 -38.57 -40.97 -14.48
N LEU A 510 -38.25 -39.72 -14.76
CA LEU A 510 -38.66 -38.60 -13.93
C LEU A 510 -40.06 -38.19 -14.38
N THR A 511 -41.00 -38.03 -13.45
CA THR A 511 -42.34 -37.61 -13.83
C THR A 511 -42.70 -36.25 -13.20
N ASP A 512 -42.05 -35.90 -12.10
CA ASP A 512 -42.31 -34.61 -11.49
C ASP A 512 -41.26 -33.62 -12.00
N PHE A 513 -41.61 -32.88 -13.04
CA PHE A 513 -40.69 -31.93 -13.64
C PHE A 513 -40.67 -30.57 -12.96
N ASN A 514 -41.27 -30.47 -11.79
CA ASN A 514 -41.30 -29.21 -11.05
C ASN A 514 -39.89 -28.63 -10.85
N VAL A 515 -39.68 -27.42 -11.34
CA VAL A 515 -38.39 -26.75 -11.23
C VAL A 515 -38.51 -25.25 -11.50
N ASP A 516 -37.65 -24.46 -10.90
CA ASP A 516 -37.66 -23.02 -11.12
C ASP A 516 -36.67 -22.64 -12.21
N VAL A 517 -37.17 -21.97 -13.23
CA VAL A 517 -36.31 -21.57 -14.34
C VAL A 517 -36.03 -20.09 -14.32
N PRO A 518 -34.73 -19.71 -14.31
CA PRO A 518 -34.35 -18.31 -14.30
C PRO A 518 -34.74 -17.66 -15.61
N VAL A 519 -35.06 -16.37 -15.57
CA VAL A 519 -35.43 -15.63 -16.78
C VAL A 519 -34.53 -14.41 -16.84
N TYR A 520 -33.70 -14.36 -17.87
CA TYR A 520 -32.77 -13.25 -18.01
C TYR A 520 -33.23 -12.25 -19.05
N GLU A 521 -32.77 -11.02 -18.89
CA GLU A 521 -33.08 -9.97 -19.84
C GLU A 521 -32.05 -8.87 -19.77
N LYS A 522 -31.78 -8.28 -20.92
CA LYS A 522 -30.81 -7.21 -21.01
C LYS A 522 -31.33 -5.97 -20.29
N GLN A 523 -30.42 -5.02 -20.08
CA GLN A 523 -30.74 -3.76 -19.45
C GLN A 523 -29.89 -2.78 -20.24
N PRO A 524 -30.23 -1.48 -20.21
CA PRO A 524 -29.48 -0.46 -20.94
C PRO A 524 -27.96 -0.55 -20.72
N ALA A 525 -27.20 -0.46 -21.81
CA ALA A 525 -25.75 -0.53 -21.73
C ALA A 525 -25.15 0.82 -21.40
N ILE A 526 -25.99 1.86 -21.48
CA ILE A 526 -25.57 3.22 -21.17
C ILE A 526 -26.47 3.81 -20.11
N LYS A 527 -25.89 4.30 -19.02
CA LYS A 527 -26.65 4.92 -17.95
C LYS A 527 -26.11 6.33 -17.73
N LYS A 528 -26.97 7.31 -17.93
CA LYS A 528 -26.57 8.70 -17.76
C LYS A 528 -26.66 9.14 -16.30
N ILE A 529 -25.85 10.13 -15.96
CA ILE A 529 -25.84 10.72 -14.63
C ILE A 529 -25.35 12.15 -14.84
N PHE A 530 -25.84 13.08 -14.02
CA PHE A 530 -25.41 14.46 -14.18
C PHE A 530 -24.55 14.91 -13.03
N THR A 531 -23.41 15.48 -13.35
CA THR A 531 -22.47 15.98 -12.37
C THR A 531 -21.51 16.96 -13.04
N ASP A 532 -21.10 17.98 -12.29
CA ASP A 532 -20.18 18.97 -12.83
C ASP A 532 -18.85 18.81 -12.17
N GLU A 533 -18.66 17.66 -11.55
CA GLU A 533 -17.41 17.34 -10.88
C GLU A 533 -16.35 17.13 -11.94
N ASN A 534 -15.15 17.60 -11.67
CA ASN A 534 -14.03 17.41 -12.59
C ASN A 534 -13.00 16.62 -11.83
N THR A 535 -13.28 15.35 -11.66
CA THR A 535 -12.39 14.45 -10.95
C THR A 535 -11.62 13.61 -11.97
N ILE A 536 -11.08 12.50 -11.51
CA ILE A 536 -10.27 11.60 -12.34
C ILE A 536 -10.78 11.31 -13.75
N PHE A 537 -12.05 10.95 -13.89
CA PHE A 537 -12.61 10.65 -15.20
C PHE A 537 -12.47 11.79 -16.20
N GLN A 538 -12.68 13.02 -15.73
CA GLN A 538 -12.58 14.21 -16.58
C GLN A 538 -11.13 14.51 -16.91
N TYR A 539 -10.26 14.48 -15.89
CA TYR A 539 -8.85 14.76 -16.09
C TYR A 539 -8.20 13.81 -17.08
N LEU A 540 -8.52 12.52 -16.97
CA LEU A 540 -7.99 11.54 -17.90
C LEU A 540 -8.56 11.85 -19.29
N TYR A 541 -9.83 12.22 -19.33
CA TYR A 541 -10.49 12.53 -20.59
C TYR A 541 -9.83 13.73 -21.30
N SER A 542 -9.54 14.78 -20.54
CA SER A 542 -8.93 15.99 -21.07
C SER A 542 -7.58 15.71 -21.72
N GLN A 543 -7.07 14.49 -21.50
CA GLN A 543 -5.78 14.12 -22.06
C GLN A 543 -5.90 13.31 -23.35
N THR A 544 -7.10 13.29 -23.92
CA THR A 544 -7.31 12.55 -25.17
C THR A 544 -7.67 13.54 -26.28
N PHE A 545 -7.78 13.04 -27.50
CA PHE A 545 -8.15 13.86 -28.65
C PHE A 545 -8.82 12.96 -29.68
N PRO A 546 -9.75 13.52 -30.47
CA PRO A 546 -10.49 12.81 -31.52
C PRO A 546 -9.64 12.19 -32.62
N LEU A 547 -10.13 11.09 -33.18
CA LEU A 547 -9.42 10.41 -34.25
C LEU A 547 -9.33 11.25 -35.52
N ASP A 548 -10.32 12.13 -35.72
CA ASP A 548 -10.34 12.98 -36.91
C ASP A 548 -9.50 14.24 -36.78
N ILE A 549 -8.75 14.34 -35.69
CA ILE A 549 -7.89 15.51 -35.43
C ILE A 549 -6.44 15.03 -35.39
N ARG A 550 -5.56 15.64 -36.17
CA ARG A 550 -4.17 15.21 -36.13
C ARG A 550 -3.19 16.31 -35.72
N ASP A 551 -3.70 17.52 -35.51
CA ASP A 551 -2.84 18.62 -35.09
C ASP A 551 -3.26 19.08 -33.70
N ILE A 552 -2.44 18.74 -32.70
CA ILE A 552 -2.75 19.12 -31.34
C ILE A 552 -1.65 19.93 -30.69
N SER A 553 -1.97 20.49 -29.52
CA SER A 553 -1.03 21.30 -28.73
C SER A 553 -1.25 20.94 -27.28
N LEU A 554 -0.17 20.90 -26.50
CA LEU A 554 -0.29 20.58 -25.07
C LEU A 554 -0.59 21.87 -24.31
N THR A 555 -1.26 21.73 -23.17
CA THR A 555 -1.61 22.86 -22.33
C THR A 555 -1.78 22.45 -20.88
N SER A 556 -1.30 23.29 -19.97
CA SER A 556 -1.40 23.00 -18.54
C SER A 556 -2.80 23.39 -18.05
N SER A 557 -3.61 23.93 -18.97
CA SER A 557 -4.95 24.33 -18.62
C SER A 557 -5.97 23.22 -18.85
N PHE A 558 -6.40 22.61 -17.76
CA PHE A 558 -7.38 21.55 -17.82
C PHE A 558 -8.64 22.04 -18.51
N ASP A 559 -9.00 23.29 -18.27
CA ASP A 559 -10.21 23.85 -18.85
C ASP A 559 -10.19 24.05 -20.36
N ASP A 560 -9.03 24.39 -20.91
CA ASP A 560 -8.94 24.59 -22.36
C ASP A 560 -8.94 23.24 -23.02
N ALA A 561 -8.20 22.31 -22.43
CA ALA A 561 -8.14 20.96 -22.98
C ALA A 561 -9.55 20.44 -23.21
N LEU A 562 -10.46 20.76 -22.29
CA LEU A 562 -11.84 20.31 -22.42
C LEU A 562 -12.56 21.08 -23.50
N LEU A 563 -12.27 22.36 -23.58
CA LEU A 563 -12.94 23.21 -24.54
C LEU A 563 -12.46 23.08 -25.98
N PHE A 564 -11.17 22.81 -26.17
CA PHE A 564 -10.66 22.69 -27.52
C PHE A 564 -10.10 21.31 -27.88
N SER A 565 -10.74 20.68 -28.85
CA SER A 565 -10.35 19.36 -29.33
C SER A 565 -8.89 19.31 -29.75
N ASN A 566 -8.36 20.44 -30.18
CA ASN A 566 -6.96 20.50 -30.61
C ASN A 566 -6.06 20.77 -29.41
N LYS A 567 -6.70 20.92 -28.24
CA LYS A 567 -5.96 21.17 -27.02
C LYS A 567 -5.95 19.94 -26.14
N VAL A 568 -4.77 19.54 -25.71
CA VAL A 568 -4.66 18.39 -24.85
C VAL A 568 -3.94 18.74 -23.55
N TYR A 569 -4.55 18.35 -22.44
CA TYR A 569 -4.00 18.61 -21.11
C TYR A 569 -2.77 17.79 -20.77
N SER A 570 -1.81 18.45 -20.14
CA SER A 570 -0.60 17.80 -19.71
C SER A 570 -0.28 18.25 -18.30
N PHE A 571 0.04 17.29 -17.44
CA PHE A 571 0.35 17.57 -16.04
C PHE A 571 1.84 17.67 -15.84
N PHE A 572 2.58 17.75 -16.94
CA PHE A 572 4.04 17.88 -16.86
C PHE A 572 4.40 19.37 -16.78
N SER A 573 5.68 19.66 -16.58
CA SER A 573 6.14 21.04 -16.43
C SER A 573 5.86 22.01 -17.58
N MET A 574 5.68 23.27 -17.21
CA MET A 574 5.42 24.36 -18.14
C MET A 574 6.45 24.34 -19.26
N ASP A 575 7.72 24.13 -18.88
CA ASP A 575 8.80 24.09 -19.85
C ASP A 575 8.60 22.95 -20.86
N TYR A 576 8.34 21.75 -20.34
CA TYR A 576 8.10 20.57 -21.16
C TYR A 576 6.98 20.85 -22.15
N ILE A 577 5.94 21.53 -21.67
CA ILE A 577 4.80 21.87 -22.49
C ILE A 577 5.16 22.83 -23.62
N LYS A 578 6.00 23.84 -23.33
CA LYS A 578 6.41 24.81 -24.35
C LYS A 578 7.25 24.16 -25.45
N THR A 579 8.23 23.34 -25.03
CA THR A 579 9.10 22.67 -25.98
C THR A 579 8.30 21.77 -26.92
N ALA A 580 7.33 21.06 -26.36
CA ALA A 580 6.51 20.15 -27.14
C ALA A 580 5.70 20.85 -28.22
N ASN A 581 5.35 22.11 -28.00
CA ASN A 581 4.58 22.84 -28.99
C ASN A 581 5.46 23.65 -29.94
N LYS A 582 6.76 23.60 -29.70
CA LYS A 582 7.70 24.34 -30.54
C LYS A 582 7.66 23.82 -31.98
N VAL A 583 8.09 24.64 -32.92
CA VAL A 583 8.14 24.25 -34.34
C VAL A 583 9.52 24.63 -34.83
N VAL A 584 10.18 23.73 -35.55
CA VAL A 584 11.52 24.02 -36.03
C VAL A 584 11.82 23.70 -37.49
N GLU A 585 13.01 24.10 -37.90
CA GLU A 585 13.50 23.86 -39.25
C GLU A 585 13.82 22.39 -39.42
N ALA A 586 13.52 21.86 -40.60
CA ALA A 586 13.80 20.46 -40.87
C ALA A 586 15.18 20.08 -40.35
N GLY A 587 16.16 20.97 -40.56
CA GLY A 587 17.52 20.69 -40.13
C GLY A 587 17.72 20.63 -38.62
N LEU A 588 16.74 21.10 -37.86
CA LEU A 588 16.84 21.08 -36.41
C LEU A 588 15.79 20.16 -35.79
N PHE A 589 14.97 19.54 -36.63
CA PHE A 589 13.93 18.65 -36.13
C PHE A 589 14.50 17.47 -35.34
N ALA A 590 15.54 16.82 -35.85
CA ALA A 590 16.14 15.69 -35.17
C ALA A 590 16.61 16.11 -33.78
N GLY A 591 17.24 17.28 -33.70
CA GLY A 591 17.71 17.77 -32.42
C GLY A 591 16.54 17.90 -31.47
N TRP A 592 15.47 18.51 -31.97
CA TRP A 592 14.26 18.73 -31.19
C TRP A 592 13.64 17.42 -30.71
N VAL A 593 13.51 16.46 -31.61
CA VAL A 593 12.93 15.17 -31.24
C VAL A 593 13.70 14.56 -30.07
N LYS A 594 15.02 14.59 -30.16
CA LYS A 594 15.85 14.06 -29.09
C LYS A 594 15.65 14.85 -27.81
N GLN A 595 15.47 16.15 -27.96
CA GLN A 595 15.31 17.02 -26.81
C GLN A 595 14.00 16.78 -26.06
N ILE A 596 12.87 16.84 -26.77
CA ILE A 596 11.59 16.67 -26.14
C ILE A 596 11.39 15.25 -25.59
N VAL A 597 11.97 14.26 -26.25
CA VAL A 597 11.86 12.88 -25.80
C VAL A 597 12.61 12.75 -24.48
N ASN A 598 13.86 13.19 -24.45
CA ASN A 598 14.64 13.13 -23.23
C ASN A 598 13.90 13.88 -22.12
N ASP A 599 13.31 15.00 -22.48
CA ASP A 599 12.53 15.80 -21.54
C ASP A 599 11.42 14.96 -20.94
N PHE A 600 10.72 14.22 -21.78
CA PHE A 600 9.62 13.36 -21.33
C PHE A 600 10.11 12.42 -20.23
N VAL A 601 11.21 11.72 -20.49
CA VAL A 601 11.75 10.79 -19.52
C VAL A 601 12.08 11.51 -18.22
N ILE A 602 12.60 12.73 -18.34
CA ILE A 602 12.94 13.50 -17.15
C ILE A 602 11.70 13.75 -16.31
N GLU A 603 10.64 14.26 -16.94
CA GLU A 603 9.40 14.53 -16.23
C GLU A 603 8.82 13.25 -15.60
N ALA A 604 8.76 12.17 -16.37
CA ALA A 604 8.23 10.92 -15.84
C ALA A 604 9.04 10.43 -14.65
N ASN A 605 10.36 10.61 -14.73
CA ASN A 605 11.27 10.17 -13.67
C ASN A 605 11.18 11.00 -12.39
N LYS A 606 10.40 12.08 -12.42
CA LYS A 606 10.26 12.87 -11.19
C LYS A 606 9.38 12.09 -10.22
N SER A 607 8.95 10.92 -10.66
CA SER A 607 8.12 10.04 -9.84
C SER A 607 8.97 9.45 -8.71
N ASN A 608 10.29 9.64 -8.79
CA ASN A 608 11.16 9.12 -7.75
C ASN A 608 11.61 10.22 -6.80
N THR A 609 10.86 11.31 -6.74
CA THR A 609 11.21 12.42 -5.85
C THR A 609 11.23 12.01 -4.38
N MET A 610 12.23 12.49 -3.67
CA MET A 610 12.37 12.22 -2.24
C MET A 610 12.03 13.47 -1.47
N ASP A 611 11.57 13.30 -0.23
CA ASP A 611 11.21 14.44 0.62
C ASP A 611 11.64 14.11 2.04
N LYS A 612 12.86 13.57 2.15
CA LYS A 612 13.42 13.16 3.44
C LYS A 612 13.37 14.18 4.57
N ILE A 613 13.33 15.48 4.26
CA ILE A 613 13.28 16.44 5.34
C ILE A 613 11.92 16.42 6.02
N ALA A 614 10.88 16.13 5.25
CA ALA A 614 9.53 16.05 5.78
C ALA A 614 9.25 14.61 6.21
N ASP A 615 10.32 13.83 6.35
CA ASP A 615 10.19 12.44 6.73
C ASP A 615 9.33 11.61 5.80
N ILE A 616 9.44 11.90 4.51
CA ILE A 616 8.71 11.19 3.47
C ILE A 616 9.74 10.79 2.40
N SER A 617 10.03 9.50 2.33
CA SER A 617 11.03 8.99 1.40
C SER A 617 10.68 9.13 -0.06
N LEU A 618 9.45 8.79 -0.41
CA LEU A 618 9.03 8.84 -1.80
C LEU A 618 7.71 9.55 -1.99
N ILE A 619 7.66 10.37 -3.04
CA ILE A 619 6.45 11.09 -3.38
C ILE A 619 6.44 11.41 -4.87
N VAL A 620 5.34 11.09 -5.53
CA VAL A 620 5.20 11.38 -6.95
C VAL A 620 4.45 12.70 -6.99
N PRO A 621 5.18 13.81 -7.11
CA PRO A 621 4.59 15.14 -7.14
C PRO A 621 3.49 15.44 -8.14
N TYR A 622 3.52 14.80 -9.30
CA TYR A 622 2.51 15.10 -10.30
C TYR A 622 1.22 14.29 -10.28
N ILE A 623 1.05 13.39 -9.32
CA ILE A 623 -0.17 12.59 -9.29
C ILE A 623 -1.43 13.46 -9.18
N GLY A 624 -1.35 14.51 -8.37
CA GLY A 624 -2.50 15.40 -8.20
C GLY A 624 -2.89 16.12 -9.47
N LEU A 625 -1.90 16.58 -10.24
CA LEU A 625 -2.18 17.30 -11.49
C LEU A 625 -2.70 16.39 -12.58
N ALA A 626 -2.29 15.13 -12.53
CA ALA A 626 -2.67 14.16 -13.53
C ALA A 626 -4.10 13.65 -13.46
N LEU A 627 -4.63 13.54 -12.25
CA LEU A 627 -5.98 12.98 -12.07
C LEU A 627 -6.95 13.84 -11.27
N ASN A 628 -6.43 14.70 -10.42
CA ASN A 628 -7.25 15.53 -9.55
C ASN A 628 -8.20 14.61 -8.78
N VAL A 629 -7.65 13.47 -8.35
CA VAL A 629 -8.41 12.48 -7.60
C VAL A 629 -8.52 12.90 -6.14
N GLY A 630 -9.47 12.32 -5.42
CA GLY A 630 -9.62 12.68 -4.02
C GLY A 630 -10.02 14.13 -3.82
N ASN A 631 -9.49 14.74 -2.76
CA ASN A 631 -9.84 16.12 -2.45
C ASN A 631 -9.09 17.20 -3.23
N GLU A 632 -9.60 17.54 -4.42
CA GLU A 632 -9.02 18.56 -5.28
C GLU A 632 -7.49 18.53 -5.31
N THR A 633 -6.92 17.34 -5.47
CA THR A 633 -5.49 17.19 -5.46
C THR A 633 -4.74 17.88 -6.60
N ALA A 634 -5.45 18.47 -7.55
CA ALA A 634 -4.82 19.16 -8.66
C ALA A 634 -4.55 20.64 -8.35
N LYS A 635 -5.07 21.10 -7.22
CA LYS A 635 -4.88 22.50 -6.81
C LYS A 635 -3.86 22.63 -5.69
N GLY A 636 -3.16 23.76 -5.66
CA GLY A 636 -2.15 23.97 -4.64
C GLY A 636 -0.95 23.10 -4.94
N ASN A 637 -0.07 22.91 -3.95
CA ASN A 637 1.11 22.07 -4.13
C ASN A 637 0.77 20.68 -3.60
N PHE A 638 0.93 19.67 -4.42
CA PHE A 638 0.59 18.31 -3.98
C PHE A 638 1.47 17.81 -2.85
N GLU A 639 2.79 17.93 -3.02
CA GLU A 639 3.71 17.45 -2.00
C GLU A 639 3.38 17.99 -0.62
N ASN A 640 3.11 19.30 -0.52
CA ASN A 640 2.77 19.89 0.77
C ASN A 640 1.49 19.26 1.32
N ALA A 641 0.42 19.33 0.53
CA ALA A 641 -0.87 18.76 0.92
C ALA A 641 -0.68 17.35 1.46
N PHE A 642 0.16 16.58 0.79
CA PHE A 642 0.42 15.20 1.20
C PHE A 642 1.12 15.14 2.55
N GLU A 643 2.14 15.99 2.72
CA GLU A 643 2.90 16.04 3.97
C GLU A 643 1.92 16.26 5.12
N ILE A 644 0.93 17.11 4.87
CA ILE A 644 -0.06 17.45 5.85
C ILE A 644 -1.13 16.38 6.15
N ALA A 645 -1.84 15.91 5.13
CA ALA A 645 -2.90 14.93 5.39
C ALA A 645 -2.55 13.50 4.99
N GLY A 646 -1.50 13.35 4.19
CA GLY A 646 -1.06 12.03 3.79
C GLY A 646 -1.92 11.27 2.79
N ALA A 647 -1.75 9.95 2.81
CA ALA A 647 -2.44 9.04 1.93
C ALA A 647 -3.93 9.29 1.77
N SER A 648 -4.61 9.68 2.85
CA SER A 648 -6.04 9.89 2.77
C SER A 648 -6.52 10.98 1.80
N ILE A 649 -5.63 11.84 1.34
CA ILE A 649 -6.08 12.88 0.42
C ILE A 649 -6.23 12.35 -1.00
N LEU A 650 -5.68 11.17 -1.23
CA LEU A 650 -5.80 10.57 -2.55
C LEU A 650 -7.11 9.82 -2.75
N LEU A 651 -7.72 9.37 -1.64
CA LEU A 651 -8.98 8.63 -1.72
C LEU A 651 -10.13 9.46 -2.27
N GLU A 652 -10.95 8.84 -3.10
CA GLU A 652 -12.10 9.50 -3.71
C GLU A 652 -13.22 9.53 -2.69
N PHE A 653 -13.14 8.62 -1.73
CA PHE A 653 -14.16 8.50 -0.71
C PHE A 653 -13.57 7.87 0.55
N ILE A 654 -13.93 8.44 1.71
CA ILE A 654 -13.47 7.89 2.98
C ILE A 654 -14.58 6.94 3.44
N PRO A 655 -14.24 5.66 3.66
CA PRO A 655 -15.20 4.64 4.08
C PRO A 655 -15.62 4.73 5.53
N GLU A 656 -16.87 4.39 5.79
CA GLU A 656 -17.41 4.37 7.15
C GLU A 656 -17.13 2.96 7.61
N LEU A 657 -16.05 2.77 8.37
CA LEU A 657 -15.72 1.43 8.82
C LEU A 657 -16.69 0.86 9.83
N LEU A 658 -16.72 -0.47 9.92
CA LEU A 658 -17.58 -1.15 10.87
C LEU A 658 -16.69 -1.71 11.96
N ILE A 659 -16.74 -1.08 13.13
CA ILE A 659 -15.95 -1.54 14.28
C ILE A 659 -16.92 -1.77 15.42
N PRO A 660 -17.44 -3.01 15.55
CA PRO A 660 -18.39 -3.38 16.59
C PRO A 660 -17.84 -3.39 18.01
N VAL A 661 -18.70 -3.07 18.96
CA VAL A 661 -18.31 -3.11 20.37
C VAL A 661 -18.36 -4.60 20.66
N VAL A 662 -17.21 -5.20 20.93
CA VAL A 662 -17.17 -6.64 21.21
C VAL A 662 -18.18 -7.07 22.26
N GLY A 663 -19.02 -8.03 21.90
CA GLY A 663 -20.03 -8.52 22.83
C GLY A 663 -19.45 -8.91 24.18
N ALA A 664 -20.23 -8.68 25.24
CA ALA A 664 -19.80 -9.01 26.60
C ALA A 664 -19.72 -10.52 26.79
N PHE A 665 -18.87 -10.94 27.72
CA PHE A 665 -18.70 -12.36 28.03
C PHE A 665 -19.60 -12.75 29.20
N LEU A 666 -20.00 -14.02 29.23
CA LEU A 666 -20.84 -14.57 30.29
C LEU A 666 -20.21 -15.89 30.69
N LEU A 667 -19.59 -15.92 31.86
CA LEU A 667 -18.92 -17.12 32.35
C LEU A 667 -19.84 -18.04 33.14
N GLU A 668 -19.64 -19.35 32.96
CA GLU A 668 -20.43 -20.35 33.67
C GLU A 668 -19.76 -20.63 35.01
N SER A 669 -20.51 -20.49 36.10
CA SER A 669 -19.95 -20.75 37.42
C SER A 669 -20.14 -22.23 37.76
N TYR A 670 -19.19 -22.77 38.52
CA TYR A 670 -19.22 -24.17 38.93
C TYR A 670 -18.87 -24.32 40.42
N ILE A 671 -19.89 -24.17 41.26
CA ILE A 671 -19.72 -24.28 42.71
C ILE A 671 -18.98 -25.54 43.14
N ASP A 672 -17.95 -25.35 43.96
CA ASP A 672 -17.14 -26.44 44.49
C ASP A 672 -16.19 -27.08 43.47
N ASN A 673 -16.46 -26.86 42.19
CA ASN A 673 -15.60 -27.42 41.15
C ASN A 673 -14.46 -26.44 40.86
N LYS A 674 -13.32 -26.69 41.49
CA LYS A 674 -12.14 -25.84 41.33
C LYS A 674 -11.55 -25.99 39.93
N ASN A 675 -11.88 -27.09 39.26
CA ASN A 675 -11.38 -27.35 37.92
C ASN A 675 -12.12 -26.54 36.85
N LYS A 676 -13.40 -26.84 36.67
CA LYS A 676 -14.22 -26.14 35.68
C LYS A 676 -14.12 -24.62 35.80
N ILE A 677 -14.20 -24.09 37.03
CA ILE A 677 -14.12 -22.66 37.26
C ILE A 677 -12.86 -22.08 36.61
N ILE A 678 -11.74 -22.74 36.83
CA ILE A 678 -10.46 -22.30 36.25
C ILE A 678 -10.50 -22.41 34.73
N LYS A 679 -10.84 -23.60 34.23
CA LYS A 679 -10.94 -23.83 32.78
C LYS A 679 -11.66 -22.63 32.21
N THR A 680 -12.86 -22.39 32.74
CA THR A 680 -13.71 -21.28 32.32
C THR A 680 -12.86 -20.02 32.15
N ILE A 681 -12.20 -19.61 33.23
CA ILE A 681 -11.36 -18.42 33.18
C ILE A 681 -10.38 -18.52 32.02
N ASP A 682 -9.52 -19.53 32.05
CA ASP A 682 -8.53 -19.73 30.99
C ASP A 682 -9.19 -19.55 29.62
N ASN A 683 -10.31 -20.21 29.41
CA ASN A 683 -11.01 -20.11 28.14
C ASN A 683 -11.38 -18.69 27.76
N ALA A 684 -12.07 -17.98 28.65
CA ALA A 684 -12.46 -16.60 28.35
C ALA A 684 -11.26 -15.83 27.83
N LEU A 685 -10.09 -16.12 28.40
CA LEU A 685 -8.86 -15.48 27.98
C LEU A 685 -8.60 -15.77 26.51
N THR A 686 -8.37 -17.05 26.23
CA THR A 686 -8.13 -17.50 24.87
C THR A 686 -9.17 -16.88 23.93
N LYS A 687 -10.44 -17.01 24.30
CA LYS A 687 -11.53 -16.45 23.49
C LYS A 687 -11.29 -14.97 23.23
N ARG A 688 -10.77 -14.27 24.23
CA ARG A 688 -10.48 -12.85 24.09
C ARG A 688 -9.52 -12.63 22.92
N ASN A 689 -8.51 -13.49 22.83
CA ASN A 689 -7.52 -13.39 21.75
C ASN A 689 -8.17 -13.66 20.40
N GLU A 690 -9.12 -14.59 20.38
CA GLU A 690 -9.82 -14.92 19.16
C GLU A 690 -10.59 -13.68 18.74
N LYS A 691 -11.07 -12.94 19.73
CA LYS A 691 -11.82 -11.73 19.45
C LYS A 691 -10.93 -10.66 18.83
N TRP A 692 -9.67 -10.62 19.25
CA TRP A 692 -8.73 -9.64 18.70
C TRP A 692 -8.46 -10.01 17.25
N SER A 693 -8.11 -11.27 17.01
CA SER A 693 -7.82 -11.72 15.65
C SER A 693 -9.01 -11.44 14.74
N ASP A 694 -10.19 -11.91 15.14
CA ASP A 694 -11.40 -11.70 14.34
C ASP A 694 -11.59 -10.23 13.99
N MET A 695 -11.35 -9.36 14.96
CA MET A 695 -11.48 -7.91 14.73
C MET A 695 -10.48 -7.45 13.66
N TYR A 696 -9.25 -7.93 13.75
CA TYR A 696 -8.23 -7.58 12.78
C TYR A 696 -8.63 -8.05 11.38
N GLY A 697 -9.12 -9.29 11.28
CA GLY A 697 -9.54 -9.80 9.99
C GLY A 697 -10.63 -8.94 9.42
N LEU A 698 -11.57 -8.55 10.28
CA LEU A 698 -12.68 -7.70 9.87
C LEU A 698 -12.10 -6.44 9.24
N ILE A 699 -11.03 -5.91 9.86
CA ILE A 699 -10.37 -4.71 9.37
C ILE A 699 -9.71 -4.96 8.02
N VAL A 700 -8.87 -5.99 7.94
CA VAL A 700 -8.19 -6.31 6.69
C VAL A 700 -9.20 -6.49 5.57
N ALA A 701 -10.33 -7.13 5.88
CA ALA A 701 -11.35 -7.36 4.87
C ALA A 701 -11.89 -6.05 4.30
N GLN A 702 -12.12 -5.07 5.18
CA GLN A 702 -12.65 -3.78 4.74
C GLN A 702 -11.58 -2.96 4.05
N TRP A 703 -10.34 -3.14 4.47
CA TRP A 703 -9.25 -2.40 3.87
C TRP A 703 -9.11 -2.82 2.40
N LEU A 704 -9.12 -4.13 2.17
CA LEU A 704 -8.99 -4.70 0.84
C LEU A 704 -10.12 -4.40 -0.13
N SER A 705 -11.35 -4.23 0.37
CA SER A 705 -12.48 -3.99 -0.52
C SER A 705 -13.06 -2.58 -0.58
N THR A 706 -12.50 -1.67 0.20
CA THR A 706 -12.98 -0.28 0.22
C THR A 706 -11.84 0.73 0.10
N VAL A 707 -10.64 0.31 0.48
CA VAL A 707 -9.48 1.19 0.41
C VAL A 707 -8.48 0.82 -0.68
N ASN A 708 -7.87 -0.35 -0.55
CA ASN A 708 -6.90 -0.80 -1.53
C ASN A 708 -7.51 -0.82 -2.94
N THR A 709 -8.81 -1.08 -3.04
CA THR A 709 -9.46 -1.06 -4.35
C THR A 709 -9.35 0.33 -4.96
N GLN A 710 -9.61 1.36 -4.17
CA GLN A 710 -9.51 2.72 -4.67
C GLN A 710 -8.09 3.01 -5.14
N PHE A 711 -7.10 2.58 -4.35
CA PHE A 711 -5.71 2.84 -4.73
C PHE A 711 -5.35 2.11 -6.02
N TYR A 712 -5.92 0.92 -6.22
CA TYR A 712 -5.66 0.19 -7.44
C TYR A 712 -6.16 1.03 -8.61
N THR A 713 -7.34 1.63 -8.43
CA THR A 713 -7.93 2.48 -9.46
C THR A 713 -7.00 3.64 -9.80
N ILE A 714 -6.32 4.15 -8.79
CA ILE A 714 -5.39 5.25 -8.97
C ILE A 714 -4.17 4.81 -9.76
N LYS A 715 -3.57 3.68 -9.38
CA LYS A 715 -2.41 3.18 -10.11
C LYS A 715 -2.77 3.02 -11.59
N GLU A 716 -3.96 2.51 -11.86
CA GLU A 716 -4.42 2.33 -13.23
C GLU A 716 -4.56 3.67 -13.92
N GLY A 717 -5.12 4.63 -13.18
CA GLY A 717 -5.31 5.97 -13.73
C GLY A 717 -3.99 6.58 -14.14
N MET A 718 -2.94 6.33 -13.35
CA MET A 718 -1.64 6.87 -13.67
C MET A 718 -1.04 6.20 -14.91
N TYR A 719 -1.29 4.90 -15.08
CA TYR A 719 -0.78 4.20 -16.25
C TYR A 719 -1.45 4.80 -17.49
N LYS A 720 -2.76 5.04 -17.42
CA LYS A 720 -3.47 5.61 -18.55
C LYS A 720 -3.00 7.04 -18.83
N ALA A 721 -2.85 7.82 -17.76
CA ALA A 721 -2.40 9.20 -17.86
C ALA A 721 -1.07 9.29 -18.59
N LEU A 722 -0.10 8.52 -18.11
CA LEU A 722 1.22 8.50 -18.72
C LEU A 722 1.17 8.07 -20.19
N ASN A 723 0.35 7.05 -20.48
CA ASN A 723 0.20 6.54 -21.82
C ASN A 723 -0.35 7.64 -22.73
N TYR A 724 -1.36 8.36 -22.25
CA TYR A 724 -1.94 9.45 -23.04
C TYR A 724 -0.89 10.51 -23.34
N GLN A 725 -0.04 10.81 -22.36
CA GLN A 725 0.98 11.81 -22.57
C GLN A 725 1.93 11.39 -23.67
N ALA A 726 2.34 10.12 -23.64
CA ALA A 726 3.26 9.63 -24.67
C ALA A 726 2.58 9.67 -26.04
N GLN A 727 1.33 9.22 -26.09
CA GLN A 727 0.59 9.20 -27.34
C GLN A 727 0.47 10.60 -27.90
N ALA A 728 0.17 11.57 -27.03
CA ALA A 728 0.02 12.95 -27.46
C ALA A 728 1.35 13.45 -28.06
N LEU A 729 2.44 13.20 -27.36
CA LEU A 729 3.73 13.64 -27.86
C LEU A 729 4.03 12.99 -29.20
N GLU A 730 3.75 11.70 -29.29
CA GLU A 730 3.98 10.92 -30.51
C GLU A 730 3.15 11.52 -31.64
N GLU A 731 1.92 11.90 -31.33
CA GLU A 731 1.02 12.50 -32.31
C GLU A 731 1.65 13.77 -32.85
N ILE A 732 2.14 14.62 -31.96
CA ILE A 732 2.76 15.87 -32.35
C ILE A 732 4.00 15.64 -33.20
N ILE A 733 4.84 14.71 -32.77
CA ILE A 733 6.06 14.39 -33.51
C ILE A 733 5.72 14.00 -34.95
N LYS A 734 4.77 13.07 -35.10
CA LYS A 734 4.36 12.58 -36.41
C LYS A 734 3.84 13.72 -37.26
N TYR A 735 3.01 14.57 -36.65
CA TYR A 735 2.44 15.71 -37.36
C TYR A 735 3.53 16.65 -37.88
N ARG A 736 4.44 17.03 -36.99
CA ARG A 736 5.54 17.93 -37.35
C ARG A 736 6.39 17.38 -38.49
N TYR A 737 6.77 16.12 -38.36
CA TYR A 737 7.59 15.45 -39.37
C TYR A 737 6.88 15.40 -40.72
N ASN A 738 5.61 15.08 -40.72
CA ASN A 738 4.90 15.00 -41.98
C ASN A 738 4.61 16.34 -42.66
N ILE A 739 5.04 17.43 -42.02
CA ILE A 739 4.82 18.75 -42.58
C ILE A 739 5.92 19.02 -43.60
N TYR A 740 7.05 18.36 -43.39
CA TYR A 740 8.18 18.54 -44.30
C TYR A 740 7.92 17.82 -45.62
N SER A 741 8.77 18.11 -46.60
CA SER A 741 8.67 17.49 -47.92
C SER A 741 9.35 16.13 -47.85
N GLU A 742 9.17 15.32 -48.88
CA GLU A 742 9.81 14.01 -48.90
C GLU A 742 11.31 14.20 -48.96
N LYS A 743 11.73 15.25 -49.66
CA LYS A 743 13.14 15.58 -49.80
C LYS A 743 13.74 15.86 -48.42
N GLU A 744 13.09 16.73 -47.66
CA GLU A 744 13.56 17.09 -46.32
C GLU A 744 13.50 15.88 -45.39
N LYS A 745 12.42 15.12 -45.47
CA LYS A 745 12.28 13.94 -44.62
C LYS A 745 13.46 13.01 -44.84
N SER A 746 13.87 12.86 -46.09
CA SER A 746 14.97 11.96 -46.40
C SER A 746 16.23 12.31 -45.66
N ASN A 747 16.44 13.59 -45.41
CA ASN A 747 17.64 14.03 -44.72
C ASN A 747 17.47 14.25 -43.23
N ILE A 748 16.30 13.89 -42.72
CA ILE A 748 16.00 14.01 -41.30
C ILE A 748 16.22 12.64 -40.65
N ASN A 749 17.21 12.56 -39.79
CA ASN A 749 17.54 11.31 -39.14
C ASN A 749 16.66 11.05 -37.93
N ILE A 750 15.69 10.16 -38.09
CA ILE A 750 14.77 9.83 -37.00
C ILE A 750 14.36 8.37 -37.00
N ASP A 751 14.37 7.77 -35.83
CA ASP A 751 14.02 6.37 -35.65
C ASP A 751 12.88 6.26 -34.64
N PHE A 752 11.65 6.20 -35.14
CA PHE A 752 10.47 6.11 -34.30
C PHE A 752 10.46 4.93 -33.34
N ASN A 753 11.27 3.93 -33.66
CA ASN A 753 11.34 2.76 -32.82
C ASN A 753 12.19 3.07 -31.59
N ASP A 754 13.18 3.95 -31.76
CA ASP A 754 14.02 4.31 -30.63
C ASP A 754 13.27 5.33 -29.77
N ILE A 755 12.49 6.19 -30.42
CA ILE A 755 11.70 7.17 -29.71
C ILE A 755 10.75 6.44 -28.78
N ASN A 756 9.91 5.60 -29.38
CA ASN A 756 8.94 4.82 -28.64
C ASN A 756 9.57 3.94 -27.57
N SER A 757 10.79 3.48 -27.83
CA SER A 757 11.49 2.66 -26.85
C SER A 757 11.89 3.55 -25.67
N LYS A 758 12.29 4.79 -25.98
CA LYS A 758 12.70 5.75 -24.96
C LYS A 758 11.50 6.10 -24.09
N LEU A 759 10.38 6.42 -24.73
CA LEU A 759 9.19 6.77 -23.99
C LEU A 759 8.77 5.62 -23.10
N ASN A 760 8.51 4.48 -23.73
CA ASN A 760 8.09 3.29 -23.02
C ASN A 760 8.94 2.99 -21.76
N GLU A 761 10.26 3.14 -21.89
CA GLU A 761 11.14 2.89 -20.77
C GLU A 761 10.86 3.88 -19.65
N GLY A 762 10.80 5.16 -20.01
CA GLY A 762 10.55 6.19 -19.03
C GLY A 762 9.25 5.95 -18.29
N ILE A 763 8.28 5.39 -19.01
CA ILE A 763 6.99 5.09 -18.43
C ILE A 763 7.11 3.93 -17.44
N ASN A 764 7.84 2.90 -17.83
CA ASN A 764 7.99 1.75 -16.96
C ASN A 764 8.66 2.13 -15.64
N GLN A 765 9.67 3.01 -15.71
CA GLN A 765 10.35 3.44 -14.49
C GLN A 765 9.37 4.17 -13.60
N ALA A 766 8.64 5.10 -14.21
CA ALA A 766 7.63 5.90 -13.52
C ALA A 766 6.57 5.01 -12.90
N ILE A 767 6.11 4.01 -13.65
CA ILE A 767 5.10 3.10 -13.14
C ILE A 767 5.57 2.41 -11.88
N ASP A 768 6.81 1.92 -11.88
CA ASP A 768 7.33 1.25 -10.70
C ASP A 768 7.33 2.18 -9.49
N ASN A 769 7.81 3.41 -9.70
CA ASN A 769 7.86 4.38 -8.64
C ASN A 769 6.45 4.64 -8.15
N ILE A 770 5.54 4.85 -9.09
CA ILE A 770 4.15 5.13 -8.74
C ILE A 770 3.51 3.98 -7.97
N ASN A 771 3.81 2.76 -8.38
CA ASN A 771 3.25 1.61 -7.70
C ASN A 771 3.74 1.51 -6.27
N ASN A 772 5.02 1.78 -6.04
CA ASN A 772 5.55 1.70 -4.69
C ASN A 772 4.95 2.76 -3.80
N PHE A 773 4.88 3.98 -4.34
CA PHE A 773 4.33 5.10 -3.62
C PHE A 773 2.90 4.80 -3.19
N ILE A 774 2.10 4.29 -4.12
CA ILE A 774 0.70 4.00 -3.83
C ILE A 774 0.53 2.83 -2.87
N ASN A 775 1.30 1.77 -3.02
CA ASN A 775 1.16 0.67 -2.08
C ASN A 775 1.52 1.19 -0.70
N GLY A 776 2.56 2.03 -0.63
CA GLY A 776 2.96 2.60 0.64
C GLY A 776 1.80 3.37 1.26
N CYS A 777 1.10 4.15 0.45
CA CYS A 777 -0.03 4.93 0.93
C CYS A 777 -1.10 3.99 1.48
N SER A 778 -1.47 3.00 0.68
CA SER A 778 -2.51 2.07 1.10
C SER A 778 -2.22 1.46 2.46
N VAL A 779 -1.01 0.95 2.63
CA VAL A 779 -0.62 0.33 3.88
C VAL A 779 -0.63 1.37 5.00
N SER A 780 -0.27 2.60 4.65
CA SER A 780 -0.25 3.68 5.62
C SER A 780 -1.65 3.94 6.12
N TYR A 781 -2.60 3.99 5.19
CA TYR A 781 -3.97 4.24 5.59
C TYR A 781 -4.47 3.12 6.52
N LEU A 782 -4.14 1.88 6.18
CA LEU A 782 -4.56 0.74 7.00
C LEU A 782 -4.06 0.91 8.43
N MET A 783 -2.74 0.97 8.57
CA MET A 783 -2.07 1.09 9.86
C MET A 783 -2.35 2.34 10.71
N LYS A 784 -2.61 3.48 10.08
CA LYS A 784 -2.83 4.70 10.86
C LYS A 784 -4.26 5.21 10.89
N LYS A 785 -5.03 4.86 9.87
CA LYS A 785 -6.40 5.33 9.82
C LYS A 785 -7.44 4.25 10.11
N MET A 786 -7.04 2.98 10.08
CA MET A 786 -7.99 1.91 10.33
C MET A 786 -7.69 1.09 11.57
N ILE A 787 -6.52 0.48 11.61
CA ILE A 787 -6.11 -0.34 12.74
C ILE A 787 -6.27 0.33 14.12
N PRO A 788 -5.78 1.57 14.30
CA PRO A 788 -5.92 2.20 15.61
C PRO A 788 -7.35 2.29 16.14
N LEU A 789 -8.33 2.47 15.26
CA LEU A 789 -9.73 2.54 15.69
C LEU A 789 -10.23 1.17 16.15
N ALA A 790 -9.64 0.10 15.62
CA ALA A 790 -10.04 -1.23 16.04
C ALA A 790 -9.40 -1.45 17.41
N VAL A 791 -8.18 -0.97 17.56
CA VAL A 791 -7.44 -1.11 18.81
C VAL A 791 -8.21 -0.46 19.96
N GLU A 792 -8.79 0.71 19.69
CA GLU A 792 -9.55 1.40 20.71
C GLU A 792 -10.63 0.49 21.29
N LYS A 793 -11.57 0.07 20.45
CA LYS A 793 -12.65 -0.80 20.89
C LYS A 793 -12.15 -2.10 21.50
N LEU A 794 -11.02 -2.61 21.01
CA LEU A 794 -10.46 -3.85 21.54
C LEU A 794 -9.92 -3.66 22.95
N LEU A 795 -9.38 -2.48 23.23
CA LEU A 795 -8.84 -2.20 24.57
C LEU A 795 -10.02 -1.92 25.50
N ASP A 796 -11.05 -1.30 24.95
CA ASP A 796 -12.26 -1.01 25.71
C ASP A 796 -12.83 -2.36 26.14
N PHE A 797 -12.85 -3.31 25.21
CA PHE A 797 -13.34 -4.64 25.49
C PHE A 797 -12.54 -5.26 26.62
N ASP A 798 -11.22 -5.23 26.48
CA ASP A 798 -10.33 -5.79 27.48
C ASP A 798 -10.72 -5.34 28.88
N ASN A 799 -10.83 -4.02 29.06
CA ASN A 799 -11.18 -3.48 30.36
C ASN A 799 -12.48 -4.09 30.88
N THR A 800 -13.54 -3.96 30.10
CA THR A 800 -14.84 -4.51 30.49
C THR A 800 -14.70 -5.97 30.85
N LEU A 801 -13.85 -6.69 30.13
CA LEU A 801 -13.62 -8.09 30.41
C LEU A 801 -12.81 -8.24 31.69
N LYS A 802 -11.90 -7.30 31.90
CA LYS A 802 -11.04 -7.32 33.08
C LYS A 802 -11.81 -7.42 34.38
N LYS A 803 -12.62 -6.41 34.68
CA LYS A 803 -13.42 -6.41 35.90
C LYS A 803 -14.31 -7.64 35.89
N ASN A 804 -14.88 -7.93 34.74
CA ASN A 804 -15.75 -9.07 34.55
C ASN A 804 -15.08 -10.32 35.12
N LEU A 805 -13.85 -10.56 34.68
CA LEU A 805 -13.09 -11.73 35.14
C LEU A 805 -12.76 -11.66 36.64
N LEU A 806 -12.34 -10.48 37.09
CA LEU A 806 -11.99 -10.30 38.50
C LEU A 806 -13.23 -10.54 39.36
N ASN A 807 -14.30 -9.80 39.04
CA ASN A 807 -15.54 -9.92 39.77
C ASN A 807 -15.97 -11.37 39.84
N TYR A 808 -15.52 -12.16 38.87
CA TYR A 808 -15.85 -13.58 38.82
C TYR A 808 -15.01 -14.33 39.84
N ILE A 809 -13.69 -14.27 39.70
CA ILE A 809 -12.78 -14.93 40.64
C ILE A 809 -13.21 -14.52 42.04
N ASP A 810 -13.66 -13.27 42.14
CA ASP A 810 -14.12 -12.70 43.39
C ASP A 810 -15.21 -13.61 43.99
N GLU A 811 -16.32 -13.69 43.27
CA GLU A 811 -17.46 -14.50 43.70
C GLU A 811 -17.15 -15.96 44.00
N ASN A 812 -16.08 -16.49 43.42
CA ASN A 812 -15.75 -17.90 43.66
C ASN A 812 -14.55 -18.12 44.58
N LYS A 813 -13.92 -17.03 45.03
CA LYS A 813 -12.75 -17.13 45.90
C LYS A 813 -12.89 -18.31 46.85
N LEU A 814 -14.11 -18.56 47.29
CA LEU A 814 -14.41 -19.68 48.19
C LEU A 814 -13.82 -20.95 47.59
N TYR A 815 -14.47 -21.41 46.52
CA TYR A 815 -14.07 -22.63 45.82
C TYR A 815 -12.75 -22.44 45.08
N LEU A 816 -12.07 -21.33 45.35
CA LEU A 816 -10.79 -21.06 44.73
C LEU A 816 -9.70 -21.16 45.78
N ILE A 817 -10.12 -21.18 47.03
CA ILE A 817 -9.24 -21.28 48.19
C ILE A 817 -7.82 -20.76 47.94
N GLY A 818 -6.82 -21.58 48.29
CA GLY A 818 -5.42 -21.20 48.13
C GLY A 818 -4.83 -21.20 46.74
N SER A 819 -5.51 -20.54 45.81
CA SER A 819 -5.04 -20.44 44.43
C SER A 819 -5.79 -19.30 43.75
N ALA A 820 -6.88 -18.87 44.37
CA ALA A 820 -7.71 -17.78 43.85
C ALA A 820 -6.81 -16.58 43.55
N GLU A 821 -5.59 -16.64 44.09
CA GLU A 821 -4.64 -15.56 43.90
C GLU A 821 -3.72 -15.78 42.70
N TYR A 822 -3.14 -16.97 42.62
CA TYR A 822 -2.25 -17.31 41.52
C TYR A 822 -2.90 -17.03 40.17
N GLU A 823 -4.23 -16.85 40.19
CA GLU A 823 -4.98 -16.59 38.98
C GLU A 823 -5.48 -15.15 38.88
N LYS A 824 -5.46 -14.45 40.00
CA LYS A 824 -5.90 -13.05 40.01
C LYS A 824 -4.92 -12.31 39.09
N SER A 825 -3.64 -12.61 39.29
CA SER A 825 -2.57 -12.01 38.51
C SER A 825 -2.66 -12.56 37.09
N LYS A 826 -2.71 -13.89 37.01
CA LYS A 826 -2.79 -14.59 35.73
C LYS A 826 -3.70 -13.85 34.76
N VAL A 827 -4.80 -13.32 35.26
CA VAL A 827 -5.73 -12.56 34.44
C VAL A 827 -5.11 -11.25 34.01
N ASN A 828 -4.74 -10.42 34.98
CA ASN A 828 -4.14 -9.14 34.69
C ASN A 828 -2.96 -9.23 33.73
N LYS A 829 -2.02 -10.14 34.02
CA LYS A 829 -0.85 -10.30 33.19
C LYS A 829 -1.16 -10.74 31.75
N TYR A 830 -2.41 -11.18 31.52
CA TYR A 830 -2.82 -11.60 30.19
C TYR A 830 -3.44 -10.41 29.47
N LEU A 831 -4.51 -9.86 30.04
CA LEU A 831 -5.17 -8.70 29.46
C LEU A 831 -4.18 -7.54 29.40
N LYS A 832 -2.96 -7.80 29.87
CA LYS A 832 -1.94 -6.78 29.88
C LYS A 832 -1.38 -6.61 28.47
N THR A 833 -0.47 -7.49 28.12
CA THR A 833 0.15 -7.48 26.79
C THR A 833 -0.84 -7.83 25.68
N ILE A 834 -1.19 -6.82 24.88
CA ILE A 834 -2.15 -6.96 23.78
C ILE A 834 -1.60 -7.72 22.57
N MET A 835 -2.44 -7.84 21.54
CA MET A 835 -2.07 -8.57 20.32
C MET A 835 -1.59 -7.67 19.19
N PRO A 836 -0.36 -7.91 18.69
CA PRO A 836 0.22 -7.13 17.60
C PRO A 836 -0.38 -7.56 16.26
N PHE A 837 -0.77 -6.60 15.45
CA PHE A 837 -1.36 -6.91 14.15
C PHE A 837 -0.34 -7.48 13.18
N ASP A 838 -0.72 -8.56 12.50
CA ASP A 838 0.14 -9.21 11.52
C ASP A 838 -0.68 -9.57 10.29
N LEU A 839 -0.48 -8.84 9.20
CA LEU A 839 -1.22 -9.08 7.96
C LEU A 839 -1.22 -10.53 7.48
N SER A 840 -0.04 -11.15 7.43
CA SER A 840 0.11 -12.52 6.96
C SER A 840 -0.80 -13.52 7.67
N ILE A 841 -1.41 -13.08 8.76
CA ILE A 841 -2.30 -13.94 9.53
C ILE A 841 -3.60 -14.10 8.79
N TYR A 842 -3.96 -13.08 8.01
CA TYR A 842 -5.21 -13.08 7.29
C TYR A 842 -5.09 -13.29 5.78
N THR A 843 -3.88 -13.59 5.34
CA THR A 843 -3.64 -13.81 3.92
C THR A 843 -2.24 -14.34 3.70
N ASN A 844 -2.04 -15.01 2.58
CA ASN A 844 -0.75 -15.54 2.23
C ASN A 844 -0.40 -15.04 0.83
N ASP A 845 -1.06 -13.95 0.44
CA ASP A 845 -0.82 -13.34 -0.85
C ASP A 845 0.56 -12.68 -0.85
N THR A 846 1.45 -13.20 -1.67
CA THR A 846 2.82 -12.69 -1.76
C THR A 846 2.91 -11.17 -1.88
N ILE A 847 2.14 -10.59 -2.80
CA ILE A 847 2.16 -9.16 -3.02
C ILE A 847 1.81 -8.35 -1.77
N LEU A 848 0.73 -8.72 -1.11
CA LEU A 848 0.30 -8.03 0.09
C LEU A 848 1.33 -8.16 1.20
N ILE A 849 1.75 -9.38 1.45
CA ILE A 849 2.72 -9.62 2.50
C ILE A 849 3.95 -8.73 2.30
N GLU A 850 4.43 -8.67 1.07
CA GLU A 850 5.61 -7.88 0.75
C GLU A 850 5.37 -6.39 0.96
N MET A 851 4.18 -5.93 0.59
CA MET A 851 3.84 -4.52 0.79
C MET A 851 4.02 -4.23 2.27
N PHE A 852 3.49 -5.12 3.08
CA PHE A 852 3.54 -5.01 4.53
C PHE A 852 4.97 -4.97 5.06
N ASN A 853 5.74 -5.99 4.74
CA ASN A 853 7.11 -6.06 5.22
C ASN A 853 7.89 -4.83 4.79
N LYS A 854 7.63 -4.36 3.57
CA LYS A 854 8.32 -3.18 3.08
C LYS A 854 8.00 -1.99 3.97
N TYR A 855 6.71 -1.77 4.21
CA TYR A 855 6.26 -0.67 5.05
C TYR A 855 6.94 -0.73 6.41
N ASN A 856 6.81 -1.89 7.05
CA ASN A 856 7.38 -2.09 8.38
C ASN A 856 8.89 -2.03 8.44
N SER A 857 9.55 -2.09 7.29
CA SER A 857 11.00 -2.04 7.27
C SER A 857 11.51 -0.61 7.04
N GLU A 858 10.57 0.33 6.94
CA GLU A 858 10.91 1.74 6.74
C GLU A 858 10.76 2.46 8.07
N ILE A 859 11.91 2.80 8.66
CA ILE A 859 11.98 3.48 9.93
C ILE A 859 11.05 4.70 10.04
N LEU A 860 10.92 5.46 8.97
CA LEU A 860 10.06 6.64 9.01
C LEU A 860 8.61 6.31 9.40
N ASN A 861 8.22 5.04 9.25
CA ASN A 861 6.86 4.63 9.61
C ASN A 861 6.74 4.36 11.11
N ASN A 862 7.88 4.38 11.81
CA ASN A 862 7.89 4.17 13.25
C ASN A 862 7.74 5.51 13.98
N ILE A 863 7.42 6.56 13.22
CA ILE A 863 7.23 7.88 13.79
C ILE A 863 5.82 8.00 14.32
N ILE A 864 5.68 8.10 15.63
CA ILE A 864 4.36 8.20 16.23
C ILE A 864 4.01 9.61 16.66
N LEU A 865 4.94 10.55 16.43
CA LEU A 865 4.75 11.95 16.74
C LEU A 865 5.80 12.80 16.03
N ASN A 866 5.33 13.77 15.26
CA ASN A 866 6.22 14.65 14.51
C ASN A 866 5.65 16.06 14.52
N LEU A 867 6.13 16.88 15.45
CA LEU A 867 5.64 18.25 15.55
C LEU A 867 6.29 19.17 14.53
N ARG A 868 5.47 19.75 13.65
CA ARG A 868 5.99 20.64 12.62
C ARG A 868 5.18 21.92 12.50
N TYR A 869 5.83 22.96 12.00
CA TYR A 869 5.20 24.25 11.82
C TYR A 869 4.40 24.30 10.52
N LYS A 870 3.22 24.92 10.59
CA LYS A 870 2.33 25.07 9.43
C LYS A 870 1.36 26.22 9.69
N ASP A 871 1.37 27.20 8.79
CA ASP A 871 0.49 28.35 8.92
C ASP A 871 0.48 28.88 10.35
N ASN A 872 1.66 29.31 10.79
CA ASN A 872 1.84 29.87 12.12
C ASN A 872 1.24 28.99 13.20
N ASN A 873 1.63 27.73 13.22
CA ASN A 873 1.13 26.80 14.22
C ASN A 873 1.87 25.47 14.16
N LEU A 874 1.94 24.79 15.29
CA LEU A 874 2.60 23.49 15.37
C LEU A 874 1.57 22.38 15.35
N ILE A 875 1.72 21.45 14.42
CA ILE A 875 0.81 20.32 14.33
C ILE A 875 1.62 19.02 14.22
N ASP A 876 0.95 17.90 14.51
CA ASP A 876 1.60 16.61 14.45
C ASP A 876 1.36 16.00 13.08
N LEU A 877 2.43 15.66 12.39
CA LEU A 877 2.30 15.07 11.07
C LEU A 877 2.73 13.61 11.07
N SER A 878 2.61 12.97 12.22
CA SER A 878 2.98 11.56 12.32
C SER A 878 1.91 10.80 11.55
N GLY A 879 0.74 11.39 11.45
CA GLY A 879 -0.34 10.75 10.74
C GLY A 879 -1.29 10.13 11.74
N TYR A 880 -0.89 10.10 13.01
CA TYR A 880 -1.72 9.53 14.08
C TYR A 880 -2.67 10.50 14.76
N GLY A 881 -2.71 11.75 14.31
CA GLY A 881 -3.62 12.75 14.86
C GLY A 881 -3.51 13.22 16.30
N ALA A 882 -2.30 13.28 16.85
CA ALA A 882 -2.15 13.77 18.21
C ALA A 882 -2.75 15.18 18.28
N LYS A 883 -3.41 15.51 19.39
CA LYS A 883 -4.00 16.84 19.55
C LYS A 883 -2.90 17.73 20.12
N VAL A 884 -2.74 18.91 19.54
CA VAL A 884 -1.70 19.82 19.98
C VAL A 884 -2.18 21.23 20.32
N GLU A 885 -2.03 21.61 21.58
CA GLU A 885 -2.40 22.94 22.06
C GLU A 885 -1.15 23.75 22.37
N VAL A 886 -0.91 24.78 21.57
CA VAL A 886 0.24 25.66 21.73
C VAL A 886 -0.27 26.94 22.38
N TYR A 887 0.12 27.18 23.62
CA TYR A 887 -0.35 28.37 24.31
C TYR A 887 0.34 29.68 23.90
N ASP A 888 -0.32 30.78 24.26
CA ASP A 888 0.13 32.14 23.91
C ASP A 888 1.60 32.50 24.15
N GLY A 889 2.15 32.07 25.27
CA GLY A 889 3.54 32.39 25.57
C GLY A 889 4.61 31.68 24.75
N VAL A 890 4.19 30.89 23.76
CA VAL A 890 5.16 30.19 22.93
C VAL A 890 5.37 30.86 21.59
N GLU A 891 6.62 31.16 21.29
CA GLU A 891 7.01 31.83 20.04
C GLU A 891 7.48 30.81 19.00
N LEU A 892 6.95 30.89 17.78
CA LEU A 892 7.34 29.99 16.70
C LEU A 892 7.64 30.74 15.42
N ASN A 893 8.44 30.15 14.54
CA ASN A 893 8.77 30.77 13.26
C ASN A 893 8.69 29.71 12.16
N ASP A 894 8.77 30.15 10.91
CA ASP A 894 8.66 29.21 9.80
C ASP A 894 9.96 28.45 9.57
N LYS A 895 10.86 28.56 10.54
CA LYS A 895 12.14 27.86 10.48
C LYS A 895 11.98 26.64 11.37
N ASN A 896 10.73 26.42 11.80
CA ASN A 896 10.37 25.30 12.68
C ASN A 896 11.01 25.41 14.05
N GLN A 897 11.38 26.63 14.42
CA GLN A 897 11.97 26.86 15.73
C GLN A 897 10.86 27.38 16.66
N PHE A 898 10.86 26.89 17.89
CA PHE A 898 9.90 27.38 18.86
C PHE A 898 10.64 27.62 20.18
N LYS A 899 10.23 28.66 20.89
CA LYS A 899 10.89 29.07 22.12
C LYS A 899 10.06 28.97 23.40
N LEU A 900 10.63 28.32 24.41
CA LEU A 900 9.99 28.18 25.71
C LEU A 900 10.60 29.23 26.63
N THR A 901 9.76 30.03 27.24
CA THR A 901 10.19 31.11 28.14
C THR A 901 9.84 30.79 29.58
N SER A 902 10.11 31.75 30.46
CA SER A 902 9.81 31.56 31.88
C SER A 902 8.35 31.85 32.19
N SER A 903 7.58 32.26 31.19
CA SER A 903 6.17 32.59 31.41
C SER A 903 5.24 31.38 31.57
N ALA A 904 4.26 31.53 32.45
CA ALA A 904 3.31 30.47 32.73
C ALA A 904 2.60 29.95 31.48
N ASN A 905 2.35 30.83 30.51
CA ASN A 905 1.67 30.41 29.29
C ASN A 905 2.58 30.00 28.12
N SER A 906 3.88 29.93 28.37
CA SER A 906 4.81 29.50 27.32
C SER A 906 4.78 27.98 27.53
N LYS A 907 3.82 27.33 26.89
CA LYS A 907 3.64 25.91 27.09
C LYS A 907 2.94 25.21 25.94
N ILE A 908 3.23 23.92 25.78
CA ILE A 908 2.62 23.13 24.73
C ILE A 908 2.10 21.82 25.33
N ARG A 909 0.87 21.47 24.97
CA ARG A 909 0.25 20.26 25.48
C ARG A 909 -0.07 19.29 24.34
N VAL A 910 0.50 18.10 24.40
CA VAL A 910 0.26 17.10 23.37
C VAL A 910 -0.53 15.93 23.94
N THR A 911 -1.68 15.66 23.35
CA THR A 911 -2.50 14.54 23.80
C THR A 911 -2.25 13.44 22.78
N GLN A 912 -1.50 12.44 23.20
CA GLN A 912 -1.13 11.33 22.34
C GLN A 912 -2.26 10.38 22.04
N ASN A 913 -2.14 9.70 20.91
CA ASN A 913 -3.11 8.72 20.45
C ASN A 913 -2.91 7.52 21.36
N GLN A 914 -3.99 7.10 22.01
CA GLN A 914 -3.92 5.98 22.94
C GLN A 914 -4.01 4.62 22.27
N ASN A 915 -4.29 4.60 20.97
CA ASN A 915 -4.43 3.33 20.28
C ASN A 915 -3.25 2.83 19.48
N ILE A 916 -2.10 3.44 19.68
CA ILE A 916 -0.91 3.02 18.97
C ILE A 916 -0.18 2.07 19.88
N ILE A 917 0.19 0.88 19.38
CA ILE A 917 0.92 -0.05 20.23
C ILE A 917 2.22 0.64 20.60
N PHE A 918 2.37 0.93 21.89
CA PHE A 918 3.54 1.63 22.41
C PHE A 918 4.18 0.81 23.54
N ASN A 919 3.40 -0.11 24.11
CA ASN A 919 3.88 -0.93 25.21
C ASN A 919 4.50 -2.24 24.73
N SER A 920 5.66 -2.16 24.07
CA SER A 920 6.35 -3.33 23.56
C SER A 920 6.48 -4.36 24.67
N VAL A 921 6.43 -3.86 25.91
CA VAL A 921 6.54 -4.65 27.14
C VAL A 921 8.00 -4.85 27.55
N PHE A 922 8.83 -3.86 27.23
CA PHE A 922 10.24 -3.87 27.59
C PHE A 922 10.83 -2.49 27.32
N LEU A 923 9.98 -1.56 26.90
CA LEU A 923 10.36 -0.19 26.60
C LEU A 923 11.29 -0.18 25.40
N ASP A 924 10.80 0.35 24.30
CA ASP A 924 11.56 0.39 23.07
C ASP A 924 11.13 1.56 22.21
N PHE A 925 11.76 2.71 22.43
CA PHE A 925 11.42 3.90 21.67
C PHE A 925 12.51 4.98 21.72
N SER A 926 12.42 5.92 20.80
CA SER A 926 13.39 6.98 20.70
C SER A 926 12.73 8.35 20.60
N VAL A 927 13.49 9.38 20.98
CA VAL A 927 13.04 10.77 20.93
C VAL A 927 14.17 11.57 20.31
N SER A 928 13.86 12.41 19.31
CA SER A 928 14.90 13.22 18.69
C SER A 928 14.47 14.67 18.58
N PHE A 929 15.42 15.58 18.70
CA PHE A 929 15.13 17.00 18.61
C PHE A 929 16.39 17.88 18.65
N TRP A 930 16.26 19.08 18.09
CA TRP A 930 17.36 20.03 18.09
C TRP A 930 17.09 21.02 19.22
N ILE A 931 18.15 21.59 19.77
CA ILE A 931 17.98 22.52 20.87
C ILE A 931 19.09 23.54 20.96
N ARG A 932 18.74 24.73 21.47
CA ARG A 932 19.71 25.79 21.65
C ARG A 932 19.52 26.30 23.06
N ILE A 933 20.52 26.05 23.90
CA ILE A 933 20.49 26.44 25.30
C ILE A 933 21.39 27.64 25.56
N PRO A 934 20.79 28.74 26.04
CA PRO A 934 21.56 29.97 26.31
C PRO A 934 22.65 29.83 27.33
N LYS A 935 23.69 30.65 27.16
CA LYS A 935 24.82 30.69 28.08
C LYS A 935 24.30 31.16 29.42
N TYR A 936 24.96 30.72 30.47
CA TYR A 936 24.64 31.09 31.84
C TYR A 936 24.96 32.58 32.05
N LYS A 937 24.28 33.22 32.99
CA LYS A 937 24.57 34.61 33.30
C LYS A 937 25.80 34.53 34.21
N ASN A 938 26.84 35.30 33.90
CA ASN A 938 28.05 35.26 34.71
C ASN A 938 27.78 35.60 36.17
N ASP A 939 26.80 36.45 36.45
CA ASP A 939 26.51 36.79 37.83
C ASP A 939 25.50 35.84 38.47
N GLY A 940 24.97 34.89 37.70
CA GLY A 940 24.03 33.94 38.25
C GLY A 940 24.48 32.50 38.06
N ILE A 941 25.78 32.28 38.13
CA ILE A 941 26.34 30.95 37.92
C ILE A 941 26.01 29.88 38.96
N GLN A 942 25.80 30.29 40.21
CA GLN A 942 25.46 29.34 41.28
C GLN A 942 24.10 28.69 41.04
N ASN A 943 23.10 29.52 40.76
CA ASN A 943 21.75 29.03 40.52
C ASN A 943 21.73 28.17 39.25
N TYR A 944 22.47 28.62 38.25
CA TYR A 944 22.59 27.93 36.97
C TYR A 944 23.03 26.49 37.17
N ILE A 945 24.09 26.28 37.95
CA ILE A 945 24.56 24.93 38.15
C ILE A 945 23.78 24.17 39.22
N HIS A 946 22.98 24.90 39.99
CA HIS A 946 22.21 24.28 41.07
C HIS A 946 20.77 23.94 40.75
N ASN A 947 20.09 24.79 39.99
CA ASN A 947 18.68 24.57 39.71
C ASN A 947 18.28 23.68 38.53
N GLU A 948 17.80 22.48 38.83
CA GLU A 948 17.35 21.58 37.79
C GLU A 948 15.93 22.00 37.44
N TYR A 949 15.64 22.06 36.15
CA TYR A 949 14.31 22.41 35.71
C TYR A 949 13.84 21.56 34.55
N THR A 950 12.59 21.13 34.65
CA THR A 950 11.99 20.30 33.64
C THR A 950 11.65 21.12 32.40
N ILE A 951 11.82 20.54 31.21
CA ILE A 951 11.47 21.24 29.99
C ILE A 951 10.38 20.48 29.24
N ILE A 952 10.42 19.15 29.33
CA ILE A 952 9.44 18.31 28.66
C ILE A 952 9.05 17.18 29.62
N ASN A 953 7.77 17.11 29.95
CA ASN A 953 7.31 16.10 30.90
C ASN A 953 6.17 15.26 30.34
N CYS A 954 6.29 13.94 30.44
CA CYS A 954 5.27 13.02 29.96
C CYS A 954 5.00 11.97 31.02
N MET A 955 4.03 12.25 31.88
CA MET A 955 3.71 11.33 32.97
C MET A 955 2.27 10.85 32.99
N LYS A 956 2.09 9.66 33.54
CA LYS A 956 0.75 9.09 33.70
C LYS A 956 0.78 8.14 34.88
N ASN A 957 0.19 8.58 35.97
CA ASN A 957 0.14 7.78 37.19
C ASN A 957 1.52 7.66 37.80
N ASN A 958 2.18 8.80 37.90
CA ASN A 958 3.51 8.88 38.50
C ASN A 958 4.53 7.99 37.82
N SER A 959 4.28 7.70 36.55
CA SER A 959 5.19 6.89 35.76
C SER A 959 5.35 7.57 34.40
N GLY A 960 6.56 7.52 33.85
CA GLY A 960 6.77 8.13 32.56
C GLY A 960 8.20 8.59 32.33
N TRP A 961 8.37 9.51 31.40
CA TRP A 961 9.68 10.03 31.09
C TRP A 961 9.69 11.54 31.12
N LYS A 962 10.88 12.11 31.21
CA LYS A 962 11.02 13.55 31.22
C LYS A 962 12.42 14.00 30.83
N ILE A 963 12.49 15.17 30.22
CA ILE A 963 13.75 15.77 29.84
C ILE A 963 13.86 17.03 30.68
N SER A 964 14.95 17.14 31.42
CA SER A 964 15.17 18.30 32.28
C SER A 964 16.56 18.87 32.06
N ILE A 965 16.81 20.03 32.65
CA ILE A 965 18.10 20.66 32.51
C ILE A 965 18.61 21.26 33.80
N ARG A 966 19.91 21.13 34.02
CA ARG A 966 20.52 21.74 35.18
C ARG A 966 21.79 22.37 34.66
N GLY A 967 21.74 23.69 34.50
CA GLY A 967 22.88 24.42 34.00
C GLY A 967 23.35 23.91 32.63
N ASN A 968 24.56 23.38 32.61
CA ASN A 968 25.19 22.87 31.40
C ASN A 968 24.94 21.38 31.17
N ARG A 969 23.93 20.83 31.84
CA ARG A 969 23.62 19.41 31.71
C ARG A 969 22.17 19.13 31.32
N ILE A 970 21.98 18.30 30.30
CA ILE A 970 20.63 17.91 29.91
C ILE A 970 20.43 16.48 30.39
N ILE A 971 19.27 16.21 30.98
CA ILE A 971 18.98 14.91 31.57
C ILE A 971 17.72 14.20 31.10
N TRP A 972 17.84 12.89 30.93
CA TRP A 972 16.73 12.03 30.53
C TRP A 972 16.39 11.16 31.74
N THR A 973 15.13 11.15 32.14
CA THR A 973 14.70 10.37 33.31
C THR A 973 13.47 9.51 33.06
N LEU A 974 13.51 8.29 33.58
CA LEU A 974 12.41 7.33 33.44
C LEU A 974 11.88 6.89 34.81
N ILE A 975 10.59 6.64 34.90
CA ILE A 975 10.00 6.18 36.16
C ILE A 975 9.07 5.01 35.87
N ASP A 976 9.38 3.83 36.39
CA ASP A 976 8.53 2.68 36.14
C ASP A 976 7.32 2.75 37.06
N ILE A 977 6.31 1.95 36.75
CA ILE A 977 5.07 1.94 37.53
C ILE A 977 5.26 1.85 39.05
N ASN A 978 6.47 1.50 39.48
CA ASN A 978 6.75 1.38 40.91
C ASN A 978 7.36 2.63 41.52
N GLY A 979 7.80 3.56 40.67
CA GLY A 979 8.41 4.77 41.18
C GLY A 979 9.92 4.67 41.07
N LYS A 980 10.40 3.52 40.66
CA LYS A 980 11.84 3.32 40.49
C LYS A 980 12.29 4.21 39.34
N THR A 981 13.38 4.94 39.57
CA THR A 981 13.91 5.87 38.57
C THR A 981 15.28 5.52 38.00
N LYS A 982 15.52 6.00 36.79
CA LYS A 982 16.79 5.82 36.12
C LYS A 982 17.02 7.04 35.24
N SER A 983 18.26 7.46 35.13
CA SER A 983 18.58 8.61 34.30
C SER A 983 19.87 8.42 33.52
N VAL A 984 20.04 9.27 32.51
CA VAL A 984 21.23 9.27 31.69
C VAL A 984 21.31 10.74 31.30
N PHE A 985 22.50 11.31 31.31
CA PHE A 985 22.60 12.73 31.00
C PHE A 985 23.77 13.05 30.08
N PHE A 986 23.76 14.28 29.57
CA PHE A 986 24.83 14.75 28.73
C PHE A 986 25.21 16.12 29.25
N GLU A 987 26.47 16.28 29.64
CA GLU A 987 26.91 17.56 30.17
C GLU A 987 28.04 18.10 29.32
N TYR A 988 27.90 19.33 28.84
CA TYR A 988 28.97 19.94 28.05
C TYR A 988 29.78 20.82 28.98
N ASN A 989 31.07 20.92 28.71
CA ASN A 989 32.00 21.69 29.51
C ASN A 989 31.81 23.21 29.43
N ILE A 990 31.87 23.89 30.56
CA ILE A 990 31.73 25.34 30.54
C ILE A 990 33.03 26.05 30.91
N ARG A 991 34.16 25.37 30.69
CA ARG A 991 35.45 25.95 30.98
C ARG A 991 36.31 26.05 29.72
N GLU A 992 35.69 25.85 28.56
CA GLU A 992 36.42 25.91 27.30
C GLU A 992 36.46 27.30 26.67
N ASP A 993 37.56 27.61 26.01
CA ASP A 993 37.73 28.89 25.34
C ASP A 993 36.57 29.13 24.39
N ILE A 994 36.27 28.10 23.62
CA ILE A 994 35.18 28.15 22.66
C ILE A 994 34.46 26.81 22.77
N SER A 995 33.15 26.86 22.91
CA SER A 995 32.35 25.65 23.03
C SER A 995 31.51 25.40 21.79
N GLU A 996 31.31 24.13 21.45
CA GLU A 996 30.51 23.77 20.30
C GLU A 996 29.05 23.70 20.69
N TYR A 997 28.78 23.75 22.00
CA TYR A 997 27.40 23.62 22.44
C TYR A 997 26.69 24.83 23.04
N ILE A 998 27.37 25.60 23.90
CA ILE A 998 26.72 26.73 24.54
C ILE A 998 26.08 27.73 23.60
N ASN A 999 24.76 27.84 23.71
CA ASN A 999 23.96 28.76 22.92
C ASN A 999 24.01 28.39 21.43
N ARG A 1000 24.38 27.15 21.15
CA ARG A 1000 24.45 26.70 19.76
C ARG A 1000 23.55 25.53 19.47
N TRP A 1001 22.82 25.62 18.37
CA TRP A 1001 21.94 24.55 17.96
C TRP A 1001 22.72 23.25 17.83
N PHE A 1002 22.18 22.19 18.42
CA PHE A 1002 22.79 20.87 18.31
C PHE A 1002 21.70 19.81 18.37
N PHE A 1003 21.98 18.68 17.73
CA PHE A 1003 21.02 17.59 17.61
C PHE A 1003 21.07 16.56 18.73
N VAL A 1004 19.91 16.32 19.34
CA VAL A 1004 19.81 15.35 20.42
C VAL A 1004 18.97 14.14 19.98
N THR A 1005 19.32 12.97 20.50
CA THR A 1005 18.57 11.75 20.20
C THR A 1005 18.74 10.80 21.37
N ILE A 1006 17.61 10.32 21.89
CA ILE A 1006 17.61 9.41 23.03
C ILE A 1006 16.95 8.09 22.66
N THR A 1007 17.67 6.98 22.87
CA THR A 1007 17.11 5.69 22.54
C THR A 1007 16.92 4.84 23.80
N ASN A 1008 15.87 4.04 23.79
CA ASN A 1008 15.54 3.19 24.91
C ASN A 1008 15.23 1.78 24.42
N ASN A 1009 15.74 0.79 25.13
CA ASN A 1009 15.49 -0.60 24.82
C ASN A 1009 15.53 -1.34 26.16
N LEU A 1010 15.06 -2.59 26.19
CA LEU A 1010 15.03 -3.37 27.43
C LEU A 1010 16.29 -3.28 28.29
N ASN A 1011 17.42 -2.93 27.69
CA ASN A 1011 18.65 -2.86 28.45
C ASN A 1011 19.29 -1.49 28.66
N ASN A 1012 19.23 -0.62 27.66
CA ASN A 1012 19.86 0.69 27.80
C ASN A 1012 19.08 1.94 27.46
N ALA A 1013 19.59 3.03 28.00
CA ALA A 1013 19.06 4.37 27.77
C ALA A 1013 20.29 5.09 27.22
N LYS A 1014 20.25 5.44 25.95
CA LYS A 1014 21.39 6.10 25.33
C LYS A 1014 21.09 7.50 24.83
N ILE A 1015 22.04 8.40 25.05
CA ILE A 1015 21.90 9.78 24.58
C ILE A 1015 22.92 10.01 23.48
N TYR A 1016 22.44 10.49 22.34
CA TYR A 1016 23.30 10.78 21.21
C TYR A 1016 23.34 12.29 21.01
N ILE A 1017 24.51 12.80 20.64
CA ILE A 1017 24.64 14.22 20.40
C ILE A 1017 25.24 14.36 19.01
N ASN A 1018 24.51 15.04 18.13
CA ASN A 1018 24.95 15.25 16.76
C ASN A 1018 25.36 13.96 16.08
N GLY A 1019 24.59 12.90 16.31
CA GLY A 1019 24.89 11.62 15.69
C GLY A 1019 25.88 10.73 16.42
N LYS A 1020 26.59 11.26 17.39
CA LYS A 1020 27.55 10.48 18.15
C LYS A 1020 26.99 10.08 19.52
N LEU A 1021 27.34 8.89 19.99
CA LEU A 1021 26.87 8.43 21.29
C LEU A 1021 27.72 9.09 22.37
N GLU A 1022 27.07 9.68 23.36
CA GLU A 1022 27.78 10.36 24.43
C GLU A 1022 27.57 9.76 25.82
N SER A 1023 26.41 9.16 26.06
CA SER A 1023 26.13 8.61 27.38
C SER A 1023 25.25 7.39 27.30
N ASN A 1024 25.46 6.49 28.25
CA ASN A 1024 24.70 5.23 28.28
C ASN A 1024 24.31 4.86 29.70
N THR A 1025 23.14 4.26 29.86
CA THR A 1025 22.70 3.83 31.18
C THR A 1025 21.94 2.52 31.10
N ASP A 1026 22.35 1.57 31.92
CA ASP A 1026 21.71 0.25 31.97
C ASP A 1026 20.36 0.45 32.64
N ILE A 1027 19.29 0.00 31.99
CA ILE A 1027 17.97 0.16 32.56
C ILE A 1027 17.19 -1.15 32.64
N LYS A 1028 17.91 -2.26 32.75
CA LYS A 1028 17.28 -3.57 32.85
C LYS A 1028 16.35 -3.65 34.05
N ASP A 1029 16.75 -3.03 35.15
CA ASP A 1029 15.97 -3.01 36.39
C ASP A 1029 14.61 -2.37 36.22
N ILE A 1030 14.57 -1.19 35.62
CA ILE A 1030 13.32 -0.47 35.41
C ILE A 1030 12.22 -1.41 34.92
N ARG A 1031 11.03 -1.25 35.48
CA ARG A 1031 9.91 -2.08 35.07
C ARG A 1031 9.06 -1.33 34.06
N GLU A 1032 7.80 -1.68 33.94
CA GLU A 1032 6.94 -1.01 32.99
C GLU A 1032 7.05 0.49 33.17
N VAL A 1033 6.89 1.21 32.06
CA VAL A 1033 6.95 2.66 32.05
C VAL A 1033 5.87 3.21 31.13
N ILE A 1034 4.83 3.77 31.72
CA ILE A 1034 3.75 4.34 30.89
C ILE A 1034 4.32 5.52 30.10
N ALA A 1035 4.29 5.44 28.78
CA ALA A 1035 4.87 6.51 27.96
C ALA A 1035 3.92 7.26 27.05
N ASN A 1036 2.64 6.90 27.01
CA ASN A 1036 1.74 7.60 26.11
C ASN A 1036 0.87 8.63 26.81
N GLY A 1037 1.29 9.03 28.01
CA GLY A 1037 0.54 10.03 28.75
C GLY A 1037 0.67 11.38 28.06
N GLU A 1038 0.02 12.39 28.62
CA GLU A 1038 0.07 13.72 28.05
C GLU A 1038 1.52 14.23 28.07
N ILE A 1039 1.91 14.98 27.05
CA ILE A 1039 3.26 15.53 26.99
C ILE A 1039 3.18 17.05 27.19
N ILE A 1040 3.89 17.54 28.19
CA ILE A 1040 3.89 18.97 28.48
C ILE A 1040 5.25 19.61 28.21
N PHE A 1041 5.25 20.62 27.34
CA PHE A 1041 6.47 21.36 27.01
C PHE A 1041 6.40 22.68 27.78
N LYS A 1042 7.26 22.83 28.79
CA LYS A 1042 7.24 24.04 29.59
C LYS A 1042 8.41 24.03 30.57
N LEU A 1043 8.96 25.21 30.84
CA LEU A 1043 10.05 25.28 31.79
C LEU A 1043 9.43 25.17 33.18
N ASP A 1044 9.90 24.23 33.99
CA ASP A 1044 9.37 24.09 35.33
C ASP A 1044 10.43 23.74 36.36
N GLY A 1045 10.74 24.74 37.18
CA GLY A 1045 11.73 24.59 38.22
C GLY A 1045 12.10 26.00 38.67
N ASP A 1046 12.96 26.11 39.66
CA ASP A 1046 13.33 27.45 40.10
C ASP A 1046 14.26 28.06 39.06
N ILE A 1047 13.67 28.64 38.02
CA ILE A 1047 14.44 29.24 36.95
C ILE A 1047 14.52 30.76 37.05
N ASP A 1048 15.56 31.31 36.44
CA ASP A 1048 15.69 32.75 36.46
C ASP A 1048 14.63 33.23 35.48
N ARG A 1049 14.09 34.42 35.72
CA ARG A 1049 13.03 34.95 34.86
C ARG A 1049 13.46 35.18 33.41
N THR A 1050 14.77 35.25 33.18
CA THR A 1050 15.31 35.48 31.84
C THR A 1050 15.62 34.16 31.13
N GLN A 1051 15.40 33.04 31.81
CA GLN A 1051 15.69 31.73 31.24
C GLN A 1051 14.73 31.33 30.13
N PHE A 1052 15.30 30.82 29.03
CA PHE A 1052 14.53 30.34 27.90
C PHE A 1052 15.27 29.18 27.25
N ILE A 1053 14.62 28.57 26.26
CA ILE A 1053 15.15 27.42 25.54
C ILE A 1053 14.50 27.41 24.15
N TRP A 1054 15.30 27.12 23.12
CA TRP A 1054 14.78 27.03 21.75
C TRP A 1054 14.77 25.56 21.36
N MET A 1055 13.71 25.14 20.69
CA MET A 1055 13.59 23.75 20.27
C MET A 1055 13.15 23.64 18.81
N LYS A 1056 13.50 22.54 18.15
CA LYS A 1056 13.15 22.34 16.75
C LYS A 1056 13.09 20.86 16.32
N TYR A 1057 12.13 20.53 15.48
CA TYR A 1057 11.96 19.16 14.97
C TYR A 1057 11.79 18.09 16.06
N PHE A 1058 10.88 18.30 17.00
CA PHE A 1058 10.67 17.32 18.05
C PHE A 1058 9.88 16.14 17.47
N SER A 1059 10.40 14.93 17.63
CA SER A 1059 9.70 13.78 17.11
C SER A 1059 9.96 12.53 17.96
N ILE A 1060 9.05 11.56 17.85
CA ILE A 1060 9.16 10.32 18.61
C ILE A 1060 8.97 9.08 17.74
N PHE A 1061 9.79 8.06 17.99
CA PHE A 1061 9.70 6.82 17.26
C PHE A 1061 9.36 5.72 18.27
N ASN A 1062 8.53 4.77 17.84
CA ASN A 1062 8.15 3.68 18.74
C ASN A 1062 9.10 2.51 18.56
N THR A 1063 10.39 2.83 18.51
CA THR A 1063 11.43 1.83 18.36
C THR A 1063 12.78 2.47 18.68
N GLU A 1064 13.81 1.64 18.81
CA GLU A 1064 15.15 2.13 19.10
C GLU A 1064 15.88 2.41 17.79
N LEU A 1065 16.28 3.67 17.61
CA LEU A 1065 17.00 4.07 16.40
C LEU A 1065 18.45 3.62 16.51
N SER A 1066 18.99 3.14 15.40
CA SER A 1066 20.39 2.70 15.37
C SER A 1066 21.30 3.91 15.18
N GLN A 1067 22.58 3.74 15.48
CA GLN A 1067 23.54 4.84 15.32
C GLN A 1067 23.46 5.35 13.89
N SER A 1068 23.22 4.42 12.97
CA SER A 1068 23.12 4.76 11.56
C SER A 1068 21.93 5.65 11.25
N ASN A 1069 20.76 5.28 11.77
CA ASN A 1069 19.54 6.07 11.56
C ASN A 1069 19.76 7.47 12.11
N ILE A 1070 20.32 7.53 13.31
CA ILE A 1070 20.58 8.77 14.01
C ILE A 1070 21.53 9.68 13.24
N GLU A 1071 22.66 9.11 12.81
CA GLU A 1071 23.63 9.86 12.04
C GLU A 1071 22.95 10.39 10.78
N GLU A 1072 22.10 9.57 10.19
CA GLU A 1072 21.39 9.92 8.98
C GLU A 1072 20.32 11.00 9.19
N ARG A 1073 19.66 10.99 10.34
CA ARG A 1073 18.64 11.99 10.63
C ARG A 1073 19.35 13.31 10.88
N TYR A 1074 20.52 13.23 11.49
CA TYR A 1074 21.33 14.40 11.79
C TYR A 1074 21.68 15.12 10.50
N LYS A 1075 22.17 14.36 9.52
CA LYS A 1075 22.55 14.93 8.24
C LYS A 1075 21.36 15.51 7.48
N ILE A 1076 20.24 14.79 7.49
CA ILE A 1076 19.06 15.24 6.78
C ILE A 1076 18.52 16.54 7.36
N GLN A 1077 18.51 16.63 8.69
CA GLN A 1077 17.99 17.83 9.31
C GLN A 1077 18.99 18.99 9.31
N SER A 1078 20.27 18.67 9.12
CA SER A 1078 21.31 19.70 9.09
C SER A 1078 21.35 20.42 7.74
N TYR A 1079 20.89 19.74 6.69
CA TYR A 1079 20.92 20.28 5.35
C TYR A 1079 20.13 21.55 5.09
N SER A 1080 20.68 22.40 4.25
CA SER A 1080 20.03 23.65 3.85
C SER A 1080 20.81 24.22 2.67
N GLU A 1081 20.15 25.07 1.88
CA GLU A 1081 20.79 25.71 0.73
C GLU A 1081 21.67 26.83 1.28
N TYR A 1082 21.15 27.50 2.29
CA TYR A 1082 21.85 28.60 2.92
C TYR A 1082 22.94 28.13 3.86
N LEU A 1083 23.84 29.06 4.19
CA LEU A 1083 24.92 28.78 5.12
C LEU A 1083 24.37 29.16 6.49
N LYS A 1084 25.09 28.76 7.54
CA LYS A 1084 24.66 29.04 8.90
C LYS A 1084 25.57 30.09 9.53
N ASP A 1085 25.18 30.57 10.72
CA ASP A 1085 26.03 31.49 11.44
C ASP A 1085 26.56 30.68 12.63
N PHE A 1086 27.38 31.32 13.45
CA PHE A 1086 28.01 30.67 14.59
C PHE A 1086 27.05 29.89 15.49
N TRP A 1087 25.88 30.47 15.73
CA TRP A 1087 24.89 29.84 16.60
C TRP A 1087 24.14 28.70 15.91
N GLY A 1088 24.25 28.63 14.58
CA GLY A 1088 23.56 27.59 13.85
C GLY A 1088 22.32 28.07 13.12
N ASN A 1089 22.08 29.38 13.14
CA ASN A 1089 20.93 29.93 12.44
C ASN A 1089 21.40 30.33 11.04
N PRO A 1090 20.47 30.49 10.09
CA PRO A 1090 20.88 30.87 8.73
C PRO A 1090 21.62 32.20 8.63
N LEU A 1091 22.61 32.24 7.75
CA LEU A 1091 23.43 33.43 7.54
C LEU A 1091 22.63 34.47 6.79
N MET A 1092 22.75 35.73 7.19
CA MET A 1092 21.99 36.82 6.56
C MET A 1092 22.85 37.93 5.93
N TYR A 1093 22.28 38.61 4.94
CA TYR A 1093 22.94 39.75 4.33
C TYR A 1093 22.56 40.93 5.20
N ASN A 1094 23.34 42.01 5.13
CA ASN A 1094 23.04 43.22 5.88
C ASN A 1094 22.81 43.00 7.37
N LYS A 1095 23.63 42.14 7.97
CA LYS A 1095 23.55 41.84 9.38
C LYS A 1095 24.95 41.87 9.98
N GLU A 1096 25.13 42.63 11.04
CA GLU A 1096 26.44 42.73 11.68
C GLU A 1096 26.87 41.41 12.30
N TYR A 1097 28.11 41.02 12.04
CA TYR A 1097 28.69 39.78 12.57
C TYR A 1097 30.16 39.95 12.94
N TYR A 1098 30.59 39.31 14.02
CA TYR A 1098 32.01 39.34 14.35
C TYR A 1098 32.55 38.07 13.67
N MET A 1099 33.83 38.03 13.36
CA MET A 1099 34.34 36.84 12.70
C MET A 1099 35.19 35.90 13.56
N PHE A 1100 34.89 34.61 13.42
CA PHE A 1100 35.55 33.54 14.14
C PHE A 1100 36.33 32.68 13.12
N ASN A 1101 37.44 32.11 13.56
CA ASN A 1101 38.27 31.27 12.69
C ASN A 1101 38.42 29.90 13.34
N ALA A 1102 37.96 28.85 12.64
CA ALA A 1102 38.02 27.50 13.16
C ALA A 1102 39.44 26.98 13.35
N GLY A 1103 40.38 27.55 12.60
CA GLY A 1103 41.77 27.12 12.71
C GLY A 1103 42.56 27.94 13.71
N ASN A 1104 42.02 29.09 14.09
CA ASN A 1104 42.66 29.99 15.06
C ASN A 1104 41.59 30.47 16.05
N LYS A 1105 41.07 29.52 16.82
CA LYS A 1105 40.00 29.80 17.78
C LYS A 1105 40.13 31.07 18.63
N ASN A 1106 41.28 31.25 19.28
CA ASN A 1106 41.47 32.41 20.13
C ASN A 1106 42.06 33.60 19.41
N SER A 1107 41.76 33.71 18.13
CA SER A 1107 42.28 34.82 17.34
C SER A 1107 41.12 35.59 16.75
N TYR A 1108 41.32 36.89 16.53
CA TYR A 1108 40.29 37.71 15.94
C TYR A 1108 40.95 38.79 15.11
N ILE A 1109 40.16 39.40 14.23
CA ILE A 1109 40.64 40.42 13.31
C ILE A 1109 40.38 41.85 13.74
N LYS A 1110 41.40 42.69 13.57
CA LYS A 1110 41.32 44.11 13.91
C LYS A 1110 42.05 44.92 12.85
N LEU A 1111 41.51 46.07 12.48
CA LEU A 1111 42.16 46.92 11.49
C LEU A 1111 43.41 47.48 12.16
N LYS A 1112 44.55 47.36 11.49
CA LYS A 1112 45.80 47.88 12.06
C LYS A 1112 45.78 49.40 12.01
N LYS A 1113 46.23 50.03 13.09
CA LYS A 1113 46.23 51.49 13.18
C LYS A 1113 46.85 52.22 11.98
N ASP A 1114 48.10 51.94 11.68
CA ASP A 1114 48.75 52.64 10.57
C ASP A 1114 48.73 51.92 9.22
N SER A 1115 48.13 50.74 9.15
CA SER A 1115 48.10 50.01 7.89
C SER A 1115 46.72 49.56 7.42
N PRO A 1116 46.53 49.49 6.09
CA PRO A 1116 45.26 49.08 5.50
C PRO A 1116 45.16 47.56 5.52
N VAL A 1117 45.49 46.98 6.66
CA VAL A 1117 45.46 45.53 6.81
C VAL A 1117 44.80 45.10 8.12
N GLY A 1118 44.41 43.83 8.15
CA GLY A 1118 43.79 43.27 9.34
C GLY A 1118 44.78 42.43 10.11
N GLU A 1119 45.20 42.92 11.28
CA GLU A 1119 46.12 42.17 12.11
C GLU A 1119 45.30 41.16 12.92
N ILE A 1120 45.96 40.15 13.49
CA ILE A 1120 45.26 39.15 14.28
C ILE A 1120 45.66 39.20 15.75
N LEU A 1121 44.69 39.48 16.62
CA LEU A 1121 44.98 39.56 18.05
C LEU A 1121 44.35 38.39 18.79
N THR A 1122 44.78 38.17 20.02
CA THR A 1122 44.24 37.08 20.83
C THR A 1122 42.99 37.56 21.56
N ARG A 1123 41.95 36.73 21.55
CA ARG A 1123 40.71 37.07 22.22
C ARG A 1123 40.92 37.27 23.70
N SER A 1124 40.18 38.21 24.27
CA SER A 1124 40.23 38.44 25.71
C SER A 1124 39.38 37.31 26.30
N LYS A 1125 39.57 37.02 27.58
CA LYS A 1125 38.81 35.95 28.21
C LYS A 1125 38.02 36.38 29.43
N TYR A 1126 37.20 35.46 29.92
CA TYR A 1126 36.36 35.67 31.09
C TYR A 1126 37.18 36.35 32.21
N ASN A 1127 36.79 37.57 32.55
CA ASN A 1127 37.48 38.37 33.57
C ASN A 1127 37.14 38.07 35.01
N GLN A 1128 35.86 38.20 35.34
CA GLN A 1128 35.41 37.94 36.70
C GLN A 1128 36.05 36.62 37.15
N ASN A 1129 35.91 36.30 38.42
CA ASN A 1129 36.50 35.06 38.92
C ASN A 1129 35.39 34.08 39.22
N SER A 1130 35.75 32.80 39.31
CA SER A 1130 34.81 31.73 39.58
C SER A 1130 35.53 30.48 39.15
N LYS A 1131 35.42 29.42 39.94
CA LYS A 1131 36.09 28.18 39.59
C LYS A 1131 35.32 27.34 38.58
N TYR A 1132 34.12 27.77 38.22
CA TYR A 1132 33.30 27.01 37.28
C TYR A 1132 33.36 27.41 35.81
N ILE A 1133 33.54 28.70 35.53
CA ILE A 1133 33.55 29.13 34.16
C ILE A 1133 34.84 29.69 33.58
N ASN A 1134 34.88 29.64 32.25
CA ASN A 1134 35.98 30.14 31.45
C ASN A 1134 35.55 30.07 29.98
N TYR A 1135 35.85 31.15 29.26
CA TYR A 1135 35.51 31.25 27.85
C TYR A 1135 36.25 32.44 27.30
N ARG A 1136 36.22 32.60 25.98
CA ARG A 1136 36.87 33.72 25.32
C ARG A 1136 35.75 34.62 24.82
N ASP A 1137 35.98 35.93 24.84
CA ASP A 1137 34.95 36.85 24.37
C ASP A 1137 34.71 36.62 22.90
N LEU A 1138 33.47 36.81 22.48
CA LEU A 1138 33.12 36.59 21.08
C LEU A 1138 32.76 37.87 20.33
N TYR A 1139 32.13 38.82 21.02
CA TYR A 1139 31.74 40.09 20.42
C TYR A 1139 32.95 41.00 20.41
N ILE A 1140 33.99 40.57 19.72
CA ILE A 1140 35.23 41.34 19.69
C ILE A 1140 35.75 41.43 18.25
N GLY A 1141 36.63 42.40 18.00
CA GLY A 1141 37.16 42.57 16.66
C GLY A 1141 36.23 43.45 15.82
N GLU A 1142 36.55 43.60 14.54
CA GLU A 1142 35.73 44.42 13.67
C GLU A 1142 34.34 43.85 13.46
N LYS A 1143 33.38 44.74 13.24
CA LYS A 1143 32.00 44.32 13.00
C LYS A 1143 31.86 44.22 11.48
N PHE A 1144 31.73 42.99 10.98
CA PHE A 1144 31.56 42.80 9.54
C PHE A 1144 30.11 42.76 9.14
N ILE A 1145 29.87 42.91 7.84
CA ILE A 1145 28.51 42.84 7.33
C ILE A 1145 28.61 42.38 5.90
N ILE A 1146 27.82 41.37 5.58
CA ILE A 1146 27.80 40.78 4.24
C ILE A 1146 26.82 41.48 3.32
N ARG A 1147 27.32 41.99 2.20
CA ARG A 1147 26.48 42.69 1.23
C ARG A 1147 26.29 41.83 -0.02
N ARG A 1148 25.08 41.86 -0.58
CA ARG A 1148 24.78 41.07 -1.78
C ARG A 1148 25.43 41.74 -3.00
N LYS A 1149 25.53 41.01 -4.11
CA LYS A 1149 26.17 41.55 -5.31
C LYS A 1149 25.21 42.05 -6.40
N SER A 1150 24.57 41.14 -7.12
CA SER A 1150 23.66 41.53 -8.19
C SER A 1150 22.32 42.06 -7.67
N ASN A 1151 21.38 42.30 -8.58
CA ASN A 1151 20.04 42.82 -8.26
C ASN A 1151 20.06 43.95 -7.23
N SER A 1152 20.14 45.19 -7.74
CA SER A 1152 20.17 46.39 -6.90
C SER A 1152 18.87 46.63 -6.15
N GLN A 1153 18.16 45.57 -5.82
CA GLN A 1153 16.89 45.66 -5.10
C GLN A 1153 17.14 46.11 -3.66
N SER A 1154 17.86 47.23 -3.52
CA SER A 1154 18.20 47.82 -2.22
C SER A 1154 19.08 46.91 -1.36
N ILE A 1155 19.41 47.38 -0.16
CA ILE A 1155 20.23 46.59 0.76
C ILE A 1155 19.49 46.43 2.09
N ASN A 1156 18.28 45.87 2.01
CA ASN A 1156 17.44 45.63 3.18
C ASN A 1156 18.00 44.45 3.98
N ASP A 1157 17.71 43.23 3.53
CA ASP A 1157 18.18 42.01 4.18
C ASP A 1157 17.85 40.80 3.31
N ASP A 1158 18.32 39.61 3.70
CA ASP A 1158 18.04 38.37 2.98
C ASP A 1158 19.00 37.24 3.36
N ILE A 1159 18.72 36.05 2.84
CA ILE A 1159 19.50 34.84 3.13
C ILE A 1159 20.70 34.62 2.22
N VAL A 1160 21.81 34.22 2.83
CA VAL A 1160 23.04 33.95 2.09
C VAL A 1160 23.09 32.47 1.72
N ARG A 1161 23.16 32.22 0.42
CA ARG A 1161 23.18 30.85 -0.09
C ARG A 1161 24.54 30.45 -0.66
N LYS A 1162 24.88 29.18 -0.52
CA LYS A 1162 26.14 28.68 -1.04
C LYS A 1162 26.31 29.08 -2.50
N GLU A 1163 27.53 29.49 -2.87
CA GLU A 1163 27.86 29.90 -4.23
C GLU A 1163 27.51 31.34 -4.58
N ASP A 1164 26.95 32.10 -3.63
CA ASP A 1164 26.62 33.50 -3.91
C ASP A 1164 27.87 34.35 -4.01
N TYR A 1165 27.75 35.45 -4.74
CA TYR A 1165 28.85 36.38 -4.89
C TYR A 1165 28.51 37.51 -3.92
N ILE A 1166 29.50 37.90 -3.11
CA ILE A 1166 29.27 38.94 -2.12
C ILE A 1166 30.44 39.89 -1.94
N TYR A 1167 30.18 40.92 -1.16
CA TYR A 1167 31.17 41.91 -0.80
C TYR A 1167 31.28 41.69 0.70
N LEU A 1168 32.50 41.65 1.21
CA LEU A 1168 32.71 41.47 2.65
C LEU A 1168 33.18 42.79 3.23
N ASP A 1169 32.27 43.50 3.87
CA ASP A 1169 32.58 44.81 4.45
C ASP A 1169 32.60 44.77 5.97
N PHE A 1170 32.95 45.90 6.56
CA PHE A 1170 32.98 46.07 8.01
C PHE A 1170 32.88 47.55 8.30
N PHE A 1171 32.66 47.89 9.56
CA PHE A 1171 32.51 49.28 9.91
C PHE A 1171 33.72 49.91 10.55
N ASN A 1172 34.18 50.99 9.93
CA ASN A 1172 35.31 51.73 10.45
C ASN A 1172 34.66 53.05 10.80
N LEU A 1173 34.36 53.21 12.08
CA LEU A 1173 33.72 54.43 12.56
C LEU A 1173 32.33 54.57 11.97
N ASN A 1174 32.13 55.68 11.27
CA ASN A 1174 30.85 55.99 10.64
C ASN A 1174 30.78 55.51 9.20
N GLN A 1175 31.90 55.05 8.65
CA GLN A 1175 31.93 54.57 7.27
C GLN A 1175 31.94 53.06 7.17
N GLU A 1176 31.60 52.55 5.99
CA GLU A 1176 31.60 51.13 5.74
C GLU A 1176 32.71 50.79 4.78
N TRP A 1177 33.72 50.09 5.26
CA TRP A 1177 34.84 49.73 4.42
C TRP A 1177 34.64 48.36 3.79
N ARG A 1178 35.59 47.94 2.96
CA ARG A 1178 35.49 46.68 2.26
C ARG A 1178 36.83 45.95 2.22
N VAL A 1179 36.75 44.63 2.07
CA VAL A 1179 37.92 43.75 2.01
C VAL A 1179 38.31 43.50 0.57
N TYR A 1180 39.57 43.75 0.24
CA TYR A 1180 40.05 43.57 -1.14
C TYR A 1180 41.32 42.71 -1.25
N THR A 1181 41.65 42.33 -2.49
CA THR A 1181 42.87 41.57 -2.79
C THR A 1181 43.60 42.25 -3.93
N TYR A 1182 44.86 42.59 -3.71
CA TYR A 1182 45.65 43.21 -4.76
C TYR A 1182 45.73 42.15 -5.84
N LYS A 1183 45.33 42.50 -7.06
CA LYS A 1183 45.35 41.54 -8.16
C LYS A 1183 46.72 41.01 -8.54
N TYR A 1184 47.78 41.78 -8.29
CA TYR A 1184 49.10 41.35 -8.73
C TYR A 1184 50.12 40.84 -7.72
N PHE A 1185 49.68 40.18 -6.66
CA PHE A 1185 50.67 39.66 -5.72
C PHE A 1185 51.29 38.44 -6.39
N LYS A 1186 52.57 38.20 -6.13
CA LYS A 1186 53.25 37.07 -6.76
C LYS A 1186 53.57 35.89 -5.85
N LYS A 1187 53.47 36.09 -4.54
CA LYS A 1187 53.77 35.04 -3.58
C LYS A 1187 52.59 34.06 -3.38
N GLU A 1188 52.82 33.02 -2.61
CA GLU A 1188 51.81 32.00 -2.32
C GLU A 1188 50.62 32.60 -1.57
N GLU A 1189 50.92 33.53 -0.67
CA GLU A 1189 49.91 34.22 0.13
C GLU A 1189 50.12 35.72 0.09
N GLU A 1190 49.07 36.47 0.40
CA GLU A 1190 49.11 37.92 0.39
C GLU A 1190 48.24 38.50 1.51
N LYS A 1191 48.64 39.65 2.05
CA LYS A 1191 47.87 40.31 3.10
C LYS A 1191 46.71 41.00 2.41
N LEU A 1192 45.50 40.76 2.91
CA LEU A 1192 44.31 41.38 2.34
C LEU A 1192 44.38 42.89 2.54
N PHE A 1193 43.80 43.62 1.60
CA PHE A 1193 43.80 45.08 1.63
C PHE A 1193 42.47 45.60 2.17
N LEU A 1194 42.52 46.32 3.28
CA LEU A 1194 41.30 46.87 3.89
C LEU A 1194 41.17 48.38 3.69
N ALA A 1195 40.13 48.80 2.98
CA ALA A 1195 39.93 50.22 2.71
C ALA A 1195 38.49 50.59 2.34
N PRO A 1196 38.22 51.90 2.18
CA PRO A 1196 36.88 52.36 1.83
C PRO A 1196 36.35 51.72 0.55
N ILE A 1197 35.04 51.82 0.35
CA ILE A 1197 34.39 51.27 -0.82
C ILE A 1197 34.74 52.10 -2.05
N SER A 1198 35.30 51.44 -3.05
CA SER A 1198 35.66 52.10 -4.30
C SER A 1198 35.88 51.02 -5.33
N ASP A 1199 36.14 51.40 -6.57
CA ASP A 1199 36.36 50.38 -7.58
C ASP A 1199 37.67 50.54 -8.29
N SER A 1200 38.75 50.24 -7.59
CA SER A 1200 40.08 50.31 -8.19
C SER A 1200 40.22 49.12 -9.11
N ASP A 1201 40.87 49.34 -10.24
CA ASP A 1201 41.08 48.29 -11.22
C ASP A 1201 42.25 47.40 -10.79
N GLU A 1202 42.90 47.76 -9.69
CA GLU A 1202 44.03 47.01 -9.17
C GLU A 1202 43.61 46.05 -8.07
N PHE A 1203 42.32 46.04 -7.73
CA PHE A 1203 41.84 45.19 -6.65
C PHE A 1203 40.59 44.36 -6.91
N TYR A 1204 40.66 43.07 -6.59
CA TYR A 1204 39.49 42.20 -6.71
C TYR A 1204 38.63 42.56 -5.49
N ASN A 1205 37.32 42.66 -5.68
CA ASN A 1205 36.43 42.99 -4.56
C ASN A 1205 35.29 41.99 -4.41
N THR A 1206 35.17 41.08 -5.38
CA THR A 1206 34.09 40.12 -5.35
C THR A 1206 34.48 38.78 -4.75
N ILE A 1207 33.69 38.34 -3.78
CA ILE A 1207 33.94 37.08 -3.08
C ILE A 1207 32.82 36.06 -3.28
N GLN A 1208 33.19 34.79 -3.37
CA GLN A 1208 32.19 33.74 -3.50
C GLN A 1208 32.23 32.89 -2.24
N ILE A 1209 31.09 32.79 -1.57
CA ILE A 1209 30.99 32.02 -0.33
C ILE A 1209 30.83 30.54 -0.69
N LYS A 1210 31.58 29.69 -0.01
CA LYS A 1210 31.56 28.27 -0.30
C LYS A 1210 31.34 27.34 0.89
N GLU A 1211 31.09 26.07 0.58
CA GLU A 1211 30.96 25.03 1.57
C GLU A 1211 31.66 23.81 1.01
N TYR A 1212 32.88 23.56 1.47
CA TYR A 1212 33.66 22.42 1.01
C TYR A 1212 33.44 21.20 1.89
N ASP A 1213 32.98 21.44 3.11
CA ASP A 1213 32.72 20.36 4.05
C ASP A 1213 31.45 19.65 3.59
N GLU A 1214 31.48 18.33 3.50
CA GLU A 1214 30.29 17.61 3.09
C GLU A 1214 29.47 17.17 4.30
N GLN A 1215 30.06 17.31 5.49
CA GLN A 1215 29.37 16.96 6.72
C GLN A 1215 28.81 18.24 7.33
N PRO A 1216 27.79 18.10 8.20
CA PRO A 1216 27.22 19.30 8.83
C PRO A 1216 28.30 20.15 9.50
N THR A 1217 28.20 21.47 9.34
CA THR A 1217 29.16 22.40 9.94
C THR A 1217 28.61 23.81 9.88
N TYR A 1218 29.10 24.67 10.76
CA TYR A 1218 28.68 26.06 10.75
C TYR A 1218 29.77 26.89 10.10
N SER A 1219 30.88 26.25 9.77
CA SER A 1219 31.98 26.95 9.09
C SER A 1219 31.63 27.08 7.62
N CYS A 1220 32.22 28.08 6.98
CA CYS A 1220 32.03 28.27 5.55
C CYS A 1220 33.37 28.82 5.08
N GLN A 1221 33.54 28.98 3.77
CA GLN A 1221 34.79 29.51 3.27
C GLN A 1221 34.58 30.61 2.23
N LEU A 1222 35.57 31.48 2.08
CA LEU A 1222 35.48 32.63 1.18
C LEU A 1222 36.53 32.57 0.06
N LEU A 1223 36.04 32.51 -1.17
CA LEU A 1223 36.91 32.39 -2.34
C LEU A 1223 36.97 33.61 -3.25
N PHE A 1224 38.18 33.91 -3.70
CA PHE A 1224 38.41 35.01 -4.65
C PHE A 1224 38.67 34.42 -6.03
N LYS A 1225 37.88 34.81 -7.01
CA LYS A 1225 38.08 34.34 -8.39
C LYS A 1225 38.21 35.56 -9.28
N LYS A 1226 38.93 35.41 -10.39
CA LYS A 1226 39.14 36.49 -11.36
C LYS A 1226 37.84 37.29 -11.51
N ASP A 1227 36.78 36.60 -11.94
CA ASP A 1227 35.47 37.24 -12.08
C ASP A 1227 34.44 36.11 -12.02
N GLU A 1228 33.16 36.46 -11.95
CA GLU A 1228 32.12 35.44 -11.88
C GLU A 1228 32.32 34.36 -12.94
N GLU A 1229 32.47 34.76 -14.20
CA GLU A 1229 32.66 33.80 -15.29
C GLU A 1229 33.92 32.97 -15.10
N SER A 1230 35.08 33.63 -15.21
CA SER A 1230 36.36 32.95 -15.08
C SER A 1230 36.34 31.84 -14.05
N THR A 1231 37.15 30.83 -14.31
CA THR A 1231 37.25 29.69 -13.42
C THR A 1231 38.64 29.73 -12.81
N ASP A 1232 39.23 30.93 -12.81
CA ASP A 1232 40.56 31.13 -12.26
C ASP A 1232 40.47 31.56 -10.79
N GLU A 1233 40.78 30.61 -9.90
CA GLU A 1233 40.71 30.85 -8.47
C GLU A 1233 41.98 31.50 -7.94
N ILE A 1234 41.82 32.71 -7.43
CA ILE A 1234 42.92 33.50 -6.87
C ILE A 1234 43.37 32.93 -5.54
N GLY A 1235 42.40 32.50 -4.72
CA GLY A 1235 42.73 31.95 -3.42
C GLY A 1235 41.62 32.07 -2.39
N LEU A 1236 41.84 31.51 -1.21
CA LEU A 1236 40.88 31.54 -0.12
C LEU A 1236 41.36 32.45 1.01
N ILE A 1237 40.42 32.98 1.78
CA ILE A 1237 40.72 33.86 2.90
C ILE A 1237 41.08 33.07 4.13
N GLY A 1238 42.16 33.46 4.80
CA GLY A 1238 42.59 32.77 6.00
C GLY A 1238 43.53 33.63 6.80
N ILE A 1239 44.36 32.97 7.62
CA ILE A 1239 45.32 33.65 8.47
C ILE A 1239 46.72 33.08 8.22
N HIS A 1240 47.71 33.96 8.07
CA HIS A 1240 49.08 33.52 7.83
C HIS A 1240 50.07 34.15 8.82
N ARG A 1241 51.07 33.36 9.24
CA ARG A 1241 52.09 33.78 10.19
C ARG A 1241 53.25 34.48 9.49
N PHE A 1242 53.69 35.60 10.04
CA PHE A 1242 54.79 36.37 9.46
C PHE A 1242 55.87 36.67 10.47
N TYR A 1243 57.12 36.63 10.03
CA TYR A 1243 58.21 36.95 10.93
C TYR A 1243 58.54 38.42 10.72
N GLU A 1244 58.61 39.17 11.81
CA GLU A 1244 58.91 40.60 11.72
C GLU A 1244 60.08 40.93 12.62
N SER A 1245 61.05 41.64 12.05
CA SER A 1245 62.23 42.02 12.80
C SER A 1245 62.52 43.50 12.61
N GLY A 1246 62.01 44.31 13.53
CA GLY A 1246 62.24 45.74 13.45
C GLY A 1246 63.46 46.11 14.25
N ILE A 1247 63.82 47.39 14.19
CA ILE A 1247 64.98 47.90 14.90
C ILE A 1247 64.88 47.63 16.40
N VAL A 1248 63.65 47.48 16.89
CA VAL A 1248 63.40 47.24 18.31
C VAL A 1248 62.81 45.87 18.61
N PHE A 1249 61.68 45.57 17.98
CA PHE A 1249 61.02 44.28 18.21
C PHE A 1249 61.37 43.23 17.17
N GLU A 1250 61.28 41.98 17.62
CA GLU A 1250 61.54 40.82 16.79
C GLU A 1250 60.45 39.85 17.18
N GLU A 1251 59.62 39.47 16.24
CA GLU A 1251 58.53 38.56 16.57
C GLU A 1251 57.75 38.07 15.36
N TYR A 1252 56.85 37.13 15.62
CA TYR A 1252 55.99 36.59 14.58
C TYR A 1252 54.64 37.26 14.78
N LYS A 1253 53.92 37.48 13.69
CA LYS A 1253 52.63 38.15 13.77
C LYS A 1253 51.72 37.67 12.64
N ASP A 1254 50.52 37.24 13.00
CA ASP A 1254 49.54 36.73 12.04
C ASP A 1254 48.70 37.83 11.40
N TYR A 1255 48.40 37.65 10.12
CA TYR A 1255 47.60 38.62 9.38
C TYR A 1255 46.41 38.00 8.61
N PHE A 1256 45.43 38.85 8.31
CA PHE A 1256 44.21 38.50 7.57
C PHE A 1256 44.69 38.38 6.11
N CYS A 1257 44.87 37.14 5.63
CA CYS A 1257 45.41 36.92 4.29
C CYS A 1257 44.56 36.14 3.29
N ILE A 1258 45.06 36.09 2.06
CA ILE A 1258 44.43 35.31 1.00
C ILE A 1258 45.54 34.31 0.68
N SER A 1259 45.21 33.08 0.31
CA SER A 1259 46.24 32.09 0.05
C SER A 1259 45.80 30.98 -0.89
N LYS A 1260 46.70 30.61 -1.81
CA LYS A 1260 46.46 29.56 -2.78
C LYS A 1260 46.68 28.16 -2.19
N TRP A 1261 47.45 28.09 -1.11
CA TRP A 1261 47.73 26.81 -0.47
C TRP A 1261 46.43 26.12 -0.05
N TYR A 1262 45.46 26.91 0.37
CA TYR A 1262 44.18 26.35 0.82
C TYR A 1262 43.46 25.62 -0.31
N LEU A 1263 43.62 26.13 -1.53
CA LEU A 1263 42.95 25.54 -2.69
C LEU A 1263 43.02 24.03 -2.76
N LYS A 1264 44.21 23.45 -2.62
CA LYS A 1264 44.33 22.00 -2.67
C LYS A 1264 43.91 21.36 -1.36
N GLU A 1265 44.14 22.05 -0.26
CA GLU A 1265 43.81 21.49 1.05
C GLU A 1265 42.31 21.23 1.27
N VAL A 1266 41.45 22.10 0.77
CA VAL A 1266 40.02 21.89 0.96
C VAL A 1266 39.46 20.66 0.22
N LYS A 1267 40.28 20.04 -0.64
CA LYS A 1267 39.83 18.86 -1.38
C LYS A 1267 40.11 17.58 -0.62
N ARG A 1268 41.04 17.65 0.33
CA ARG A 1268 41.40 16.47 1.11
C ARG A 1268 40.20 15.92 1.88
N LYS A 1269 40.24 14.61 2.11
CA LYS A 1269 39.17 13.92 2.83
C LYS A 1269 39.79 13.11 3.97
N PRO A 1270 39.16 13.15 5.16
CA PRO A 1270 37.95 13.93 5.42
C PRO A 1270 38.27 15.42 5.40
N TYR A 1271 37.25 16.26 5.42
CA TYR A 1271 37.47 17.70 5.40
C TYR A 1271 38.18 18.12 6.68
N ASN A 1272 39.27 18.87 6.53
CA ASN A 1272 40.05 19.33 7.66
C ASN A 1272 39.40 20.56 8.32
N LEU A 1273 38.60 20.32 9.35
CA LEU A 1273 37.90 21.38 10.06
C LEU A 1273 38.86 22.43 10.61
N LYS A 1274 40.06 21.99 10.95
CA LYS A 1274 41.06 22.88 11.51
C LYS A 1274 41.67 23.85 10.51
N LEU A 1275 41.38 23.70 9.22
CA LEU A 1275 41.97 24.62 8.24
C LEU A 1275 41.73 26.09 8.61
N GLY A 1276 42.78 26.90 8.44
CA GLY A 1276 42.69 28.30 8.77
C GLY A 1276 41.79 29.08 7.83
N CYS A 1277 41.19 28.40 6.87
CA CYS A 1277 40.30 29.09 5.94
C CYS A 1277 38.83 28.81 6.27
N ASN A 1278 38.60 28.14 7.39
CA ASN A 1278 37.23 27.85 7.84
C ASN A 1278 36.74 28.98 8.74
N TRP A 1279 35.69 29.68 8.31
CA TRP A 1279 35.17 30.79 9.11
C TRP A 1279 33.72 30.64 9.56
N GLN A 1280 33.38 31.45 10.56
CA GLN A 1280 32.02 31.47 11.13
C GLN A 1280 31.69 32.89 11.53
N PHE A 1281 30.43 33.28 11.36
CA PHE A 1281 29.99 34.63 11.70
C PHE A 1281 29.19 34.68 12.98
N ILE A 1282 29.61 35.53 13.91
CA ILE A 1282 28.94 35.65 15.19
C ILE A 1282 28.18 36.95 15.38
N PRO A 1283 26.84 36.87 15.44
CA PRO A 1283 26.05 38.09 15.64
C PRO A 1283 25.66 38.15 17.12
N LYS A 1284 25.33 39.33 17.61
CA LYS A 1284 24.90 39.49 18.99
C LYS A 1284 23.68 38.58 19.19
N ASP A 1285 23.58 37.95 20.34
CA ASP A 1285 22.47 37.04 20.62
C ASP A 1285 22.20 37.04 22.12
N GLU A 1286 20.93 37.22 22.47
CA GLU A 1286 20.55 37.25 23.87
C GLU A 1286 20.99 36.00 24.62
N GLY A 1287 21.24 34.92 23.87
CA GLY A 1287 21.67 33.68 24.47
C GLY A 1287 23.14 33.70 24.87
N TRP A 1288 23.85 34.76 24.48
CA TRP A 1288 25.26 34.86 24.83
C TRP A 1288 25.64 36.26 25.32
N THR A 1289 25.96 36.37 26.61
CA THR A 1289 26.36 37.63 27.22
C THR A 1289 27.74 37.48 27.83
N GLU A 1290 28.55 38.53 27.70
CA GLU A 1290 29.93 38.54 28.19
C GLU A 1290 30.35 39.92 28.68
ZN ZN B . -16.77 -17.97 -10.46
CA CA C . -11.46 -15.19 5.00
CA CA D . -9.18 18.57 -25.98
#